data_4G0Y
# 
_entry.id   4G0Y 
# 
_audit_conform.dict_name       mmcif_pdbx.dic 
_audit_conform.dict_version    5.387 
_audit_conform.dict_location   http://mmcif.pdb.org/dictionaries/ascii/mmcif_pdbx.dic 
# 
loop_
_database_2.database_id 
_database_2.database_code 
_database_2.pdbx_database_accession 
_database_2.pdbx_DOI 
PDB   4G0Y         pdb_00004g0y 10.2210/pdb4g0y/pdb 
RCSB  RCSB073599   ?            ?                   
WWPDB D_1000073599 ?            ?                   
# 
loop_
_pdbx_audit_revision_history.ordinal 
_pdbx_audit_revision_history.data_content_type 
_pdbx_audit_revision_history.major_revision 
_pdbx_audit_revision_history.minor_revision 
_pdbx_audit_revision_history.revision_date 
1 'Structure model' 1 0 2012-07-25 
2 'Structure model' 1 1 2012-08-29 
3 'Structure model' 1 2 2012-09-12 
4 'Structure model' 1 3 2024-02-28 
# 
_pdbx_audit_revision_details.ordinal             1 
_pdbx_audit_revision_details.revision_ordinal    1 
_pdbx_audit_revision_details.data_content_type   'Structure model' 
_pdbx_audit_revision_details.provider            repository 
_pdbx_audit_revision_details.type                'Initial release' 
_pdbx_audit_revision_details.description         ? 
_pdbx_audit_revision_details.details             ? 
# 
loop_
_pdbx_audit_revision_group.ordinal 
_pdbx_audit_revision_group.revision_ordinal 
_pdbx_audit_revision_group.data_content_type 
_pdbx_audit_revision_group.group 
1 2 'Structure model' 'Database references'  
2 3 'Structure model' 'Database references'  
3 4 'Structure model' 'Data collection'      
4 4 'Structure model' 'Database references'  
5 4 'Structure model' 'Derived calculations' 
# 
loop_
_pdbx_audit_revision_category.ordinal 
_pdbx_audit_revision_category.revision_ordinal 
_pdbx_audit_revision_category.data_content_type 
_pdbx_audit_revision_category.category 
1 4 'Structure model' chem_comp_atom     
2 4 'Structure model' chem_comp_bond     
3 4 'Structure model' database_2         
4 4 'Structure model' struct_ref_seq_dif 
5 4 'Structure model' struct_site        
# 
loop_
_pdbx_audit_revision_item.ordinal 
_pdbx_audit_revision_item.revision_ordinal 
_pdbx_audit_revision_item.data_content_type 
_pdbx_audit_revision_item.item 
1 4 'Structure model' '_database_2.pdbx_DOI'                
2 4 'Structure model' '_database_2.pdbx_database_accession' 
3 4 'Structure model' '_struct_ref_seq_dif.details'         
4 4 'Structure model' '_struct_site.pdbx_auth_asym_id'      
5 4 'Structure model' '_struct_site.pdbx_auth_comp_id'      
6 4 'Structure model' '_struct_site.pdbx_auth_seq_id'       
# 
_pdbx_database_status.status_code                     REL 
_pdbx_database_status.entry_id                        4G0Y 
_pdbx_database_status.recvd_initial_deposition_date   2012-07-10 
_pdbx_database_status.deposit_site                    RCSB 
_pdbx_database_status.process_site                    RCSB 
_pdbx_database_status.status_code_sf                  REL 
_pdbx_database_status.status_code_mr                  ? 
_pdbx_database_status.SG_entry                        ? 
_pdbx_database_status.status_code_cs                  ? 
_pdbx_database_status.methods_development_category    ? 
_pdbx_database_status.pdb_format_compatible           Y 
_pdbx_database_status.status_code_nmr_data            ? 
# 
loop_
_pdbx_database_related.db_name 
_pdbx_database_related.db_id 
_pdbx_database_related.details 
_pdbx_database_related.content_type 
PDB 4G0M 'Crystal structure of Arabidopsis thaliana AGO2 MID domain'             unspecified 
PDB 4G0O 'Crystal structure of Arabidopsis thaliana AGO5 MID domain'             unspecified 
PDB 4G0P 'Structure of Arabidopsis thaliana AGO1 MID domain in complex with UMP' unspecified 
PDB 4G0Q 'Structure of Arabidopsis thaliana AGO1 MID domain in complex with CMP' unspecified 
PDB 4G0X 'Crystal Structure of Arabidopsis thaliana AGO1 MID domain'             unspecified 
PDB 4G0Z 'Structure of Arabidopsis thaliana AGO1 MID domain in complex with GMP' unspecified 
# 
loop_
_audit_author.name 
_audit_author.pdbx_ordinal 
'Frank, F.'     1 
'Hauver, J.'    2 
'Sonenberg, N.' 3 
'Nagar, B.'     4 
# 
_citation.id                        primary 
_citation.title                     'Arabidopsis Argonaute MID domains use their nucleotide specificity loop to sort small RNAs.' 
_citation.journal_abbrev            'Embo J.' 
_citation.journal_volume            31 
_citation.page_first                3588 
_citation.page_last                 3595 
_citation.year                      2012 
_citation.journal_id_ASTM           EMJODG 
_citation.country                   UK 
_citation.journal_id_ISSN           0261-4189 
_citation.journal_id_CSD            0897 
_citation.book_publisher            ? 
_citation.pdbx_database_id_PubMed   22850669 
_citation.pdbx_database_id_DOI      10.1038/emboj.2012.204 
# 
loop_
_citation_author.citation_id 
_citation_author.name 
_citation_author.ordinal 
_citation_author.identifier_ORCID 
primary 'Frank, F.'     1 ? 
primary 'Hauver, J.'    2 ? 
primary 'Sonenberg, N.' 3 ? 
primary 'Nagar, B.'     4 ? 
# 
loop_
_entity.id 
_entity.type 
_entity.src_method 
_entity.pdbx_description 
_entity.formula_weight 
_entity.pdbx_number_of_molecules 
_entity.pdbx_ec 
_entity.pdbx_mutation 
_entity.pdbx_fragment 
_entity.details 
1 polymer     man 'Protein argonaute 1'     16439.156 1   ? ? 'MID domain, UNP residues 593-738' ? 
2 non-polymer syn 'ADENOSINE MONOPHOSPHATE' 347.221   1   ? ? ?                                  ? 
3 water       nat water                     18.015    165 ? ? ?                                  ? 
# 
_entity_poly.entity_id                      1 
_entity_poly.type                           'polypeptide(L)' 
_entity_poly.nstd_linkage                   no 
_entity_poly.nstd_monomer                   no 
_entity_poly.pdbx_seq_one_letter_code       
;SNKKMINGGTVNNWICINFSRQVQDNLARTFCQELAQMCYVSGMAFNPEPVLPPVSARPEQVEKVLKTRYHDATSKLSQG
KEIDLLIVILPDNNGSLYGDLKRICETELGIVSQCCLTKHVFKMSKQYMANVALKINVKVGGRNTVL
;
_entity_poly.pdbx_seq_one_letter_code_can   
;SNKKMINGGTVNNWICINFSRQVQDNLARTFCQELAQMCYVSGMAFNPEPVLPPVSARPEQVEKVLKTRYHDATSKLSQG
KEIDLLIVILPDNNGSLYGDLKRICETELGIVSQCCLTKHVFKMSKQYMANVALKINVKVGGRNTVL
;
_entity_poly.pdbx_strand_id                 A 
_entity_poly.pdbx_target_identifier         ? 
# 
loop_
_pdbx_entity_nonpoly.entity_id 
_pdbx_entity_nonpoly.name 
_pdbx_entity_nonpoly.comp_id 
2 'ADENOSINE MONOPHOSPHATE' AMP 
3 water                     HOH 
# 
loop_
_entity_poly_seq.entity_id 
_entity_poly_seq.num 
_entity_poly_seq.mon_id 
_entity_poly_seq.hetero 
1 1   SER n 
1 2   ASN n 
1 3   LYS n 
1 4   LYS n 
1 5   MET n 
1 6   ILE n 
1 7   ASN n 
1 8   GLY n 
1 9   GLY n 
1 10  THR n 
1 11  VAL n 
1 12  ASN n 
1 13  ASN n 
1 14  TRP n 
1 15  ILE n 
1 16  CYS n 
1 17  ILE n 
1 18  ASN n 
1 19  PHE n 
1 20  SER n 
1 21  ARG n 
1 22  GLN n 
1 23  VAL n 
1 24  GLN n 
1 25  ASP n 
1 26  ASN n 
1 27  LEU n 
1 28  ALA n 
1 29  ARG n 
1 30  THR n 
1 31  PHE n 
1 32  CYS n 
1 33  GLN n 
1 34  GLU n 
1 35  LEU n 
1 36  ALA n 
1 37  GLN n 
1 38  MET n 
1 39  CYS n 
1 40  TYR n 
1 41  VAL n 
1 42  SER n 
1 43  GLY n 
1 44  MET n 
1 45  ALA n 
1 46  PHE n 
1 47  ASN n 
1 48  PRO n 
1 49  GLU n 
1 50  PRO n 
1 51  VAL n 
1 52  LEU n 
1 53  PRO n 
1 54  PRO n 
1 55  VAL n 
1 56  SER n 
1 57  ALA n 
1 58  ARG n 
1 59  PRO n 
1 60  GLU n 
1 61  GLN n 
1 62  VAL n 
1 63  GLU n 
1 64  LYS n 
1 65  VAL n 
1 66  LEU n 
1 67  LYS n 
1 68  THR n 
1 69  ARG n 
1 70  TYR n 
1 71  HIS n 
1 72  ASP n 
1 73  ALA n 
1 74  THR n 
1 75  SER n 
1 76  LYS n 
1 77  LEU n 
1 78  SER n 
1 79  GLN n 
1 80  GLY n 
1 81  LYS n 
1 82  GLU n 
1 83  ILE n 
1 84  ASP n 
1 85  LEU n 
1 86  LEU n 
1 87  ILE n 
1 88  VAL n 
1 89  ILE n 
1 90  LEU n 
1 91  PRO n 
1 92  ASP n 
1 93  ASN n 
1 94  ASN n 
1 95  GLY n 
1 96  SER n 
1 97  LEU n 
1 98  TYR n 
1 99  GLY n 
1 100 ASP n 
1 101 LEU n 
1 102 LYS n 
1 103 ARG n 
1 104 ILE n 
1 105 CYS n 
1 106 GLU n 
1 107 THR n 
1 108 GLU n 
1 109 LEU n 
1 110 GLY n 
1 111 ILE n 
1 112 VAL n 
1 113 SER n 
1 114 GLN n 
1 115 CYS n 
1 116 CYS n 
1 117 LEU n 
1 118 THR n 
1 119 LYS n 
1 120 HIS n 
1 121 VAL n 
1 122 PHE n 
1 123 LYS n 
1 124 MET n 
1 125 SER n 
1 126 LYS n 
1 127 GLN n 
1 128 TYR n 
1 129 MET n 
1 130 ALA n 
1 131 ASN n 
1 132 VAL n 
1 133 ALA n 
1 134 LEU n 
1 135 LYS n 
1 136 ILE n 
1 137 ASN n 
1 138 VAL n 
1 139 LYS n 
1 140 VAL n 
1 141 GLY n 
1 142 GLY n 
1 143 ARG n 
1 144 ASN n 
1 145 THR n 
1 146 VAL n 
1 147 LEU n 
# 
_entity_src_gen.entity_id                          1 
_entity_src_gen.pdbx_src_id                        1 
_entity_src_gen.pdbx_alt_source_flag               sample 
_entity_src_gen.pdbx_seq_type                      ? 
_entity_src_gen.pdbx_beg_seq_num                   ? 
_entity_src_gen.pdbx_end_seq_num                   ? 
_entity_src_gen.gene_src_common_name               'mouse-ear cress,thale-cress' 
_entity_src_gen.gene_src_genus                     ? 
_entity_src_gen.pdbx_gene_src_gene                 'AGO1, At1g48410, F11A17.3, T1N15.2' 
_entity_src_gen.gene_src_species                   ? 
_entity_src_gen.gene_src_strain                    ? 
_entity_src_gen.gene_src_tissue                    ? 
_entity_src_gen.gene_src_tissue_fraction           ? 
_entity_src_gen.gene_src_details                   ? 
_entity_src_gen.pdbx_gene_src_fragment             ? 
_entity_src_gen.pdbx_gene_src_scientific_name      'Arabidopsis thaliana' 
_entity_src_gen.pdbx_gene_src_ncbi_taxonomy_id     3702 
_entity_src_gen.pdbx_gene_src_variant              ? 
_entity_src_gen.pdbx_gene_src_cell_line            ? 
_entity_src_gen.pdbx_gene_src_atcc                 ? 
_entity_src_gen.pdbx_gene_src_organ                ? 
_entity_src_gen.pdbx_gene_src_organelle            ? 
_entity_src_gen.pdbx_gene_src_cell                 ? 
_entity_src_gen.pdbx_gene_src_cellular_location    ? 
_entity_src_gen.host_org_common_name               ? 
_entity_src_gen.pdbx_host_org_scientific_name      'Escherichia coli' 
_entity_src_gen.pdbx_host_org_ncbi_taxonomy_id     469008 
_entity_src_gen.host_org_genus                     ? 
_entity_src_gen.pdbx_host_org_gene                 ? 
_entity_src_gen.pdbx_host_org_organ                ? 
_entity_src_gen.host_org_species                   ? 
_entity_src_gen.pdbx_host_org_tissue               ? 
_entity_src_gen.pdbx_host_org_tissue_fraction      ? 
_entity_src_gen.pdbx_host_org_strain               'BL21 DE3' 
_entity_src_gen.pdbx_host_org_variant              ? 
_entity_src_gen.pdbx_host_org_cell_line            ? 
_entity_src_gen.pdbx_host_org_atcc                 ? 
_entity_src_gen.pdbx_host_org_culture_collection   ? 
_entity_src_gen.pdbx_host_org_cell                 ? 
_entity_src_gen.pdbx_host_org_organelle            ? 
_entity_src_gen.pdbx_host_org_cellular_location    ? 
_entity_src_gen.pdbx_host_org_vector_type          ? 
_entity_src_gen.pdbx_host_org_vector               ? 
_entity_src_gen.host_org_details                   ? 
_entity_src_gen.expression_system_id               ? 
_entity_src_gen.plasmid_name                       ? 
_entity_src_gen.plasmid_details                    ? 
_entity_src_gen.pdbx_description                   ? 
# 
loop_
_chem_comp.id 
_chem_comp.type 
_chem_comp.mon_nstd_flag 
_chem_comp.name 
_chem_comp.pdbx_synonyms 
_chem_comp.formula 
_chem_comp.formula_weight 
ALA 'L-peptide linking' y ALANINE                   ? 'C3 H7 N O2'      89.093  
AMP non-polymer         . 'ADENOSINE MONOPHOSPHATE' ? 'C10 H14 N5 O7 P' 347.221 
ARG 'L-peptide linking' y ARGININE                  ? 'C6 H15 N4 O2 1'  175.209 
ASN 'L-peptide linking' y ASPARAGINE                ? 'C4 H8 N2 O3'     132.118 
ASP 'L-peptide linking' y 'ASPARTIC ACID'           ? 'C4 H7 N O4'      133.103 
CYS 'L-peptide linking' y CYSTEINE                  ? 'C3 H7 N O2 S'    121.158 
GLN 'L-peptide linking' y GLUTAMINE                 ? 'C5 H10 N2 O3'    146.144 
GLU 'L-peptide linking' y 'GLUTAMIC ACID'           ? 'C5 H9 N O4'      147.129 
GLY 'peptide linking'   y GLYCINE                   ? 'C2 H5 N O2'      75.067  
HIS 'L-peptide linking' y HISTIDINE                 ? 'C6 H10 N3 O2 1'  156.162 
HOH non-polymer         . WATER                     ? 'H2 O'            18.015  
ILE 'L-peptide linking' y ISOLEUCINE                ? 'C6 H13 N O2'     131.173 
LEU 'L-peptide linking' y LEUCINE                   ? 'C6 H13 N O2'     131.173 
LYS 'L-peptide linking' y LYSINE                    ? 'C6 H15 N2 O2 1'  147.195 
MET 'L-peptide linking' y METHIONINE                ? 'C5 H11 N O2 S'   149.211 
PHE 'L-peptide linking' y PHENYLALANINE             ? 'C9 H11 N O2'     165.189 
PRO 'L-peptide linking' y PROLINE                   ? 'C5 H9 N O2'      115.130 
SER 'L-peptide linking' y SERINE                    ? 'C3 H7 N O3'      105.093 
THR 'L-peptide linking' y THREONINE                 ? 'C4 H9 N O3'      119.119 
TRP 'L-peptide linking' y TRYPTOPHAN                ? 'C11 H12 N2 O2'   204.225 
TYR 'L-peptide linking' y TYROSINE                  ? 'C9 H11 N O3'     181.189 
VAL 'L-peptide linking' y VALINE                    ? 'C5 H11 N O2'     117.146 
# 
loop_
_pdbx_poly_seq_scheme.asym_id 
_pdbx_poly_seq_scheme.entity_id 
_pdbx_poly_seq_scheme.seq_id 
_pdbx_poly_seq_scheme.mon_id 
_pdbx_poly_seq_scheme.ndb_seq_num 
_pdbx_poly_seq_scheme.pdb_seq_num 
_pdbx_poly_seq_scheme.auth_seq_num 
_pdbx_poly_seq_scheme.pdb_mon_id 
_pdbx_poly_seq_scheme.auth_mon_id 
_pdbx_poly_seq_scheme.pdb_strand_id 
_pdbx_poly_seq_scheme.pdb_ins_code 
_pdbx_poly_seq_scheme.hetero 
A 1 1   SER 1   594 594 SER SER A . n 
A 1 2   ASN 2   595 595 ASN ASN A . n 
A 1 3   LYS 3   596 596 LYS LYS A . n 
A 1 4   LYS 4   597 597 LYS LYS A . n 
A 1 5   MET 5   598 598 MET MET A . n 
A 1 6   ILE 6   599 599 ILE ILE A . n 
A 1 7   ASN 7   600 600 ASN ASN A . n 
A 1 8   GLY 8   601 601 GLY GLY A . n 
A 1 9   GLY 9   602 602 GLY GLY A . n 
A 1 10  THR 10  603 603 THR THR A . n 
A 1 11  VAL 11  604 604 VAL VAL A . n 
A 1 12  ASN 12  605 605 ASN ASN A . n 
A 1 13  ASN 13  606 606 ASN ASN A . n 
A 1 14  TRP 14  607 607 TRP TRP A . n 
A 1 15  ILE 15  608 608 ILE ILE A . n 
A 1 16  CYS 16  609 609 CYS CYS A . n 
A 1 17  ILE 17  610 610 ILE ILE A . n 
A 1 18  ASN 18  611 611 ASN ASN A . n 
A 1 19  PHE 19  612 612 PHE PHE A . n 
A 1 20  SER 20  613 613 SER SER A . n 
A 1 21  ARG 21  614 614 ARG ARG A . n 
A 1 22  GLN 22  615 615 GLN GLN A . n 
A 1 23  VAL 23  616 616 VAL VAL A . n 
A 1 24  GLN 24  617 617 GLN GLN A . n 
A 1 25  ASP 25  618 618 ASP ASP A . n 
A 1 26  ASN 26  619 619 ASN ASN A . n 
A 1 27  LEU 27  620 620 LEU LEU A . n 
A 1 28  ALA 28  621 621 ALA ALA A . n 
A 1 29  ARG 29  622 622 ARG ARG A . n 
A 1 30  THR 30  623 623 THR THR A . n 
A 1 31  PHE 31  624 624 PHE PHE A . n 
A 1 32  CYS 32  625 625 CYS CYS A . n 
A 1 33  GLN 33  626 626 GLN GLN A . n 
A 1 34  GLU 34  627 627 GLU GLU A . n 
A 1 35  LEU 35  628 628 LEU LEU A . n 
A 1 36  ALA 36  629 629 ALA ALA A . n 
A 1 37  GLN 37  630 630 GLN GLN A . n 
A 1 38  MET 38  631 631 MET MET A . n 
A 1 39  CYS 39  632 632 CYS CYS A . n 
A 1 40  TYR 40  633 633 TYR TYR A . n 
A 1 41  VAL 41  634 634 VAL VAL A . n 
A 1 42  SER 42  635 635 SER SER A . n 
A 1 43  GLY 43  636 636 GLY GLY A . n 
A 1 44  MET 44  637 637 MET MET A . n 
A 1 45  ALA 45  638 638 ALA ALA A . n 
A 1 46  PHE 46  639 639 PHE PHE A . n 
A 1 47  ASN 47  640 640 ASN ASN A . n 
A 1 48  PRO 48  641 641 PRO PRO A . n 
A 1 49  GLU 49  642 642 GLU GLU A . n 
A 1 50  PRO 50  643 643 PRO PRO A . n 
A 1 51  VAL 51  644 644 VAL VAL A . n 
A 1 52  LEU 52  645 645 LEU LEU A . n 
A 1 53  PRO 53  646 646 PRO PRO A . n 
A 1 54  PRO 54  647 647 PRO PRO A . n 
A 1 55  VAL 55  648 648 VAL VAL A . n 
A 1 56  SER 56  649 649 SER SER A . n 
A 1 57  ALA 57  650 650 ALA ALA A . n 
A 1 58  ARG 58  651 651 ARG ARG A . n 
A 1 59  PRO 59  652 652 PRO PRO A . n 
A 1 60  GLU 60  653 653 GLU GLU A . n 
A 1 61  GLN 61  654 654 GLN GLN A . n 
A 1 62  VAL 62  655 655 VAL VAL A . n 
A 1 63  GLU 63  656 656 GLU GLU A . n 
A 1 64  LYS 64  657 657 LYS LYS A . n 
A 1 65  VAL 65  658 658 VAL VAL A . n 
A 1 66  LEU 66  659 659 LEU LEU A . n 
A 1 67  LYS 67  660 660 LYS LYS A . n 
A 1 68  THR 68  661 661 THR THR A . n 
A 1 69  ARG 69  662 662 ARG ARG A . n 
A 1 70  TYR 70  663 663 TYR TYR A . n 
A 1 71  HIS 71  664 664 HIS HIS A . n 
A 1 72  ASP 72  665 665 ASP ASP A . n 
A 1 73  ALA 73  666 666 ALA ALA A . n 
A 1 74  THR 74  667 667 THR THR A . n 
A 1 75  SER 75  668 668 SER SER A . n 
A 1 76  LYS 76  669 669 LYS LYS A . n 
A 1 77  LEU 77  670 670 LEU LEU A . n 
A 1 78  SER 78  671 671 SER SER A . n 
A 1 79  GLN 79  672 672 GLN GLN A . n 
A 1 80  GLY 80  673 673 GLY GLY A . n 
A 1 81  LYS 81  674 674 LYS LYS A . n 
A 1 82  GLU 82  675 675 GLU GLU A . n 
A 1 83  ILE 83  676 676 ILE ILE A . n 
A 1 84  ASP 84  677 677 ASP ASP A . n 
A 1 85  LEU 85  678 678 LEU LEU A . n 
A 1 86  LEU 86  679 679 LEU LEU A . n 
A 1 87  ILE 87  680 680 ILE ILE A . n 
A 1 88  VAL 88  681 681 VAL VAL A . n 
A 1 89  ILE 89  682 682 ILE ILE A . n 
A 1 90  LEU 90  683 683 LEU LEU A . n 
A 1 91  PRO 91  684 684 PRO PRO A . n 
A 1 92  ASP 92  685 685 ASP ASP A . n 
A 1 93  ASN 93  686 686 ASN ASN A . n 
A 1 94  ASN 94  687 687 ASN ASN A . n 
A 1 95  GLY 95  688 688 GLY GLY A . n 
A 1 96  SER 96  689 689 SER SER A . n 
A 1 97  LEU 97  690 690 LEU LEU A . n 
A 1 98  TYR 98  691 691 TYR TYR A . n 
A 1 99  GLY 99  692 692 GLY GLY A . n 
A 1 100 ASP 100 693 693 ASP ASP A . n 
A 1 101 LEU 101 694 694 LEU LEU A . n 
A 1 102 LYS 102 695 695 LYS LYS A . n 
A 1 103 ARG 103 696 696 ARG ARG A . n 
A 1 104 ILE 104 697 697 ILE ILE A . n 
A 1 105 CYS 105 698 698 CYS CYS A . n 
A 1 106 GLU 106 699 699 GLU GLU A . n 
A 1 107 THR 107 700 700 THR THR A . n 
A 1 108 GLU 108 701 701 GLU GLU A . n 
A 1 109 LEU 109 702 702 LEU LEU A . n 
A 1 110 GLY 110 703 703 GLY GLY A . n 
A 1 111 ILE 111 704 704 ILE ILE A . n 
A 1 112 VAL 112 705 705 VAL VAL A . n 
A 1 113 SER 113 706 706 SER SER A . n 
A 1 114 GLN 114 707 707 GLN GLN A . n 
A 1 115 CYS 115 708 708 CYS CYS A . n 
A 1 116 CYS 116 709 709 CYS CYS A . n 
A 1 117 LEU 117 710 710 LEU LEU A . n 
A 1 118 THR 118 711 711 THR THR A . n 
A 1 119 LYS 119 712 712 LYS LYS A . n 
A 1 120 HIS 120 713 713 HIS HIS A . n 
A 1 121 VAL 121 714 714 VAL VAL A . n 
A 1 122 PHE 122 715 715 PHE PHE A . n 
A 1 123 LYS 123 716 716 LYS LYS A . n 
A 1 124 MET 124 717 717 MET MET A . n 
A 1 125 SER 125 718 718 SER SER A . n 
A 1 126 LYS 126 719 719 LYS LYS A . n 
A 1 127 GLN 127 720 720 GLN GLN A . n 
A 1 128 TYR 128 721 721 TYR TYR A . n 
A 1 129 MET 129 722 722 MET MET A . n 
A 1 130 ALA 130 723 723 ALA ALA A . n 
A 1 131 ASN 131 724 724 ASN ASN A . n 
A 1 132 VAL 132 725 725 VAL VAL A . n 
A 1 133 ALA 133 726 726 ALA ALA A . n 
A 1 134 LEU 134 727 727 LEU LEU A . n 
A 1 135 LYS 135 728 728 LYS LYS A . n 
A 1 136 ILE 136 729 729 ILE ILE A . n 
A 1 137 ASN 137 730 730 ASN ASN A . n 
A 1 138 VAL 138 731 731 VAL VAL A . n 
A 1 139 LYS 139 732 732 LYS LYS A . n 
A 1 140 VAL 140 733 733 VAL VAL A . n 
A 1 141 GLY 141 734 734 GLY GLY A . n 
A 1 142 GLY 142 735 735 GLY GLY A . n 
A 1 143 ARG 143 736 736 ARG ARG A . n 
A 1 144 ASN 144 737 737 ASN ASN A . n 
A 1 145 THR 145 738 738 THR THR A . n 
A 1 146 VAL 146 739 739 VAL VAL A . n 
A 1 147 LEU 147 740 740 LEU LEU A . n 
# 
loop_
_pdbx_nonpoly_scheme.asym_id 
_pdbx_nonpoly_scheme.entity_id 
_pdbx_nonpoly_scheme.mon_id 
_pdbx_nonpoly_scheme.ndb_seq_num 
_pdbx_nonpoly_scheme.pdb_seq_num 
_pdbx_nonpoly_scheme.auth_seq_num 
_pdbx_nonpoly_scheme.pdb_mon_id 
_pdbx_nonpoly_scheme.auth_mon_id 
_pdbx_nonpoly_scheme.pdb_strand_id 
_pdbx_nonpoly_scheme.pdb_ins_code 
B 2 AMP 1   801  1   AMP AMP A . 
C 3 HOH 1   901  1   HOH HOH A . 
C 3 HOH 2   902  2   HOH HOH A . 
C 3 HOH 3   903  3   HOH HOH A . 
C 3 HOH 4   904  4   HOH HOH A . 
C 3 HOH 5   905  5   HOH HOH A . 
C 3 HOH 6   906  6   HOH HOH A . 
C 3 HOH 7   907  7   HOH HOH A . 
C 3 HOH 8   908  9   HOH HOH A . 
C 3 HOH 9   909  10  HOH HOH A . 
C 3 HOH 10  910  11  HOH HOH A . 
C 3 HOH 11  911  12  HOH HOH A . 
C 3 HOH 12  912  13  HOH HOH A . 
C 3 HOH 13  913  14  HOH HOH A . 
C 3 HOH 14  914  15  HOH HOH A . 
C 3 HOH 15  915  16  HOH HOH A . 
C 3 HOH 16  916  17  HOH HOH A . 
C 3 HOH 17  917  18  HOH HOH A . 
C 3 HOH 18  918  19  HOH HOH A . 
C 3 HOH 19  919  20  HOH HOH A . 
C 3 HOH 20  920  21  HOH HOH A . 
C 3 HOH 21  921  22  HOH HOH A . 
C 3 HOH 22  922  23  HOH HOH A . 
C 3 HOH 23  923  24  HOH HOH A . 
C 3 HOH 24  924  25  HOH HOH A . 
C 3 HOH 25  925  26  HOH HOH A . 
C 3 HOH 26  926  29  HOH HOH A . 
C 3 HOH 27  927  30  HOH HOH A . 
C 3 HOH 28  928  31  HOH HOH A . 
C 3 HOH 29  929  32  HOH HOH A . 
C 3 HOH 30  930  33  HOH HOH A . 
C 3 HOH 31  931  34  HOH HOH A . 
C 3 HOH 32  932  35  HOH HOH A . 
C 3 HOH 33  933  36  HOH HOH A . 
C 3 HOH 34  934  37  HOH HOH A . 
C 3 HOH 35  935  38  HOH HOH A . 
C 3 HOH 36  936  40  HOH HOH A . 
C 3 HOH 37  937  41  HOH HOH A . 
C 3 HOH 38  938  42  HOH HOH A . 
C 3 HOH 39  939  43  HOH HOH A . 
C 3 HOH 40  940  44  HOH HOH A . 
C 3 HOH 41  941  47  HOH HOH A . 
C 3 HOH 42  942  48  HOH HOH A . 
C 3 HOH 43  943  49  HOH HOH A . 
C 3 HOH 44  944  50  HOH HOH A . 
C 3 HOH 45  945  51  HOH HOH A . 
C 3 HOH 46  946  52  HOH HOH A . 
C 3 HOH 47  947  53  HOH HOH A . 
C 3 HOH 48  948  54  HOH HOH A . 
C 3 HOH 49  949  56  HOH HOH A . 
C 3 HOH 50  950  57  HOH HOH A . 
C 3 HOH 51  951  58  HOH HOH A . 
C 3 HOH 52  952  59  HOH HOH A . 
C 3 HOH 53  953  60  HOH HOH A . 
C 3 HOH 54  954  62  HOH HOH A . 
C 3 HOH 55  955  64  HOH HOH A . 
C 3 HOH 56  956  65  HOH HOH A . 
C 3 HOH 57  957  66  HOH HOH A . 
C 3 HOH 58  958  67  HOH HOH A . 
C 3 HOH 59  959  68  HOH HOH A . 
C 3 HOH 60  960  69  HOH HOH A . 
C 3 HOH 61  961  71  HOH HOH A . 
C 3 HOH 62  962  72  HOH HOH A . 
C 3 HOH 63  963  74  HOH HOH A . 
C 3 HOH 64  964  76  HOH HOH A . 
C 3 HOH 65  965  77  HOH HOH A . 
C 3 HOH 66  966  78  HOH HOH A . 
C 3 HOH 67  967  79  HOH HOH A . 
C 3 HOH 68  968  80  HOH HOH A . 
C 3 HOH 69  969  81  HOH HOH A . 
C 3 HOH 70  970  82  HOH HOH A . 
C 3 HOH 71  971  83  HOH HOH A . 
C 3 HOH 72  972  84  HOH HOH A . 
C 3 HOH 73  973  85  HOH HOH A . 
C 3 HOH 74  974  86  HOH HOH A . 
C 3 HOH 75  975  87  HOH HOH A . 
C 3 HOH 76  976  88  HOH HOH A . 
C 3 HOH 77  977  89  HOH HOH A . 
C 3 HOH 78  978  90  HOH HOH A . 
C 3 HOH 79  979  92  HOH HOH A . 
C 3 HOH 80  980  94  HOH HOH A . 
C 3 HOH 81  981  95  HOH HOH A . 
C 3 HOH 82  982  99  HOH HOH A . 
C 3 HOH 83  983  101 HOH HOH A . 
C 3 HOH 84  984  102 HOH HOH A . 
C 3 HOH 85  985  105 HOH HOH A . 
C 3 HOH 86  986  107 HOH HOH A . 
C 3 HOH 87  987  109 HOH HOH A . 
C 3 HOH 88  988  110 HOH HOH A . 
C 3 HOH 89  989  111 HOH HOH A . 
C 3 HOH 90  990  114 HOH HOH A . 
C 3 HOH 91  991  116 HOH HOH A . 
C 3 HOH 92  992  119 HOH HOH A . 
C 3 HOH 93  993  120 HOH HOH A . 
C 3 HOH 94  994  122 HOH HOH A . 
C 3 HOH 95  995  123 HOH HOH A . 
C 3 HOH 96  996  124 HOH HOH A . 
C 3 HOH 97  997  127 HOH HOH A . 
C 3 HOH 98  998  129 HOH HOH A . 
C 3 HOH 99  999  131 HOH HOH A . 
C 3 HOH 100 1000 132 HOH HOH A . 
C 3 HOH 101 1001 138 HOH HOH A . 
C 3 HOH 102 1002 139 HOH HOH A . 
C 3 HOH 103 1003 143 HOH HOH A . 
C 3 HOH 104 1004 144 HOH HOH A . 
C 3 HOH 105 1005 145 HOH HOH A . 
C 3 HOH 106 1006 150 HOH HOH A . 
C 3 HOH 107 1007 151 HOH HOH A . 
C 3 HOH 108 1008 153 HOH HOH A . 
C 3 HOH 109 1009 154 HOH HOH A . 
C 3 HOH 110 1010 155 HOH HOH A . 
C 3 HOH 111 1011 157 HOH HOH A . 
C 3 HOH 112 1012 160 HOH HOH A . 
C 3 HOH 113 1013 162 HOH HOH A . 
C 3 HOH 114 1014 163 HOH HOH A . 
C 3 HOH 115 1015 166 HOH HOH A . 
C 3 HOH 116 1016 168 HOH HOH A . 
C 3 HOH 117 1017 171 HOH HOH A . 
C 3 HOH 118 1018 172 HOH HOH A . 
C 3 HOH 119 1019 174 HOH HOH A . 
C 3 HOH 120 1020 175 HOH HOH A . 
C 3 HOH 121 1021 176 HOH HOH A . 
C 3 HOH 122 1022 182 HOH HOH A . 
C 3 HOH 123 1023 185 HOH HOH A . 
C 3 HOH 124 1024 186 HOH HOH A . 
C 3 HOH 125 1025 187 HOH HOH A . 
C 3 HOH 126 1026 189 HOH HOH A . 
C 3 HOH 127 1027 190 HOH HOH A . 
C 3 HOH 128 1028 196 HOH HOH A . 
C 3 HOH 129 1029 198 HOH HOH A . 
C 3 HOH 130 1030 204 HOH HOH A . 
C 3 HOH 131 1031 205 HOH HOH A . 
C 3 HOH 132 1032 206 HOH HOH A . 
C 3 HOH 133 1033 207 HOH HOH A . 
C 3 HOH 134 1034 208 HOH HOH A . 
C 3 HOH 135 1035 209 HOH HOH A . 
C 3 HOH 136 1036 210 HOH HOH A . 
C 3 HOH 137 1037 211 HOH HOH A . 
C 3 HOH 138 1038 212 HOH HOH A . 
C 3 HOH 139 1039 214 HOH HOH A . 
C 3 HOH 140 1040 216 HOH HOH A . 
C 3 HOH 141 1041 217 HOH HOH A . 
C 3 HOH 142 1042 218 HOH HOH A . 
C 3 HOH 143 1043 219 HOH HOH A . 
C 3 HOH 144 1044 220 HOH HOH A . 
C 3 HOH 145 1045 221 HOH HOH A . 
C 3 HOH 146 1046 222 HOH HOH A . 
C 3 HOH 147 1047 223 HOH HOH A . 
C 3 HOH 148 1048 224 HOH HOH A . 
C 3 HOH 149 1049 225 HOH HOH A . 
C 3 HOH 150 1050 226 HOH HOH A . 
C 3 HOH 151 1051 227 HOH HOH A . 
C 3 HOH 152 1052 228 HOH HOH A . 
C 3 HOH 153 1053 229 HOH HOH A . 
C 3 HOH 154 1054 230 HOH HOH A . 
C 3 HOH 155 1055 231 HOH HOH A . 
C 3 HOH 156 1056 232 HOH HOH A . 
C 3 HOH 157 1057 233 HOH HOH A . 
C 3 HOH 158 1058 234 HOH HOH A . 
C 3 HOH 159 1059 235 HOH HOH A . 
C 3 HOH 160 1060 236 HOH HOH A . 
C 3 HOH 161 1061 237 HOH HOH A . 
C 3 HOH 162 1062 238 HOH HOH A . 
C 3 HOH 163 1063 239 HOH HOH A . 
C 3 HOH 164 1064 240 HOH HOH A . 
C 3 HOH 165 1065 241 HOH HOH A . 
# 
loop_
_software.name 
_software.classification 
_software.version 
_software.citation_id 
_software.pdbx_ordinal 
HKL-2000 'data collection' .                        ? 1 
PHENIX   'model building'  '(phenix.refine: 1.5_2)' ? 2 
PHENIX   refinement        '(phenix.refine: 1.5_2)' ? 3 
HKL-2000 'data reduction'  .                        ? 4 
HKL-2000 'data scaling'    .                        ? 5 
PHENIX   phasing           1.5_2                    ? 6 
# 
_cell.entry_id           4G0Y 
_cell.length_a           37.291 
_cell.length_b           60.842 
_cell.length_c           69.076 
_cell.angle_alpha        90.00 
_cell.angle_beta         90.00 
_cell.angle_gamma        90.00 
_cell.Z_PDB              4 
_cell.pdbx_unique_axis   ? 
_cell.length_a_esd       ? 
_cell.length_b_esd       ? 
_cell.length_c_esd       ? 
_cell.angle_alpha_esd    ? 
_cell.angle_beta_esd     ? 
_cell.angle_gamma_esd    ? 
# 
_symmetry.entry_id                         4G0Y 
_symmetry.space_group_name_H-M             'P 21 21 21' 
_symmetry.pdbx_full_space_group_name_H-M   ? 
_symmetry.cell_setting                     ? 
_symmetry.Int_Tables_number                19 
_symmetry.space_group_name_Hall            ? 
# 
_exptl.entry_id          4G0Y 
_exptl.method            'X-RAY DIFFRACTION' 
_exptl.crystals_number   1 
# 
_exptl_crystal.id                    1 
_exptl_crystal.density_meas          ? 
_exptl_crystal.density_Matthews      2.38 
_exptl_crystal.density_percent_sol   48.39 
_exptl_crystal.description           ? 
_exptl_crystal.F_000                 ? 
_exptl_crystal.preparation           ? 
# 
_exptl_crystal_grow.crystal_id      1 
_exptl_crystal_grow.method          'VAPOR DIFFUSION, HANGING DROP' 
_exptl_crystal_grow.temp            277 
_exptl_crystal_grow.temp_details    ? 
_exptl_crystal_grow.pH              4.5 
_exptl_crystal_grow.pdbx_details    
'0.1 M citric acid, 2 M ammonium sulfate, pH 4.5, VAPOR DIFFUSION, HANGING DROP, temperature 277K' 
_exptl_crystal_grow.pdbx_pH_range   ? 
# 
_diffrn.id                     1 
_diffrn.ambient_temp           200 
_diffrn.ambient_temp_details   ? 
_diffrn.crystal_id             1 
# 
_diffrn_detector.diffrn_id              1 
_diffrn_detector.detector               CCD 
_diffrn_detector.type                   'RIGAKU SATURN 944+' 
_diffrn_detector.pdbx_collection_date   2010-03-10 
_diffrn_detector.details                ? 
# 
_diffrn_radiation.diffrn_id                        1 
_diffrn_radiation.wavelength_id                    1 
_diffrn_radiation.pdbx_monochromatic_or_laue_m_l   M 
_diffrn_radiation.monochromator                    'Varimax HF' 
_diffrn_radiation.pdbx_diffrn_protocol             'SINGLE WAVELENGTH' 
_diffrn_radiation.pdbx_scattering_type             x-ray 
# 
_diffrn_radiation_wavelength.id           1 
_diffrn_radiation_wavelength.wavelength   1.5418 
_diffrn_radiation_wavelength.wt           1.0 
# 
_diffrn_source.diffrn_id                   1 
_diffrn_source.source                      'ROTATING ANODE' 
_diffrn_source.type                        'RIGAKU MICROMAX-007 HF' 
_diffrn_source.pdbx_synchrotron_site       ? 
_diffrn_source.pdbx_synchrotron_beamline   ? 
_diffrn_source.pdbx_wavelength             ? 
_diffrn_source.pdbx_wavelength_list        1.5418 
# 
_reflns.entry_id                     4G0Y 
_reflns.observed_criterion_sigma_I   -3 
_reflns.observed_criterion_sigma_F   0 
_reflns.d_resolution_low             31.794 
_reflns.d_resolution_high            1.65 
_reflns.number_obs                   18332 
_reflns.number_all                   18369 
_reflns.percent_possible_obs         99.8 
_reflns.pdbx_netI_over_sigmaI        ? 
_reflns.B_iso_Wilson_estimate        ? 
_reflns.pdbx_redundancy              ? 
_reflns.R_free_details               ? 
_reflns.limit_h_max                  ? 
_reflns.limit_h_min                  ? 
_reflns.limit_k_max                  ? 
_reflns.limit_k_min                  ? 
_reflns.limit_l_max                  ? 
_reflns.limit_l_min                  ? 
_reflns.observed_criterion_F_max     ? 
_reflns.observed_criterion_F_min     ? 
_reflns.pdbx_chi_squared             ? 
_reflns.pdbx_scaling_rejects         ? 
_reflns.pdbx_Rmerge_I_obs            ? 
_reflns.pdbx_Rsym_value              ? 
_reflns.pdbx_ordinal                 1 
_reflns.pdbx_diffrn_id               1 
# 
_reflns_shell.d_res_high             1.65 
_reflns_shell.d_res_low              1.71 
_reflns_shell.percent_possible_all   97.9 
_reflns_shell.Rmerge_I_obs           ? 
_reflns_shell.pdbx_Rsym_value        ? 
_reflns_shell.meanI_over_sigI_obs    ? 
_reflns_shell.pdbx_redundancy        ? 
_reflns_shell.percent_possible_obs   ? 
_reflns_shell.number_unique_all      ? 
_reflns_shell.number_measured_all    ? 
_reflns_shell.number_measured_obs    ? 
_reflns_shell.number_unique_obs      ? 
_reflns_shell.pdbx_chi_squared       ? 
_reflns_shell.pdbx_ordinal           1 
_reflns_shell.pdbx_diffrn_id         1 
# 
_refine.entry_id                                 4G0Y 
_refine.ls_number_reflns_obs                     18332 
_refine.ls_number_reflns_all                     19611 
_refine.pdbx_ls_sigma_I                          ? 
_refine.pdbx_ls_sigma_F                          0.06 
_refine.pdbx_data_cutoff_high_absF               ? 
_refine.pdbx_data_cutoff_low_absF                ? 
_refine.pdbx_data_cutoff_high_rms_absF           ? 
_refine.ls_d_res_low                             31.794 
_refine.ls_d_res_high                            1.65 
_refine.ls_percent_reflns_obs                    93.48 
_refine.ls_R_factor_obs                          0.1816 
_refine.ls_R_factor_R_work                       0.1799 
_refine.ls_R_factor_R_free                       0.2176 
_refine.ls_R_factor_R_free_error                 ? 
_refine.ls_R_factor_R_free_error_details         ? 
_refine.ls_percent_reflns_R_free                 4.47 
_refine.ls_number_reflns_R_free                  819 
_refine.ls_number_parameters                     ? 
_refine.ls_number_restraints                     ? 
_refine.occupancy_min                            ? 
_refine.occupancy_max                            ? 
_refine.correlation_coeff_Fo_to_Fc               ? 
_refine.correlation_coeff_Fo_to_Fc_free          ? 
_refine.B_iso_mean                               ? 
_refine.aniso_B[1][1]                            0.8153 
_refine.aniso_B[2][2]                            -3.9256 
_refine.aniso_B[3][3]                            3.1103 
_refine.aniso_B[1][2]                            -0.0000 
_refine.aniso_B[1][3]                            0.0000 
_refine.aniso_B[2][3]                            -0.0000 
_refine.solvent_model_details                    'FLAT BULK SOLVENT MODEL' 
_refine.solvent_model_param_ksol                 0.341 
_refine.solvent_model_param_bsol                 29.099 
_refine.pdbx_solvent_vdw_probe_radii             1.11 
_refine.pdbx_solvent_ion_probe_radii             ? 
_refine.pdbx_solvent_shrinkage_radii             0.90 
_refine.pdbx_ls_cross_valid_method               ? 
_refine.details                                  ? 
_refine.pdbx_starting_model                      ? 
_refine.pdbx_method_to_determine_struct          'FOURIER SYNTHESIS' 
_refine.pdbx_isotropic_thermal_model             ? 
_refine.pdbx_stereochemistry_target_values       ML 
_refine.pdbx_stereochem_target_val_spec_case     ? 
_refine.pdbx_R_Free_selection_details            random 
_refine.pdbx_overall_ESU_R                       ? 
_refine.pdbx_overall_ESU_R_Free                  ? 
_refine.overall_SU_ML                            0.16 
_refine.pdbx_overall_phase_error                 19.74 
_refine.overall_SU_B                             ? 
_refine.overall_SU_R_Cruickshank_DPI             ? 
_refine.ls_redundancy_reflns_obs                 ? 
_refine.B_iso_min                                ? 
_refine.B_iso_max                                ? 
_refine.overall_SU_R_free                        ? 
_refine.ls_wR_factor_R_free                      ? 
_refine.ls_wR_factor_R_work                      ? 
_refine.overall_FOM_free_R_set                   ? 
_refine.overall_FOM_work_R_set                   ? 
_refine.ls_R_factor_all                          ? 
_refine.pdbx_diffrn_id                           1 
_refine.pdbx_refine_id                           'X-RAY DIFFRACTION' 
_refine.pdbx_TLS_residual_ADP_flag               ? 
_refine.pdbx_overall_SU_R_free_Cruickshank_DPI   ? 
_refine.pdbx_overall_SU_R_Blow_DPI               ? 
_refine.pdbx_overall_SU_R_free_Blow_DPI          ? 
# 
_refine_hist.pdbx_refine_id                   'X-RAY DIFFRACTION' 
_refine_hist.cycle_id                         LAST 
_refine_hist.pdbx_number_atoms_protein        1146 
_refine_hist.pdbx_number_atoms_nucleic_acid   0 
_refine_hist.pdbx_number_atoms_ligand         23 
_refine_hist.number_atoms_solvent             165 
_refine_hist.number_atoms_total               1334 
_refine_hist.d_res_high                       1.65 
_refine_hist.d_res_low                        31.794 
# 
loop_
_refine_ls_restr.type 
_refine_ls_restr.dev_ideal 
_refine_ls_restr.dev_ideal_target 
_refine_ls_restr.weight 
_refine_ls_restr.number 
_refine_ls_restr.pdbx_restraint_function 
_refine_ls_restr.pdbx_refine_id 
f_bond_d           0.006  ? ? 1188 ? 'X-RAY DIFFRACTION' 
f_angle_d          0.978  ? ? 1608 ? 'X-RAY DIFFRACTION' 
f_dihedral_angle_d 17.583 ? ? 467  ? 'X-RAY DIFFRACTION' 
f_chiral_restr     0.064  ? ? 186  ? 'X-RAY DIFFRACTION' 
f_plane_restr      0.004  ? ? 203  ? 'X-RAY DIFFRACTION' 
# 
loop_
_refine_ls_shell.pdbx_total_number_of_bins_used 
_refine_ls_shell.d_res_high 
_refine_ls_shell.d_res_low 
_refine_ls_shell.number_reflns_R_work 
_refine_ls_shell.R_factor_R_work 
_refine_ls_shell.percent_reflns_obs 
_refine_ls_shell.R_factor_R_free 
_refine_ls_shell.R_factor_R_free_error 
_refine_ls_shell.percent_reflns_R_free 
_refine_ls_shell.number_reflns_R_free 
_refine_ls_shell.number_reflns_all 
_refine_ls_shell.R_factor_all 
_refine_ls_shell.number_reflns_obs 
_refine_ls_shell.redundancy_reflns_obs 
_refine_ls_shell.pdbx_refine_id 
. 1.65   1.7515 2450 0.2260 80.00 0.3038 . . 118 . . . . 'X-RAY DIFFRACTION' 
. 1.7515 1.8867 2754 0.1915 89.00 0.2289 . . 123 . . . . 'X-RAY DIFFRACTION' 
. 1.8867 2.0766 2932 0.1671 95.00 0.2023 . . 139 . . . . 'X-RAY DIFFRACTION' 
. 2.0766 2.3770 3057 0.1680 99.00 0.2115 . . 145 . . . . 'X-RAY DIFFRACTION' 
. 2.3770 2.9944 3053 0.1828 98.00 0.2194 . . 142 . . . . 'X-RAY DIFFRACTION' 
. 2.9944 31.794 3267 0.1736 99.00 0.2026 . . 152 . . . . 'X-RAY DIFFRACTION' 
# 
_struct.entry_id                  4G0Y 
_struct.title                     'Crystal structure of Arabidopsis AGO1 in complex with AMP' 
_struct.pdbx_model_details        ? 
_struct.pdbx_CASP_flag            ? 
_struct.pdbx_model_type_details   ? 
# 
_struct_keywords.entry_id        4G0Y 
_struct_keywords.pdbx_keywords   'GENE REGULATION' 
_struct_keywords.text            'MID domain, GENE REGULATION' 
# 
loop_
_struct_asym.id 
_struct_asym.pdbx_blank_PDB_chainid_flag 
_struct_asym.pdbx_modified 
_struct_asym.entity_id 
_struct_asym.details 
A N N 1 ? 
B N N 2 ? 
C N N 3 ? 
# 
_struct_ref.id                         1 
_struct_ref.db_name                    UNP 
_struct_ref.db_code                    AGO1_ARATH 
_struct_ref.pdbx_db_accession          O04379 
_struct_ref.entity_id                  1 
_struct_ref.pdbx_seq_one_letter_code   
;NKKMINGGTVNNWICINFSRQVQDNLARTFCQELAQMCYVSGMAFNPEPVLPPVSARPEQVEKVLKTRYHDATSKLSQGK
EIDLLIVILPDNNGSLYGDLKRICETELGIVSQCCLTKHVFKMSKQYMANVALKINVKVGGRNTVL
;
_struct_ref.pdbx_align_begin           593 
_struct_ref.pdbx_db_isoform            ? 
# 
_struct_ref_seq.align_id                      1 
_struct_ref_seq.ref_id                        1 
_struct_ref_seq.pdbx_PDB_id_code              4G0Y 
_struct_ref_seq.pdbx_strand_id                A 
_struct_ref_seq.seq_align_beg                 2 
_struct_ref_seq.pdbx_seq_align_beg_ins_code   ? 
_struct_ref_seq.seq_align_end                 147 
_struct_ref_seq.pdbx_seq_align_end_ins_code   ? 
_struct_ref_seq.pdbx_db_accession             O04379 
_struct_ref_seq.db_align_beg                  593 
_struct_ref_seq.pdbx_db_align_beg_ins_code    ? 
_struct_ref_seq.db_align_end                  738 
_struct_ref_seq.pdbx_db_align_end_ins_code    ? 
_struct_ref_seq.pdbx_auth_seq_align_beg       595 
_struct_ref_seq.pdbx_auth_seq_align_end       740 
# 
_struct_ref_seq_dif.align_id                     1 
_struct_ref_seq_dif.pdbx_pdb_id_code             4G0Y 
_struct_ref_seq_dif.mon_id                       SER 
_struct_ref_seq_dif.pdbx_pdb_strand_id           A 
_struct_ref_seq_dif.seq_num                      1 
_struct_ref_seq_dif.pdbx_pdb_ins_code            ? 
_struct_ref_seq_dif.pdbx_seq_db_name             UNP 
_struct_ref_seq_dif.pdbx_seq_db_accession_code   O04379 
_struct_ref_seq_dif.db_mon_id                    ? 
_struct_ref_seq_dif.pdbx_seq_db_seq_num          ? 
_struct_ref_seq_dif.details                      'expression tag' 
_struct_ref_seq_dif.pdbx_auth_seq_num            594 
_struct_ref_seq_dif.pdbx_ordinal                 1 
# 
_pdbx_struct_assembly.id                   1 
_pdbx_struct_assembly.details              author_and_software_defined_assembly 
_pdbx_struct_assembly.method_details       PISA 
_pdbx_struct_assembly.oligomeric_details   monomeric 
_pdbx_struct_assembly.oligomeric_count     1 
# 
_pdbx_struct_assembly_gen.assembly_id       1 
_pdbx_struct_assembly_gen.oper_expression   1 
_pdbx_struct_assembly_gen.asym_id_list      A,B,C 
# 
_pdbx_struct_oper_list.id                   1 
_pdbx_struct_oper_list.type                 'identity operation' 
_pdbx_struct_oper_list.name                 1_555 
_pdbx_struct_oper_list.symmetry_operation   x,y,z 
_pdbx_struct_oper_list.matrix[1][1]         1.0000000000 
_pdbx_struct_oper_list.matrix[1][2]         0.0000000000 
_pdbx_struct_oper_list.matrix[1][3]         0.0000000000 
_pdbx_struct_oper_list.vector[1]            0.0000000000 
_pdbx_struct_oper_list.matrix[2][1]         0.0000000000 
_pdbx_struct_oper_list.matrix[2][2]         1.0000000000 
_pdbx_struct_oper_list.matrix[2][3]         0.0000000000 
_pdbx_struct_oper_list.vector[2]            0.0000000000 
_pdbx_struct_oper_list.matrix[3][1]         0.0000000000 
_pdbx_struct_oper_list.matrix[3][2]         0.0000000000 
_pdbx_struct_oper_list.matrix[3][3]         1.0000000000 
_pdbx_struct_oper_list.vector[3]            0.0000000000 
# 
_struct_biol.id        1 
_struct_biol.details   ? 
# 
loop_
_struct_conf.conf_type_id 
_struct_conf.id 
_struct_conf.pdbx_PDB_helix_id 
_struct_conf.beg_label_comp_id 
_struct_conf.beg_label_asym_id 
_struct_conf.beg_label_seq_id 
_struct_conf.pdbx_beg_PDB_ins_code 
_struct_conf.end_label_comp_id 
_struct_conf.end_label_asym_id 
_struct_conf.end_label_seq_id 
_struct_conf.pdbx_end_PDB_ins_code 
_struct_conf.beg_auth_comp_id 
_struct_conf.beg_auth_asym_id 
_struct_conf.beg_auth_seq_id 
_struct_conf.end_auth_comp_id 
_struct_conf.end_auth_asym_id 
_struct_conf.end_auth_seq_id 
_struct_conf.pdbx_PDB_helix_class 
_struct_conf.details 
_struct_conf.pdbx_PDB_helix_length 
HELX_P HELX_P1 1 GLN A 24  ? SER A 42  ? GLN A 617 SER A 635 1 ? 19 
HELX_P HELX_P2 2 ARG A 58  ? GLU A 60  ? ARG A 651 GLU A 653 5 ? 3  
HELX_P HELX_P3 3 GLN A 61  ? LYS A 76  ? GLN A 654 LYS A 669 1 ? 16 
HELX_P HELX_P4 4 SER A 96  ? GLU A 108 ? SER A 689 GLU A 701 1 ? 13 
HELX_P HELX_P5 5 THR A 118 ? MET A 124 ? THR A 711 MET A 717 1 ? 7  
HELX_P HELX_P6 6 SER A 125 ? VAL A 140 ? SER A 718 VAL A 733 1 ? 16 
# 
_struct_conf_type.id          HELX_P 
_struct_conf_type.criteria    ? 
_struct_conf_type.reference   ? 
# 
loop_
_struct_sheet.id 
_struct_sheet.type 
_struct_sheet.number_strands 
_struct_sheet.details 
A ? 2 ? 
B ? 2 ? 
C ? 4 ? 
# 
loop_
_struct_sheet_order.sheet_id 
_struct_sheet_order.range_id_1 
_struct_sheet_order.range_id_2 
_struct_sheet_order.offset 
_struct_sheet_order.sense 
A 1 2 ? anti-parallel 
B 1 2 ? parallel      
C 1 2 ? parallel      
C 2 3 ? parallel      
C 3 4 ? parallel      
# 
loop_
_struct_sheet_range.sheet_id 
_struct_sheet_range.id 
_struct_sheet_range.beg_label_comp_id 
_struct_sheet_range.beg_label_asym_id 
_struct_sheet_range.beg_label_seq_id 
_struct_sheet_range.pdbx_beg_PDB_ins_code 
_struct_sheet_range.end_label_comp_id 
_struct_sheet_range.end_label_asym_id 
_struct_sheet_range.end_label_seq_id 
_struct_sheet_range.pdbx_end_PDB_ins_code 
_struct_sheet_range.beg_auth_comp_id 
_struct_sheet_range.beg_auth_asym_id 
_struct_sheet_range.beg_auth_seq_id 
_struct_sheet_range.end_auth_comp_id 
_struct_sheet_range.end_auth_asym_id 
_struct_sheet_range.end_auth_seq_id 
A 1 MET A 5   ? ASN A 7   ? MET A 598 ASN A 600 
A 2 ARG A 143 ? ASN A 144 ? ARG A 736 ASN A 737 
B 1 THR A 10  ? VAL A 11  ? THR A 603 VAL A 604 
B 2 ALA A 45  ? PHE A 46  ? ALA A 638 PHE A 639 
C 1 VAL A 55  ? SER A 56  ? VAL A 648 SER A 649 
C 2 TRP A 14  ? ASN A 18  ? TRP A 607 ASN A 611 
C 3 LEU A 85  ? LEU A 90  ? LEU A 678 LEU A 683 
C 4 SER A 113 ? LEU A 117 ? SER A 706 LEU A 710 
# 
loop_
_pdbx_struct_sheet_hbond.sheet_id 
_pdbx_struct_sheet_hbond.range_id_1 
_pdbx_struct_sheet_hbond.range_id_2 
_pdbx_struct_sheet_hbond.range_1_label_atom_id 
_pdbx_struct_sheet_hbond.range_1_label_comp_id 
_pdbx_struct_sheet_hbond.range_1_label_asym_id 
_pdbx_struct_sheet_hbond.range_1_label_seq_id 
_pdbx_struct_sheet_hbond.range_1_PDB_ins_code 
_pdbx_struct_sheet_hbond.range_1_auth_atom_id 
_pdbx_struct_sheet_hbond.range_1_auth_comp_id 
_pdbx_struct_sheet_hbond.range_1_auth_asym_id 
_pdbx_struct_sheet_hbond.range_1_auth_seq_id 
_pdbx_struct_sheet_hbond.range_2_label_atom_id 
_pdbx_struct_sheet_hbond.range_2_label_comp_id 
_pdbx_struct_sheet_hbond.range_2_label_asym_id 
_pdbx_struct_sheet_hbond.range_2_label_seq_id 
_pdbx_struct_sheet_hbond.range_2_PDB_ins_code 
_pdbx_struct_sheet_hbond.range_2_auth_atom_id 
_pdbx_struct_sheet_hbond.range_2_auth_comp_id 
_pdbx_struct_sheet_hbond.range_2_auth_asym_id 
_pdbx_struct_sheet_hbond.range_2_auth_seq_id 
A 1 2 N ILE A 6  ? N ILE A 599 O ARG A 143 ? O ARG A 736 
B 1 2 N VAL A 11 ? N VAL A 604 O ALA A 45  ? O ALA A 638 
C 1 2 O VAL A 55 ? O VAL A 648 N ASN A 18  ? N ASN A 611 
C 2 3 N ILE A 15 ? N ILE A 608 O ILE A 87  ? O ILE A 680 
C 3 4 N VAL A 88 ? N VAL A 681 O CYS A 116 ? O CYS A 709 
# 
_struct_site.id                   AC1 
_struct_site.pdbx_evidence_code   Software 
_struct_site.pdbx_auth_asym_id    A 
_struct_site.pdbx_auth_comp_id    AMP 
_struct_site.pdbx_auth_seq_id     801 
_struct_site.pdbx_auth_ins_code   ? 
_struct_site.pdbx_num_residues    12 
_struct_site.details              'BINDING SITE FOR RESIDUE AMP A 801' 
# 
loop_
_struct_site_gen.id 
_struct_site_gen.site_id 
_struct_site_gen.pdbx_num_res 
_struct_site_gen.label_comp_id 
_struct_site_gen.label_asym_id 
_struct_site_gen.label_seq_id 
_struct_site_gen.pdbx_auth_ins_code 
_struct_site_gen.auth_comp_id 
_struct_site_gen.auth_asym_id 
_struct_site_gen.auth_seq_id 
_struct_site_gen.label_atom_id 
_struct_site_gen.label_alt_id 
_struct_site_gen.symmetry 
_struct_site_gen.details 
1  AC1 12 ASN A 94  ? ASN A 687  . ? 1_555 ? 
2  AC1 12 TYR A 98  ? TYR A 691  . ? 1_555 ? 
3  AC1 12 LYS A 102 ? LYS A 695  . ? 1_555 ? 
4  AC1 12 SER A 113 ? SER A 706  . ? 1_555 ? 
5  AC1 12 GLN A 114 ? GLN A 707  . ? 1_555 ? 
6  AC1 12 CYS A 115 ? CYS A 708  . ? 1_555 ? 
7  AC1 12 LEU A 117 ? LEU A 710  . ? 1_555 ? 
8  AC1 12 LYS A 135 ? LYS A 728  . ? 1_555 ? 
9  AC1 12 LYS A 139 ? LYS A 732  . ? 1_555 ? 
10 AC1 12 HOH C .   ? HOH A 1017 . ? 1_555 ? 
11 AC1 12 HOH C .   ? HOH A 1018 . ? 1_555 ? 
12 AC1 12 HOH C .   ? HOH A 1020 . ? 1_555 ? 
# 
loop_
_chem_comp_atom.comp_id 
_chem_comp_atom.atom_id 
_chem_comp_atom.type_symbol 
_chem_comp_atom.pdbx_aromatic_flag 
_chem_comp_atom.pdbx_stereo_config 
_chem_comp_atom.pdbx_ordinal 
ALA N      N N N 1   
ALA CA     C N S 2   
ALA C      C N N 3   
ALA O      O N N 4   
ALA CB     C N N 5   
ALA OXT    O N N 6   
ALA H      H N N 7   
ALA H2     H N N 8   
ALA HA     H N N 9   
ALA HB1    H N N 10  
ALA HB2    H N N 11  
ALA HB3    H N N 12  
ALA HXT    H N N 13  
AMP P      P N N 14  
AMP O1P    O N N 15  
AMP O2P    O N N 16  
AMP O3P    O N N 17  
AMP "O5'"  O N N 18  
AMP "C5'"  C N N 19  
AMP "C4'"  C N R 20  
AMP "O4'"  O N N 21  
AMP "C3'"  C N S 22  
AMP "O3'"  O N N 23  
AMP "C2'"  C N R 24  
AMP "O2'"  O N N 25  
AMP "C1'"  C N R 26  
AMP N9     N Y N 27  
AMP C8     C Y N 28  
AMP N7     N Y N 29  
AMP C5     C Y N 30  
AMP C6     C Y N 31  
AMP N6     N N N 32  
AMP N1     N Y N 33  
AMP C2     C Y N 34  
AMP N3     N Y N 35  
AMP C4     C Y N 36  
AMP HOP2   H N N 37  
AMP HOP3   H N N 38  
AMP "H5'1" H N N 39  
AMP "H5'2" H N N 40  
AMP "H4'"  H N N 41  
AMP "H3'"  H N N 42  
AMP "HO3'" H N N 43  
AMP "H2'"  H N N 44  
AMP "HO2'" H N N 45  
AMP "H1'"  H N N 46  
AMP H8     H N N 47  
AMP HN61   H N N 48  
AMP HN62   H N N 49  
AMP H2     H N N 50  
ARG N      N N N 51  
ARG CA     C N S 52  
ARG C      C N N 53  
ARG O      O N N 54  
ARG CB     C N N 55  
ARG CG     C N N 56  
ARG CD     C N N 57  
ARG NE     N N N 58  
ARG CZ     C N N 59  
ARG NH1    N N N 60  
ARG NH2    N N N 61  
ARG OXT    O N N 62  
ARG H      H N N 63  
ARG H2     H N N 64  
ARG HA     H N N 65  
ARG HB2    H N N 66  
ARG HB3    H N N 67  
ARG HG2    H N N 68  
ARG HG3    H N N 69  
ARG HD2    H N N 70  
ARG HD3    H N N 71  
ARG HE     H N N 72  
ARG HH11   H N N 73  
ARG HH12   H N N 74  
ARG HH21   H N N 75  
ARG HH22   H N N 76  
ARG HXT    H N N 77  
ASN N      N N N 78  
ASN CA     C N S 79  
ASN C      C N N 80  
ASN O      O N N 81  
ASN CB     C N N 82  
ASN CG     C N N 83  
ASN OD1    O N N 84  
ASN ND2    N N N 85  
ASN OXT    O N N 86  
ASN H      H N N 87  
ASN H2     H N N 88  
ASN HA     H N N 89  
ASN HB2    H N N 90  
ASN HB3    H N N 91  
ASN HD21   H N N 92  
ASN HD22   H N N 93  
ASN HXT    H N N 94  
ASP N      N N N 95  
ASP CA     C N S 96  
ASP C      C N N 97  
ASP O      O N N 98  
ASP CB     C N N 99  
ASP CG     C N N 100 
ASP OD1    O N N 101 
ASP OD2    O N N 102 
ASP OXT    O N N 103 
ASP H      H N N 104 
ASP H2     H N N 105 
ASP HA     H N N 106 
ASP HB2    H N N 107 
ASP HB3    H N N 108 
ASP HD2    H N N 109 
ASP HXT    H N N 110 
CYS N      N N N 111 
CYS CA     C N R 112 
CYS C      C N N 113 
CYS O      O N N 114 
CYS CB     C N N 115 
CYS SG     S N N 116 
CYS OXT    O N N 117 
CYS H      H N N 118 
CYS H2     H N N 119 
CYS HA     H N N 120 
CYS HB2    H N N 121 
CYS HB3    H N N 122 
CYS HG     H N N 123 
CYS HXT    H N N 124 
GLN N      N N N 125 
GLN CA     C N S 126 
GLN C      C N N 127 
GLN O      O N N 128 
GLN CB     C N N 129 
GLN CG     C N N 130 
GLN CD     C N N 131 
GLN OE1    O N N 132 
GLN NE2    N N N 133 
GLN OXT    O N N 134 
GLN H      H N N 135 
GLN H2     H N N 136 
GLN HA     H N N 137 
GLN HB2    H N N 138 
GLN HB3    H N N 139 
GLN HG2    H N N 140 
GLN HG3    H N N 141 
GLN HE21   H N N 142 
GLN HE22   H N N 143 
GLN HXT    H N N 144 
GLU N      N N N 145 
GLU CA     C N S 146 
GLU C      C N N 147 
GLU O      O N N 148 
GLU CB     C N N 149 
GLU CG     C N N 150 
GLU CD     C N N 151 
GLU OE1    O N N 152 
GLU OE2    O N N 153 
GLU OXT    O N N 154 
GLU H      H N N 155 
GLU H2     H N N 156 
GLU HA     H N N 157 
GLU HB2    H N N 158 
GLU HB3    H N N 159 
GLU HG2    H N N 160 
GLU HG3    H N N 161 
GLU HE2    H N N 162 
GLU HXT    H N N 163 
GLY N      N N N 164 
GLY CA     C N N 165 
GLY C      C N N 166 
GLY O      O N N 167 
GLY OXT    O N N 168 
GLY H      H N N 169 
GLY H2     H N N 170 
GLY HA2    H N N 171 
GLY HA3    H N N 172 
GLY HXT    H N N 173 
HIS N      N N N 174 
HIS CA     C N S 175 
HIS C      C N N 176 
HIS O      O N N 177 
HIS CB     C N N 178 
HIS CG     C Y N 179 
HIS ND1    N Y N 180 
HIS CD2    C Y N 181 
HIS CE1    C Y N 182 
HIS NE2    N Y N 183 
HIS OXT    O N N 184 
HIS H      H N N 185 
HIS H2     H N N 186 
HIS HA     H N N 187 
HIS HB2    H N N 188 
HIS HB3    H N N 189 
HIS HD1    H N N 190 
HIS HD2    H N N 191 
HIS HE1    H N N 192 
HIS HE2    H N N 193 
HIS HXT    H N N 194 
HOH O      O N N 195 
HOH H1     H N N 196 
HOH H2     H N N 197 
ILE N      N N N 198 
ILE CA     C N S 199 
ILE C      C N N 200 
ILE O      O N N 201 
ILE CB     C N S 202 
ILE CG1    C N N 203 
ILE CG2    C N N 204 
ILE CD1    C N N 205 
ILE OXT    O N N 206 
ILE H      H N N 207 
ILE H2     H N N 208 
ILE HA     H N N 209 
ILE HB     H N N 210 
ILE HG12   H N N 211 
ILE HG13   H N N 212 
ILE HG21   H N N 213 
ILE HG22   H N N 214 
ILE HG23   H N N 215 
ILE HD11   H N N 216 
ILE HD12   H N N 217 
ILE HD13   H N N 218 
ILE HXT    H N N 219 
LEU N      N N N 220 
LEU CA     C N S 221 
LEU C      C N N 222 
LEU O      O N N 223 
LEU CB     C N N 224 
LEU CG     C N N 225 
LEU CD1    C N N 226 
LEU CD2    C N N 227 
LEU OXT    O N N 228 
LEU H      H N N 229 
LEU H2     H N N 230 
LEU HA     H N N 231 
LEU HB2    H N N 232 
LEU HB3    H N N 233 
LEU HG     H N N 234 
LEU HD11   H N N 235 
LEU HD12   H N N 236 
LEU HD13   H N N 237 
LEU HD21   H N N 238 
LEU HD22   H N N 239 
LEU HD23   H N N 240 
LEU HXT    H N N 241 
LYS N      N N N 242 
LYS CA     C N S 243 
LYS C      C N N 244 
LYS O      O N N 245 
LYS CB     C N N 246 
LYS CG     C N N 247 
LYS CD     C N N 248 
LYS CE     C N N 249 
LYS NZ     N N N 250 
LYS OXT    O N N 251 
LYS H      H N N 252 
LYS H2     H N N 253 
LYS HA     H N N 254 
LYS HB2    H N N 255 
LYS HB3    H N N 256 
LYS HG2    H N N 257 
LYS HG3    H N N 258 
LYS HD2    H N N 259 
LYS HD3    H N N 260 
LYS HE2    H N N 261 
LYS HE3    H N N 262 
LYS HZ1    H N N 263 
LYS HZ2    H N N 264 
LYS HZ3    H N N 265 
LYS HXT    H N N 266 
MET N      N N N 267 
MET CA     C N S 268 
MET C      C N N 269 
MET O      O N N 270 
MET CB     C N N 271 
MET CG     C N N 272 
MET SD     S N N 273 
MET CE     C N N 274 
MET OXT    O N N 275 
MET H      H N N 276 
MET H2     H N N 277 
MET HA     H N N 278 
MET HB2    H N N 279 
MET HB3    H N N 280 
MET HG2    H N N 281 
MET HG3    H N N 282 
MET HE1    H N N 283 
MET HE2    H N N 284 
MET HE3    H N N 285 
MET HXT    H N N 286 
PHE N      N N N 287 
PHE CA     C N S 288 
PHE C      C N N 289 
PHE O      O N N 290 
PHE CB     C N N 291 
PHE CG     C Y N 292 
PHE CD1    C Y N 293 
PHE CD2    C Y N 294 
PHE CE1    C Y N 295 
PHE CE2    C Y N 296 
PHE CZ     C Y N 297 
PHE OXT    O N N 298 
PHE H      H N N 299 
PHE H2     H N N 300 
PHE HA     H N N 301 
PHE HB2    H N N 302 
PHE HB3    H N N 303 
PHE HD1    H N N 304 
PHE HD2    H N N 305 
PHE HE1    H N N 306 
PHE HE2    H N N 307 
PHE HZ     H N N 308 
PHE HXT    H N N 309 
PRO N      N N N 310 
PRO CA     C N S 311 
PRO C      C N N 312 
PRO O      O N N 313 
PRO CB     C N N 314 
PRO CG     C N N 315 
PRO CD     C N N 316 
PRO OXT    O N N 317 
PRO H      H N N 318 
PRO HA     H N N 319 
PRO HB2    H N N 320 
PRO HB3    H N N 321 
PRO HG2    H N N 322 
PRO HG3    H N N 323 
PRO HD2    H N N 324 
PRO HD3    H N N 325 
PRO HXT    H N N 326 
SER N      N N N 327 
SER CA     C N S 328 
SER C      C N N 329 
SER O      O N N 330 
SER CB     C N N 331 
SER OG     O N N 332 
SER OXT    O N N 333 
SER H      H N N 334 
SER H2     H N N 335 
SER HA     H N N 336 
SER HB2    H N N 337 
SER HB3    H N N 338 
SER HG     H N N 339 
SER HXT    H N N 340 
THR N      N N N 341 
THR CA     C N S 342 
THR C      C N N 343 
THR O      O N N 344 
THR CB     C N R 345 
THR OG1    O N N 346 
THR CG2    C N N 347 
THR OXT    O N N 348 
THR H      H N N 349 
THR H2     H N N 350 
THR HA     H N N 351 
THR HB     H N N 352 
THR HG1    H N N 353 
THR HG21   H N N 354 
THR HG22   H N N 355 
THR HG23   H N N 356 
THR HXT    H N N 357 
TRP N      N N N 358 
TRP CA     C N S 359 
TRP C      C N N 360 
TRP O      O N N 361 
TRP CB     C N N 362 
TRP CG     C Y N 363 
TRP CD1    C Y N 364 
TRP CD2    C Y N 365 
TRP NE1    N Y N 366 
TRP CE2    C Y N 367 
TRP CE3    C Y N 368 
TRP CZ2    C Y N 369 
TRP CZ3    C Y N 370 
TRP CH2    C Y N 371 
TRP OXT    O N N 372 
TRP H      H N N 373 
TRP H2     H N N 374 
TRP HA     H N N 375 
TRP HB2    H N N 376 
TRP HB3    H N N 377 
TRP HD1    H N N 378 
TRP HE1    H N N 379 
TRP HE3    H N N 380 
TRP HZ2    H N N 381 
TRP HZ3    H N N 382 
TRP HH2    H N N 383 
TRP HXT    H N N 384 
TYR N      N N N 385 
TYR CA     C N S 386 
TYR C      C N N 387 
TYR O      O N N 388 
TYR CB     C N N 389 
TYR CG     C Y N 390 
TYR CD1    C Y N 391 
TYR CD2    C Y N 392 
TYR CE1    C Y N 393 
TYR CE2    C Y N 394 
TYR CZ     C Y N 395 
TYR OH     O N N 396 
TYR OXT    O N N 397 
TYR H      H N N 398 
TYR H2     H N N 399 
TYR HA     H N N 400 
TYR HB2    H N N 401 
TYR HB3    H N N 402 
TYR HD1    H N N 403 
TYR HD2    H N N 404 
TYR HE1    H N N 405 
TYR HE2    H N N 406 
TYR HH     H N N 407 
TYR HXT    H N N 408 
VAL N      N N N 409 
VAL CA     C N S 410 
VAL C      C N N 411 
VAL O      O N N 412 
VAL CB     C N N 413 
VAL CG1    C N N 414 
VAL CG2    C N N 415 
VAL OXT    O N N 416 
VAL H      H N N 417 
VAL H2     H N N 418 
VAL HA     H N N 419 
VAL HB     H N N 420 
VAL HG11   H N N 421 
VAL HG12   H N N 422 
VAL HG13   H N N 423 
VAL HG21   H N N 424 
VAL HG22   H N N 425 
VAL HG23   H N N 426 
VAL HXT    H N N 427 
# 
loop_
_chem_comp_bond.comp_id 
_chem_comp_bond.atom_id_1 
_chem_comp_bond.atom_id_2 
_chem_comp_bond.value_order 
_chem_comp_bond.pdbx_aromatic_flag 
_chem_comp_bond.pdbx_stereo_config 
_chem_comp_bond.pdbx_ordinal 
ALA N     CA     sing N N 1   
ALA N     H      sing N N 2   
ALA N     H2     sing N N 3   
ALA CA    C      sing N N 4   
ALA CA    CB     sing N N 5   
ALA CA    HA     sing N N 6   
ALA C     O      doub N N 7   
ALA C     OXT    sing N N 8   
ALA CB    HB1    sing N N 9   
ALA CB    HB2    sing N N 10  
ALA CB    HB3    sing N N 11  
ALA OXT   HXT    sing N N 12  
AMP P     O1P    doub N N 13  
AMP P     O2P    sing N N 14  
AMP P     O3P    sing N N 15  
AMP P     "O5'"  sing N N 16  
AMP O2P   HOP2   sing N N 17  
AMP O3P   HOP3   sing N N 18  
AMP "O5'" "C5'"  sing N N 19  
AMP "C5'" "C4'"  sing N N 20  
AMP "C5'" "H5'1" sing N N 21  
AMP "C5'" "H5'2" sing N N 22  
AMP "C4'" "O4'"  sing N N 23  
AMP "C4'" "C3'"  sing N N 24  
AMP "C4'" "H4'"  sing N N 25  
AMP "O4'" "C1'"  sing N N 26  
AMP "C3'" "O3'"  sing N N 27  
AMP "C3'" "C2'"  sing N N 28  
AMP "C3'" "H3'"  sing N N 29  
AMP "O3'" "HO3'" sing N N 30  
AMP "C2'" "O2'"  sing N N 31  
AMP "C2'" "C1'"  sing N N 32  
AMP "C2'" "H2'"  sing N N 33  
AMP "O2'" "HO2'" sing N N 34  
AMP "C1'" N9     sing N N 35  
AMP "C1'" "H1'"  sing N N 36  
AMP N9    C8     sing Y N 37  
AMP N9    C4     sing Y N 38  
AMP C8    N7     doub Y N 39  
AMP C8    H8     sing N N 40  
AMP N7    C5     sing Y N 41  
AMP C5    C6     sing Y N 42  
AMP C5    C4     doub Y N 43  
AMP C6    N6     sing N N 44  
AMP C6    N1     doub Y N 45  
AMP N6    HN61   sing N N 46  
AMP N6    HN62   sing N N 47  
AMP N1    C2     sing Y N 48  
AMP C2    N3     doub Y N 49  
AMP C2    H2     sing N N 50  
AMP N3    C4     sing Y N 51  
ARG N     CA     sing N N 52  
ARG N     H      sing N N 53  
ARG N     H2     sing N N 54  
ARG CA    C      sing N N 55  
ARG CA    CB     sing N N 56  
ARG CA    HA     sing N N 57  
ARG C     O      doub N N 58  
ARG C     OXT    sing N N 59  
ARG CB    CG     sing N N 60  
ARG CB    HB2    sing N N 61  
ARG CB    HB3    sing N N 62  
ARG CG    CD     sing N N 63  
ARG CG    HG2    sing N N 64  
ARG CG    HG3    sing N N 65  
ARG CD    NE     sing N N 66  
ARG CD    HD2    sing N N 67  
ARG CD    HD3    sing N N 68  
ARG NE    CZ     sing N N 69  
ARG NE    HE     sing N N 70  
ARG CZ    NH1    sing N N 71  
ARG CZ    NH2    doub N N 72  
ARG NH1   HH11   sing N N 73  
ARG NH1   HH12   sing N N 74  
ARG NH2   HH21   sing N N 75  
ARG NH2   HH22   sing N N 76  
ARG OXT   HXT    sing N N 77  
ASN N     CA     sing N N 78  
ASN N     H      sing N N 79  
ASN N     H2     sing N N 80  
ASN CA    C      sing N N 81  
ASN CA    CB     sing N N 82  
ASN CA    HA     sing N N 83  
ASN C     O      doub N N 84  
ASN C     OXT    sing N N 85  
ASN CB    CG     sing N N 86  
ASN CB    HB2    sing N N 87  
ASN CB    HB3    sing N N 88  
ASN CG    OD1    doub N N 89  
ASN CG    ND2    sing N N 90  
ASN ND2   HD21   sing N N 91  
ASN ND2   HD22   sing N N 92  
ASN OXT   HXT    sing N N 93  
ASP N     CA     sing N N 94  
ASP N     H      sing N N 95  
ASP N     H2     sing N N 96  
ASP CA    C      sing N N 97  
ASP CA    CB     sing N N 98  
ASP CA    HA     sing N N 99  
ASP C     O      doub N N 100 
ASP C     OXT    sing N N 101 
ASP CB    CG     sing N N 102 
ASP CB    HB2    sing N N 103 
ASP CB    HB3    sing N N 104 
ASP CG    OD1    doub N N 105 
ASP CG    OD2    sing N N 106 
ASP OD2   HD2    sing N N 107 
ASP OXT   HXT    sing N N 108 
CYS N     CA     sing N N 109 
CYS N     H      sing N N 110 
CYS N     H2     sing N N 111 
CYS CA    C      sing N N 112 
CYS CA    CB     sing N N 113 
CYS CA    HA     sing N N 114 
CYS C     O      doub N N 115 
CYS C     OXT    sing N N 116 
CYS CB    SG     sing N N 117 
CYS CB    HB2    sing N N 118 
CYS CB    HB3    sing N N 119 
CYS SG    HG     sing N N 120 
CYS OXT   HXT    sing N N 121 
GLN N     CA     sing N N 122 
GLN N     H      sing N N 123 
GLN N     H2     sing N N 124 
GLN CA    C      sing N N 125 
GLN CA    CB     sing N N 126 
GLN CA    HA     sing N N 127 
GLN C     O      doub N N 128 
GLN C     OXT    sing N N 129 
GLN CB    CG     sing N N 130 
GLN CB    HB2    sing N N 131 
GLN CB    HB3    sing N N 132 
GLN CG    CD     sing N N 133 
GLN CG    HG2    sing N N 134 
GLN CG    HG3    sing N N 135 
GLN CD    OE1    doub N N 136 
GLN CD    NE2    sing N N 137 
GLN NE2   HE21   sing N N 138 
GLN NE2   HE22   sing N N 139 
GLN OXT   HXT    sing N N 140 
GLU N     CA     sing N N 141 
GLU N     H      sing N N 142 
GLU N     H2     sing N N 143 
GLU CA    C      sing N N 144 
GLU CA    CB     sing N N 145 
GLU CA    HA     sing N N 146 
GLU C     O      doub N N 147 
GLU C     OXT    sing N N 148 
GLU CB    CG     sing N N 149 
GLU CB    HB2    sing N N 150 
GLU CB    HB3    sing N N 151 
GLU CG    CD     sing N N 152 
GLU CG    HG2    sing N N 153 
GLU CG    HG3    sing N N 154 
GLU CD    OE1    doub N N 155 
GLU CD    OE2    sing N N 156 
GLU OE2   HE2    sing N N 157 
GLU OXT   HXT    sing N N 158 
GLY N     CA     sing N N 159 
GLY N     H      sing N N 160 
GLY N     H2     sing N N 161 
GLY CA    C      sing N N 162 
GLY CA    HA2    sing N N 163 
GLY CA    HA3    sing N N 164 
GLY C     O      doub N N 165 
GLY C     OXT    sing N N 166 
GLY OXT   HXT    sing N N 167 
HIS N     CA     sing N N 168 
HIS N     H      sing N N 169 
HIS N     H2     sing N N 170 
HIS CA    C      sing N N 171 
HIS CA    CB     sing N N 172 
HIS CA    HA     sing N N 173 
HIS C     O      doub N N 174 
HIS C     OXT    sing N N 175 
HIS CB    CG     sing N N 176 
HIS CB    HB2    sing N N 177 
HIS CB    HB3    sing N N 178 
HIS CG    ND1    sing Y N 179 
HIS CG    CD2    doub Y N 180 
HIS ND1   CE1    doub Y N 181 
HIS ND1   HD1    sing N N 182 
HIS CD2   NE2    sing Y N 183 
HIS CD2   HD2    sing N N 184 
HIS CE1   NE2    sing Y N 185 
HIS CE1   HE1    sing N N 186 
HIS NE2   HE2    sing N N 187 
HIS OXT   HXT    sing N N 188 
HOH O     H1     sing N N 189 
HOH O     H2     sing N N 190 
ILE N     CA     sing N N 191 
ILE N     H      sing N N 192 
ILE N     H2     sing N N 193 
ILE CA    C      sing N N 194 
ILE CA    CB     sing N N 195 
ILE CA    HA     sing N N 196 
ILE C     O      doub N N 197 
ILE C     OXT    sing N N 198 
ILE CB    CG1    sing N N 199 
ILE CB    CG2    sing N N 200 
ILE CB    HB     sing N N 201 
ILE CG1   CD1    sing N N 202 
ILE CG1   HG12   sing N N 203 
ILE CG1   HG13   sing N N 204 
ILE CG2   HG21   sing N N 205 
ILE CG2   HG22   sing N N 206 
ILE CG2   HG23   sing N N 207 
ILE CD1   HD11   sing N N 208 
ILE CD1   HD12   sing N N 209 
ILE CD1   HD13   sing N N 210 
ILE OXT   HXT    sing N N 211 
LEU N     CA     sing N N 212 
LEU N     H      sing N N 213 
LEU N     H2     sing N N 214 
LEU CA    C      sing N N 215 
LEU CA    CB     sing N N 216 
LEU CA    HA     sing N N 217 
LEU C     O      doub N N 218 
LEU C     OXT    sing N N 219 
LEU CB    CG     sing N N 220 
LEU CB    HB2    sing N N 221 
LEU CB    HB3    sing N N 222 
LEU CG    CD1    sing N N 223 
LEU CG    CD2    sing N N 224 
LEU CG    HG     sing N N 225 
LEU CD1   HD11   sing N N 226 
LEU CD1   HD12   sing N N 227 
LEU CD1   HD13   sing N N 228 
LEU CD2   HD21   sing N N 229 
LEU CD2   HD22   sing N N 230 
LEU CD2   HD23   sing N N 231 
LEU OXT   HXT    sing N N 232 
LYS N     CA     sing N N 233 
LYS N     H      sing N N 234 
LYS N     H2     sing N N 235 
LYS CA    C      sing N N 236 
LYS CA    CB     sing N N 237 
LYS CA    HA     sing N N 238 
LYS C     O      doub N N 239 
LYS C     OXT    sing N N 240 
LYS CB    CG     sing N N 241 
LYS CB    HB2    sing N N 242 
LYS CB    HB3    sing N N 243 
LYS CG    CD     sing N N 244 
LYS CG    HG2    sing N N 245 
LYS CG    HG3    sing N N 246 
LYS CD    CE     sing N N 247 
LYS CD    HD2    sing N N 248 
LYS CD    HD3    sing N N 249 
LYS CE    NZ     sing N N 250 
LYS CE    HE2    sing N N 251 
LYS CE    HE3    sing N N 252 
LYS NZ    HZ1    sing N N 253 
LYS NZ    HZ2    sing N N 254 
LYS NZ    HZ3    sing N N 255 
LYS OXT   HXT    sing N N 256 
MET N     CA     sing N N 257 
MET N     H      sing N N 258 
MET N     H2     sing N N 259 
MET CA    C      sing N N 260 
MET CA    CB     sing N N 261 
MET CA    HA     sing N N 262 
MET C     O      doub N N 263 
MET C     OXT    sing N N 264 
MET CB    CG     sing N N 265 
MET CB    HB2    sing N N 266 
MET CB    HB3    sing N N 267 
MET CG    SD     sing N N 268 
MET CG    HG2    sing N N 269 
MET CG    HG3    sing N N 270 
MET SD    CE     sing N N 271 
MET CE    HE1    sing N N 272 
MET CE    HE2    sing N N 273 
MET CE    HE3    sing N N 274 
MET OXT   HXT    sing N N 275 
PHE N     CA     sing N N 276 
PHE N     H      sing N N 277 
PHE N     H2     sing N N 278 
PHE CA    C      sing N N 279 
PHE CA    CB     sing N N 280 
PHE CA    HA     sing N N 281 
PHE C     O      doub N N 282 
PHE C     OXT    sing N N 283 
PHE CB    CG     sing N N 284 
PHE CB    HB2    sing N N 285 
PHE CB    HB3    sing N N 286 
PHE CG    CD1    doub Y N 287 
PHE CG    CD2    sing Y N 288 
PHE CD1   CE1    sing Y N 289 
PHE CD1   HD1    sing N N 290 
PHE CD2   CE2    doub Y N 291 
PHE CD2   HD2    sing N N 292 
PHE CE1   CZ     doub Y N 293 
PHE CE1   HE1    sing N N 294 
PHE CE2   CZ     sing Y N 295 
PHE CE2   HE2    sing N N 296 
PHE CZ    HZ     sing N N 297 
PHE OXT   HXT    sing N N 298 
PRO N     CA     sing N N 299 
PRO N     CD     sing N N 300 
PRO N     H      sing N N 301 
PRO CA    C      sing N N 302 
PRO CA    CB     sing N N 303 
PRO CA    HA     sing N N 304 
PRO C     O      doub N N 305 
PRO C     OXT    sing N N 306 
PRO CB    CG     sing N N 307 
PRO CB    HB2    sing N N 308 
PRO CB    HB3    sing N N 309 
PRO CG    CD     sing N N 310 
PRO CG    HG2    sing N N 311 
PRO CG    HG3    sing N N 312 
PRO CD    HD2    sing N N 313 
PRO CD    HD3    sing N N 314 
PRO OXT   HXT    sing N N 315 
SER N     CA     sing N N 316 
SER N     H      sing N N 317 
SER N     H2     sing N N 318 
SER CA    C      sing N N 319 
SER CA    CB     sing N N 320 
SER CA    HA     sing N N 321 
SER C     O      doub N N 322 
SER C     OXT    sing N N 323 
SER CB    OG     sing N N 324 
SER CB    HB2    sing N N 325 
SER CB    HB3    sing N N 326 
SER OG    HG     sing N N 327 
SER OXT   HXT    sing N N 328 
THR N     CA     sing N N 329 
THR N     H      sing N N 330 
THR N     H2     sing N N 331 
THR CA    C      sing N N 332 
THR CA    CB     sing N N 333 
THR CA    HA     sing N N 334 
THR C     O      doub N N 335 
THR C     OXT    sing N N 336 
THR CB    OG1    sing N N 337 
THR CB    CG2    sing N N 338 
THR CB    HB     sing N N 339 
THR OG1   HG1    sing N N 340 
THR CG2   HG21   sing N N 341 
THR CG2   HG22   sing N N 342 
THR CG2   HG23   sing N N 343 
THR OXT   HXT    sing N N 344 
TRP N     CA     sing N N 345 
TRP N     H      sing N N 346 
TRP N     H2     sing N N 347 
TRP CA    C      sing N N 348 
TRP CA    CB     sing N N 349 
TRP CA    HA     sing N N 350 
TRP C     O      doub N N 351 
TRP C     OXT    sing N N 352 
TRP CB    CG     sing N N 353 
TRP CB    HB2    sing N N 354 
TRP CB    HB3    sing N N 355 
TRP CG    CD1    doub Y N 356 
TRP CG    CD2    sing Y N 357 
TRP CD1   NE1    sing Y N 358 
TRP CD1   HD1    sing N N 359 
TRP CD2   CE2    doub Y N 360 
TRP CD2   CE3    sing Y N 361 
TRP NE1   CE2    sing Y N 362 
TRP NE1   HE1    sing N N 363 
TRP CE2   CZ2    sing Y N 364 
TRP CE3   CZ3    doub Y N 365 
TRP CE3   HE3    sing N N 366 
TRP CZ2   CH2    doub Y N 367 
TRP CZ2   HZ2    sing N N 368 
TRP CZ3   CH2    sing Y N 369 
TRP CZ3   HZ3    sing N N 370 
TRP CH2   HH2    sing N N 371 
TRP OXT   HXT    sing N N 372 
TYR N     CA     sing N N 373 
TYR N     H      sing N N 374 
TYR N     H2     sing N N 375 
TYR CA    C      sing N N 376 
TYR CA    CB     sing N N 377 
TYR CA    HA     sing N N 378 
TYR C     O      doub N N 379 
TYR C     OXT    sing N N 380 
TYR CB    CG     sing N N 381 
TYR CB    HB2    sing N N 382 
TYR CB    HB3    sing N N 383 
TYR CG    CD1    doub Y N 384 
TYR CG    CD2    sing Y N 385 
TYR CD1   CE1    sing Y N 386 
TYR CD1   HD1    sing N N 387 
TYR CD2   CE2    doub Y N 388 
TYR CD2   HD2    sing N N 389 
TYR CE1   CZ     doub Y N 390 
TYR CE1   HE1    sing N N 391 
TYR CE2   CZ     sing Y N 392 
TYR CE2   HE2    sing N N 393 
TYR CZ    OH     sing N N 394 
TYR OH    HH     sing N N 395 
TYR OXT   HXT    sing N N 396 
VAL N     CA     sing N N 397 
VAL N     H      sing N N 398 
VAL N     H2     sing N N 399 
VAL CA    C      sing N N 400 
VAL CA    CB     sing N N 401 
VAL CA    HA     sing N N 402 
VAL C     O      doub N N 403 
VAL C     OXT    sing N N 404 
VAL CB    CG1    sing N N 405 
VAL CB    CG2    sing N N 406 
VAL CB    HB     sing N N 407 
VAL CG1   HG11   sing N N 408 
VAL CG1   HG12   sing N N 409 
VAL CG1   HG13   sing N N 410 
VAL CG2   HG21   sing N N 411 
VAL CG2   HG22   sing N N 412 
VAL CG2   HG23   sing N N 413 
VAL OXT   HXT    sing N N 414 
# 
_atom_sites.entry_id                    4G0Y 
_atom_sites.fract_transf_matrix[1][1]   0.00591557 
_atom_sites.fract_transf_matrix[1][2]   0.01530371 
_atom_sites.fract_transf_matrix[1][3]   0.02121085 
_atom_sites.fract_transf_matrix[2][1]   -0.01174542 
_atom_sites.fract_transf_matrix[2][2]   -0.00751717 
_atom_sites.fract_transf_matrix[2][3]   0.00869939 
_atom_sites.fract_transf_matrix[3][1]   0.00961017 
_atom_sites.fract_transf_matrix[3][2]   -0.00987339 
_atom_sites.fract_transf_matrix[3][3]   0.00444347 
_atom_sites.fract_transf_vector[1]      0.512324 
_atom_sites.fract_transf_vector[2]      0.582350 
_atom_sites.fract_transf_vector[3]      0.645209 
# 
loop_
_atom_type.symbol 
C 
N 
O 
P 
S 
# 
loop_
_atom_site.group_PDB 
_atom_site.id 
_atom_site.type_symbol 
_atom_site.label_atom_id 
_atom_site.label_alt_id 
_atom_site.label_comp_id 
_atom_site.label_asym_id 
_atom_site.label_entity_id 
_atom_site.label_seq_id 
_atom_site.pdbx_PDB_ins_code 
_atom_site.Cartn_x 
_atom_site.Cartn_y 
_atom_site.Cartn_z 
_atom_site.occupancy 
_atom_site.B_iso_or_equiv 
_atom_site.pdbx_formal_charge 
_atom_site.auth_seq_id 
_atom_site.auth_comp_id 
_atom_site.auth_asym_id 
_atom_site.auth_atom_id 
_atom_site.pdbx_PDB_model_num 
ATOM   1    N N     . SER A 1 1   ? -6.348  3.824   26.425  1.00 24.97 ? 594  SER A N     1 
ATOM   2    C CA    . SER A 1 1   ? -6.425  2.851   25.342  1.00 23.73 ? 594  SER A CA    1 
ATOM   3    C C     . SER A 1 1   ? -5.995  3.502   24.047  1.00 19.17 ? 594  SER A C     1 
ATOM   4    O O     . SER A 1 1   ? -6.327  4.660   23.801  1.00 19.93 ? 594  SER A O     1 
ATOM   5    C CB    . SER A 1 1   ? -7.857  2.339   25.179  1.00 25.84 ? 594  SER A CB    1 
ATOM   6    O OG    . SER A 1 1   ? -8.362  1.787   26.383  1.00 30.15 ? 594  SER A OG    1 
ATOM   7    N N     . ASN A 1 2   ? -5.275  2.753   23.216  1.00 18.37 ? 595  ASN A N     1 
ATOM   8    C CA    . ASN A 1 2   ? -5.024  3.185   21.846  1.00 14.37 ? 595  ASN A CA    1 
ATOM   9    C C     . ASN A 1 2   ? -6.145  2.696   20.945  1.00 14.24 ? 595  ASN A C     1 
ATOM   10   O O     . ASN A 1 2   ? -6.901  1.797   21.320  1.00 14.84 ? 595  ASN A O     1 
ATOM   11   C CB    . ASN A 1 2   ? -3.689  2.646   21.342  1.00 16.52 ? 595  ASN A CB    1 
ATOM   12   C CG    . ASN A 1 2   ? -2.512  3.238   22.080  1.00 21.86 ? 595  ASN A CG    1 
ATOM   13   O OD1   . ASN A 1 2   ? -2.642  4.261   22.763  1.00 18.85 ? 595  ASN A OD1   1 
ATOM   14   N ND2   . ASN A 1 2   ? -1.349  2.608   21.941  1.00 21.48 ? 595  ASN A ND2   1 
ATOM   15   N N     . LYS A 1 3   ? -6.261  3.280   19.759  1.00 15.77 ? 596  LYS A N     1 
ATOM   16   C CA    . LYS A 1 3   ? -7.245  2.790   18.794  1.00 12.78 ? 596  LYS A CA    1 
ATOM   17   C C     . LYS A 1 3   ? -6.919  1.360   18.404  1.00 14.51 ? 596  LYS A C     1 
ATOM   18   O O     . LYS A 1 3   ? -5.750  0.967   18.356  1.00 14.64 ? 596  LYS A O     1 
ATOM   19   C CB    . LYS A 1 3   ? -7.261  3.655   17.530  1.00 14.77 ? 596  LYS A CB    1 
ATOM   20   C CG    . LYS A 1 3   ? -7.870  5.015   17.723  1.00 17.36 ? 596  LYS A CG    1 
ATOM   21   C CD    . LYS A 1 3   ? -8.026  5.698   16.369  1.00 19.21 ? 596  LYS A CD    1 
ATOM   22   C CE    . LYS A 1 3   ? -8.665  7.053   16.505  1.00 23.70 ? 596  LYS A CE    1 
ATOM   23   N NZ    . LYS A 1 3   ? -8.790  7.695   15.172  1.00 18.57 ? 596  LYS A NZ    1 
ATOM   24   N N     . LYS A 1 4   ? -7.967  0.594   18.113  1.00 13.53 ? 597  LYS A N     1 
ATOM   25   C CA    . LYS A 1 4   ? -7.822  -0.786  17.670  1.00 13.79 ? 597  LYS A CA    1 
ATOM   26   C C     . LYS A 1 4   ? -8.825  -1.054  16.564  1.00 11.72 ? 597  LYS A C     1 
ATOM   27   O O     . LYS A 1 4   ? -9.708  -0.239  16.299  1.00 12.09 ? 597  LYS A O     1 
ATOM   28   C CB    . LYS A 1 4   ? -8.103  -1.740  18.828  1.00 16.67 ? 597  LYS A CB    1 
ATOM   29   C CG    . LYS A 1 4   ? -7.208  -1.552  20.027  1.00 23.60 ? 597  LYS A CG    1 
ATOM   30   C CD    . LYS A 1 4   ? -5.788  -1.973  19.707  1.00 27.41 ? 597  LYS A CD    1 
ATOM   31   C CE    . LYS A 1 4   ? -4.907  -1.913  20.941  1.00 29.42 ? 597  LYS A CE    1 
ATOM   32   N NZ    . LYS A 1 4   ? -3.510  -2.341  20.624  1.00 28.59 ? 597  LYS A NZ    1 
ATOM   33   N N     . MET A 1 5   ? -8.702  -2.201  15.909  1.00 10.60 ? 598  MET A N     1 
ATOM   34   C CA    . MET A 1 5   ? -9.720  -2.569  14.926  1.00 10.58 ? 598  MET A CA    1 
ATOM   35   C C     . MET A 1 5   ? -10.957 -3.188  15.583  1.00 11.20 ? 598  MET A C     1 
ATOM   36   O O     . MET A 1 5   ? -10.841 -4.043  16.479  1.00 14.40 ? 598  MET A O     1 
ATOM   37   C CB    . MET A 1 5   ? -9.138  -3.523  13.889  1.00 11.05 ? 598  MET A CB    1 
ATOM   38   C CG    . MET A 1 5   ? -7.946  -2.935  13.162  1.00 10.84 ? 598  MET A CG    1 
ATOM   39   S SD    . MET A 1 5   ? -7.346  -3.977  11.812  1.00 10.71 ? 598  MET A SD    1 
ATOM   40   C CE    . MET A 1 5   ? -5.942  -3.008  11.249  1.00 10.54 ? 598  MET A CE    1 
ATOM   41   N N     . ILE A 1 6   ? -12.139 -2.744  15.149  1.00 8.35  ? 599  ILE A N     1 
ATOM   42   C CA    . ILE A 1 6   ? -13.398 -3.384  15.540  1.00 8.97  ? 599  ILE A CA    1 
ATOM   43   C C     . ILE A 1 6   ? -13.743 -4.513  14.564  1.00 12.56 ? 599  ILE A C     1 
ATOM   44   O O     . ILE A 1 6   ? -13.982 -5.659  14.975  1.00 13.99 ? 599  ILE A O     1 
ATOM   45   C CB    . ILE A 1 6   ? -14.561 -2.375  15.560  1.00 11.64 ? 599  ILE A CB    1 
ATOM   46   C CG1   . ILE A 1 6   ? -14.347 -1.347  16.673  1.00 10.81 ? 599  ILE A CG1   1 
ATOM   47   C CG2   . ILE A 1 6   ? -15.891 -3.100  15.732  1.00 13.73 ? 599  ILE A CG2   1 
ATOM   48   C CD1   . ILE A 1 6   ? -15.377 -0.218  16.704  1.00 10.11 ? 599  ILE A CD1   1 
ATOM   49   N N     . ASN A 1 7   ? -13.784 -4.159  13.276  1.00 12.70 ? 600  ASN A N     1 
ATOM   50   C CA    . ASN A 1 7   ? -13.968 -5.112  12.185  1.00 12.26 ? 600  ASN A CA    1 
ATOM   51   C C     . ASN A 1 7   ? -12.772 -5.025  11.258  1.00 13.11 ? 600  ASN A C     1 
ATOM   52   O O     . ASN A 1 7   ? -12.489 -3.959  10.722  1.00 10.66 ? 600  ASN A O     1 
ATOM   53   C CB    . ASN A 1 7   ? -15.213 -4.779  11.365  1.00 12.62 ? 600  ASN A CB    1 
ATOM   54   C CG    . ASN A 1 7   ? -16.479 -4.756  12.197  1.00 18.84 ? 600  ASN A CG    1 
ATOM   55   O OD1   . ASN A 1 7   ? -17.277 -3.825  12.094  1.00 28.44 ? 600  ASN A OD1   1 
ATOM   56   N ND2   . ASN A 1 7   ? -16.672 -5.775  13.015  1.00 15.82 ? 600  ASN A ND2   1 
ATOM   57   N N     . GLY A 1 8   ? -12.069 -6.134  11.056  1.00 9.89  ? 601  GLY A N     1 
ATOM   58   C CA    . GLY A 1 8   ? -10.946 -6.117  10.135  1.00 8.66  ? 601  GLY A CA    1 
ATOM   59   C C     . GLY A 1 8   ? -11.409 -6.349  8.708   1.00 10.29 ? 601  GLY A C     1 
ATOM   60   O O     . GLY A 1 8   ? -12.211 -7.249  8.436   1.00 11.23 ? 601  GLY A O     1 
ATOM   61   N N     . GLY A 1 9   ? -10.914 -5.526  7.787   1.00 10.49 ? 602  GLY A N     1 
ATOM   62   C CA    . GLY A 1 9   ? -11.210 -5.715  6.382   1.00 10.10 ? 602  GLY A CA    1 
ATOM   63   C C     . GLY A 1 9   ? -10.338 -6.786  5.744   1.00 11.18 ? 602  GLY A C     1 
ATOM   64   O O     . GLY A 1 9   ? -9.569  -7.480  6.427   1.00 10.40 ? 602  GLY A O     1 
ATOM   65   N N     . THR A 1 10  ? -10.444 -6.893  4.421   1.00 10.03 ? 603  THR A N     1 
ATOM   66   C CA    . THR A 1 10  ? -9.795  -7.956  3.660   1.00 9.27  ? 603  THR A CA    1 
ATOM   67   C C     . THR A 1 10  ? -8.923  -7.385  2.546   1.00 10.50 ? 603  THR A C     1 
ATOM   68   O O     . THR A 1 10  ? -9.377  -6.579  1.727   1.00 12.26 ? 603  THR A O     1 
ATOM   69   C CB    . THR A 1 10  ? -10.850 -8.882  3.046   1.00 12.85 ? 603  THR A CB    1 
ATOM   70   O OG1   . THR A 1 10  ? -11.523 -9.584  4.103   1.00 13.72 ? 603  THR A OG1   1 
ATOM   71   C CG2   . THR A 1 10  ? -10.207 -9.885  2.105   1.00 16.21 ? 603  THR A CG2   1 
ATOM   72   N N     . VAL A 1 11  ? -7.659  -7.788  2.532   1.00 10.06 ? 604  VAL A N     1 
ATOM   73   C CA    . VAL A 1 11  ? -6.764  -7.453  1.424   1.00 9.31  ? 604  VAL A CA    1 
ATOM   74   C C     . VAL A 1 11  ? -6.181  -8.760  0.902   1.00 10.21 ? 604  VAL A C     1 
ATOM   75   O O     . VAL A 1 11  ? -5.193  -9.266  1.419   1.00 11.80 ? 604  VAL A O     1 
ATOM   76   C CB    . VAL A 1 11  ? -5.643  -6.492  1.857   1.00 9.75  ? 604  VAL A CB    1 
ATOM   77   C CG1   . VAL A 1 11  ? -4.704  -6.183  0.677   1.00 10.67 ? 604  VAL A CG1   1 
ATOM   78   C CG2   . VAL A 1 11  ? -6.245  -5.201  2.393   1.00 12.73 ? 604  VAL A CG2   1 
ATOM   79   N N     . ASN A 1 12  ? -6.816  -9.308  -0.121  1.00 11.29 ? 605  ASN A N     1 
ATOM   80   C CA    . ASN A 1 12  ? -6.388  -10.586 -0.678  1.00 13.65 ? 605  ASN A CA    1 
ATOM   81   C C     . ASN A 1 12  ? -5.351  -10.377 -1.767  1.00 15.93 ? 605  ASN A C     1 
ATOM   82   O O     . ASN A 1 12  ? -4.488  -11.222 -2.000  1.00 15.98 ? 605  ASN A O     1 
ATOM   83   C CB    . ASN A 1 12  ? -7.589  -11.344 -1.247  1.00 14.72 ? 605  ASN A CB    1 
ATOM   84   C CG    . ASN A 1 12  ? -8.487  -11.920 -0.161  1.00 23.79 ? 605  ASN A CG    1 
ATOM   85   O OD1   . ASN A 1 12  ? -8.017  -12.327 0.911   1.00 23.91 ? 605  ASN A OD1   1 
ATOM   86   N ND2   . ASN A 1 12  ? -9.790  -11.952 -0.431  1.00 22.88 ? 605  ASN A ND2   1 
ATOM   87   N N     . ASN A 1 13  ? -5.442  -9.236  -2.432  1.00 13.08 ? 606  ASN A N     1 
ATOM   88   C CA    . ASN A 1 13  ? -4.574  -8.955  -3.564  1.00 13.99 ? 606  ASN A CA    1 
ATOM   89   C C     . ASN A 1 13  ? -4.042  -7.539  -3.502  1.00 12.86 ? 606  ASN A C     1 
ATOM   90   O O     . ASN A 1 13  ? -4.802  -6.571  -3.513  1.00 13.36 ? 606  ASN A O     1 
ATOM   91   C CB    . ASN A 1 13  ? -5.326  -9.183  -4.859  1.00 14.15 ? 606  ASN A CB    1 
ATOM   92   C CG    . ASN A 1 13  ? -5.777  -10.623 -5.011  1.00 13.89 ? 606  ASN A CG    1 
ATOM   93   O OD1   . ASN A 1 13  ? -6.961  -10.914 -4.941  1.00 21.64 ? 606  ASN A OD1   1 
ATOM   94   N ND2   . ASN A 1 13  ? -4.826  -11.530 -5.204  1.00 17.77 ? 606  ASN A ND2   1 
ATOM   95   N N     . TRP A 1 14  ? -2.727  -7.422  -3.448  1.00 12.38 ? 607  TRP A N     1 
ATOM   96   C CA    . TRP A 1 14  ? -2.127  -6.108  -3.345  1.00 10.65 ? 607  TRP A CA    1 
ATOM   97   C C     . TRP A 1 14  ? -0.817  -6.048  -4.100  1.00 10.10 ? 607  TRP A C     1 
ATOM   98   O O     . TRP A 1 14  ? -0.211  -7.078  -4.412  1.00 10.93 ? 607  TRP A O     1 
ATOM   99   C CB    . TRP A 1 14  ? -1.916  -5.751  -1.870  1.00 9.26  ? 607  TRP A CB    1 
ATOM   100  C CG    . TRP A 1 14  ? -1.042  -6.721  -1.120  1.00 9.95  ? 607  TRP A CG    1 
ATOM   101  C CD1   . TRP A 1 14  ? -1.440  -7.880  -0.511  1.00 10.41 ? 607  TRP A CD1   1 
ATOM   102  C CD2   . TRP A 1 14  ? 0.374   -6.613  -0.880  1.00 9.88  ? 607  TRP A CD2   1 
ATOM   103  N NE1   . TRP A 1 14  ? -0.365  -8.498  0.080   1.00 12.07 ? 607  TRP A NE1   1 
ATOM   104  C CE2   . TRP A 1 14  ? 0.757   -7.742  -0.133  1.00 10.61 ? 607  TRP A CE2   1 
ATOM   105  C CE3   . TRP A 1 14  ? 1.355   -5.676  -1.238  1.00 10.44 ? 607  TRP A CE3   1 
ATOM   106  C CZ2   . TRP A 1 14  ? 2.075   -7.959  0.278   1.00 12.27 ? 607  TRP A CZ2   1 
ATOM   107  C CZ3   . TRP A 1 14  ? 2.663   -5.893  -0.825  1.00 12.71 ? 607  TRP A CZ3   1 
ATOM   108  C CH2   . TRP A 1 14  ? 3.013   -7.035  -0.086  1.00 12.24 ? 607  TRP A CH2   1 
ATOM   109  N N     . ILE A 1 15  ? -0.370  -4.831  -4.382  1.00 8.71  ? 608  ILE A N     1 
ATOM   110  C CA    . ILE A 1 15  ? 0.927   -4.604  -5.018  1.00 8.93  ? 608  ILE A CA    1 
ATOM   111  C C     . ILE A 1 15  ? 1.614   -3.389  -4.407  1.00 10.93 ? 608  ILE A C     1 
ATOM   112  O O     . ILE A 1 15  ? 0.987   -2.591  -3.712  1.00 9.51  ? 608  ILE A O     1 
ATOM   113  C CB    . ILE A 1 15  ? 0.791   -4.389  -6.539  1.00 10.44 ? 608  ILE A CB    1 
ATOM   114  C CG1   . ILE A 1 15  ? -0.262  -3.324  -6.826  1.00 10.91 ? 608  ILE A CG1   1 
ATOM   115  C CG2   . ILE A 1 15  ? 0.456   -5.733  -7.248  1.00 11.29 ? 608  ILE A CG2   1 
ATOM   116  C CD1   . ILE A 1 15  ? -0.275  -2.827  -8.273  1.00 12.26 ? 608  ILE A CD1   1 
ATOM   117  N N     . CYS A 1 16  ? 2.911   -3.256  -4.669  1.00 8.72  ? 609  CYS A N     1 
ATOM   118  C CA    . CYS A 1 16  ? 3.674   -2.122  -4.163  1.00 9.69  ? 609  CYS A CA    1 
ATOM   119  C C     . CYS A 1 16  ? 4.401   -1.456  -5.306  1.00 9.31  ? 609  CYS A C     1 
ATOM   120  O O     . CYS A 1 16  ? 4.974   -2.135  -6.168  1.00 11.12 ? 609  CYS A O     1 
ATOM   121  C CB    . CYS A 1 16  ? 4.680   -2.578  -3.096  1.00 10.02 ? 609  CYS A CB    1 
ATOM   122  S SG    . CYS A 1 16  ? 5.864   -1.303  -2.550  1.00 10.71 ? 609  CYS A SG    1 
ATOM   123  N N     . ILE A 1 17  ? 4.356   -0.129  -5.331  1.00 8.12  ? 610  ILE A N     1 
ATOM   124  C CA    . ILE A 1 17  ? 5.204   0.637   -6.240  1.00 11.27 ? 610  ILE A CA    1 
ATOM   125  C C     . ILE A 1 17  ? 6.073   1.578   -5.420  1.00 9.14  ? 610  ILE A C     1 
ATOM   126  O O     . ILE A 1 17  ? 5.585   2.277   -4.528  1.00 9.88  ? 610  ILE A O     1 
ATOM   127  C CB    . ILE A 1 17  ? 4.384   1.430   -7.266  1.00 10.30 ? 610  ILE A CB    1 
ATOM   128  C CG1   . ILE A 1 17  ? 3.583   0.466   -8.143  1.00 11.79 ? 610  ILE A CG1   1 
ATOM   129  C CG2   . ILE A 1 17  ? 5.318   2.297   -8.160  1.00 11.62 ? 610  ILE A CG2   1 
ATOM   130  C CD1   . ILE A 1 17  ? 2.555   1.153   -9.026  1.00 14.37 ? 610  ILE A CD1   1 
ATOM   131  N N     . ASN A 1 18  ? 7.367   1.586   -5.735  1.00 9.57  ? 611  ASN A N     1 
ATOM   132  C CA    . ASN A 1 18  ? 8.341   2.419   -5.047  1.00 9.79  ? 611  ASN A CA    1 
ATOM   133  C C     . ASN A 1 18  ? 8.816   3.559   -5.936  1.00 9.51  ? 611  ASN A C     1 
ATOM   134  O O     . ASN A 1 18  ? 9.123   3.348   -7.112  1.00 11.92 ? 611  ASN A O     1 
ATOM   135  C CB    . ASN A 1 18  ? 9.541   1.576   -4.626  1.00 11.30 ? 611  ASN A CB    1 
ATOM   136  C CG    . ASN A 1 18  ? 10.703  2.422   -4.145  1.00 9.83  ? 611  ASN A CG    1 
ATOM   137  O OD1   . ASN A 1 18  ? 10.528  3.325   -3.323  1.00 9.09  ? 611  ASN A OD1   1 
ATOM   138  N ND2   . ASN A 1 18  ? 11.897  2.150   -4.671  1.00 10.16 ? 611  ASN A ND2   1 
ATOM   139  N N     . PHE A 1 19  ? 8.851   4.764   -5.368  1.00 9.49  ? 612  PHE A N     1 
ATOM   140  C CA    . PHE A 1 19  ? 9.304   5.961   -6.083  1.00 9.86  ? 612  PHE A CA    1 
ATOM   141  C C     . PHE A 1 19  ? 10.550  6.583   -5.456  1.00 9.28  ? 612  PHE A C     1 
ATOM   142  O O     . PHE A 1 19  ? 10.991  7.659   -5.883  1.00 12.42 ? 612  PHE A O     1 
ATOM   143  C CB    . PHE A 1 19  ? 8.182   7.016   -6.142  1.00 11.45 ? 612  PHE A CB    1 
ATOM   144  C CG    . PHE A 1 19  ? 7.090   6.679   -7.112  1.00 11.42 ? 612  PHE A CG    1 
ATOM   145  C CD1   . PHE A 1 19  ? 5.897   6.119   -6.673  1.00 13.93 ? 612  PHE A CD1   1 
ATOM   146  C CD2   . PHE A 1 19  ? 7.258   6.905   -8.465  1.00 14.44 ? 612  PHE A CD2   1 
ATOM   147  C CE1   . PHE A 1 19  ? 4.890   5.798   -7.574  1.00 15.12 ? 612  PHE A CE1   1 
ATOM   148  C CE2   . PHE A 1 19  ? 6.251   6.583   -9.377  1.00 13.92 ? 612  PHE A CE2   1 
ATOM   149  C CZ    . PHE A 1 19  ? 5.069   6.026   -8.927  1.00 13.53 ? 612  PHE A CZ    1 
ATOM   150  N N     . SER A 1 20  ? 11.108  5.926   -4.441  1.00 9.11  ? 613  SER A N     1 
ATOM   151  C CA    . SER A 1 20  ? 12.295  6.437   -3.761  1.00 10.10 ? 613  SER A CA    1 
ATOM   152  C C     . SER A 1 20  ? 13.597  5.797   -4.239  1.00 9.29  ? 613  SER A C     1 
ATOM   153  O O     . SER A 1 20  ? 13.755  4.589   -4.147  1.00 9.25  ? 613  SER A O     1 
ATOM   154  C CB    . SER A 1 20  ? 12.169  6.229   -2.257  1.00 13.05 ? 613  SER A CB    1 
ATOM   155  O OG    . SER A 1 20  ? 13.371  6.614   -1.616  1.00 15.11 ? 613  SER A OG    1 
ATOM   156  N N     . ARG A 1 21  ? 14.538  6.607   -4.716  1.00 10.67 ? 614  ARG A N     1 
ATOM   157  C CA    . ARG A 1 21  ? 15.831  6.068   -5.155  1.00 9.74  ? 614  ARG A CA    1 
ATOM   158  C C     . ARG A 1 21  ? 16.726  5.602   -4.003  1.00 11.95 ? 614  ARG A C     1 
ATOM   159  O O     . ARG A 1 21  ? 17.794  5.028   -4.234  1.00 10.92 ? 614  ARG A O     1 
ATOM   160  C CB    . ARG A 1 21  ? 16.566  7.081   -6.046  1.00 12.01 ? 614  ARG A CB    1 
ATOM   161  C CG    . ARG A 1 21  ? 15.741  7.492   -7.264  1.00 16.25 ? 614  ARG A CG    1 
ATOM   162  C CD    . ARG A 1 21  ? 16.592  7.671   -8.501  1.00 22.07 ? 614  ARG A CD    1 
ATOM   163  N NE    . ARG A 1 21  ? 15.933  8.560   -9.454  1.00 25.93 ? 614  ARG A NE    1 
ATOM   164  C CZ    . ARG A 1 21  ? 16.404  8.861   -10.662 1.00 29.73 ? 614  ARG A CZ    1 
ATOM   165  N NH1   . ARG A 1 21  ? 15.725  9.694   -11.443 1.00 38.37 ? 614  ARG A NH1   1 
ATOM   166  N NH2   . ARG A 1 21  ? 17.546  8.337   -11.094 1.00 22.13 ? 614  ARG A NH2   1 
ATOM   167  N N     . GLN A 1 22  ? 16.286  5.834   -2.767  1.00 11.26 ? 615  GLN A N     1 
ATOM   168  C CA    . GLN A 1 22  ? 17.023  5.369   -1.587  1.00 13.90 ? 615  GLN A CA    1 
ATOM   169  C C     . GLN A 1 22  ? 16.588  3.977   -1.152  1.00 11.42 ? 615  GLN A C     1 
ATOM   170  O O     . GLN A 1 22  ? 17.153  3.402   -0.220  1.00 12.59 ? 615  GLN A O     1 
ATOM   171  C CB    . GLN A 1 22  ? 16.824  6.337   -0.418  1.00 12.63 ? 615  GLN A CB    1 
ATOM   172  C CG    . GLN A 1 22  ? 17.413  7.703   -0.646  1.00 15.78 ? 615  GLN A CG    1 
ATOM   173  C CD    . GLN A 1 22  ? 16.935  8.691   0.403   1.00 28.77 ? 615  GLN A CD    1 
ATOM   174  O OE1   . GLN A 1 22  ? 17.598  8.903   1.411   1.00 36.41 ? 615  GLN A OE1   1 
ATOM   175  N NE2   . GLN A 1 22  ? 15.763  9.271   0.184   1.00 29.58 ? 615  GLN A NE2   1 
ATOM   176  N N     . VAL A 1 23  ? 15.580  3.440   -1.829  1.00 11.35 ? 616  VAL A N     1 
ATOM   177  C CA    . VAL A 1 23  ? 14.970  2.178   -1.436  1.00 8.69  ? 616  VAL A CA    1 
ATOM   178  C C     . VAL A 1 23  ? 15.191  1.125   -2.522  1.00 8.86  ? 616  VAL A C     1 
ATOM   179  O O     . VAL A 1 23  ? 14.733  1.276   -3.651  1.00 11.24 ? 616  VAL A O     1 
ATOM   180  C CB    . VAL A 1 23  ? 13.465  2.369   -1.158  1.00 10.80 ? 616  VAL A CB    1 
ATOM   181  C CG1   . VAL A 1 23  ? 12.767  1.017   -0.943  1.00 12.14 ? 616  VAL A CG1   1 
ATOM   182  C CG2   . VAL A 1 23  ? 13.264  3.297   0.064   1.00 11.82 ? 616  VAL A CG2   1 
ATOM   183  N N     . GLN A 1 24  ? 15.933  0.078   -2.180  1.00 10.31 ? 617  GLN A N     1 
ATOM   184  C CA    . GLN A 1 24  ? 16.124  -1.057  -3.087  1.00 9.92  ? 617  GLN A CA    1 
ATOM   185  C C     . GLN A 1 24  ? 14.918  -1.997  -3.031  1.00 11.92 ? 617  GLN A C     1 
ATOM   186  O O     . GLN A 1 24  ? 14.144  -1.965  -2.079  1.00 11.63 ? 617  GLN A O     1 
ATOM   187  C CB    . GLN A 1 24  ? 17.405  -1.835  -2.737  1.00 11.64 ? 617  GLN A CB    1 
ATOM   188  C CG    . GLN A 1 24  ? 17.342  -2.655  -1.451  1.00 12.93 ? 617  GLN A CG    1 
ATOM   189  C CD    . GLN A 1 24  ? 17.744  -1.859  -0.218  1.00 17.43 ? 617  GLN A CD    1 
ATOM   190  O OE1   . GLN A 1 24  ? 17.508  -0.658  -0.143  1.00 19.23 ? 617  GLN A OE1   1 
ATOM   191  N NE2   . GLN A 1 24  ? 18.352  -2.538  0.764   1.00 21.36 ? 617  GLN A NE2   1 
ATOM   192  N N     . ASP A 1 25  ? 14.774  -2.836  -4.055  1.00 12.54 ? 618  ASP A N     1 
ATOM   193  C CA    . ASP A 1 25  ? 13.649  -3.765  -4.158  1.00 15.05 ? 618  ASP A CA    1 
ATOM   194  C C     . ASP A 1 25  ? 13.420  -4.577  -2.887  1.00 12.49 ? 618  ASP A C     1 
ATOM   195  O O     . ASP A 1 25  ? 12.284  -4.685  -2.403  1.00 12.97 ? 618  ASP A O     1 
ATOM   196  C CB    . ASP A 1 25  ? 13.798  -4.691  -5.394  1.00 14.46 ? 618  ASP A CB    1 
ATOM   197  C CG    . ASP A 1 25  ? 15.124  -5.469  -5.426  1.00 16.06 ? 618  ASP A CG    1 
ATOM   198  O OD1   . ASP A 1 25  ? 15.925  -5.422  -4.457  1.00 13.54 ? 618  ASP A OD1   1 
ATOM   199  O OD2   . ASP A 1 25  ? 15.365  -6.145  -6.453  1.00 18.73 ? 618  ASP A OD2   1 
ATOM   200  N N     . ASN A 1 26  ? 14.499  -5.107  -2.321  1.00 15.40 ? 619  ASN A N     1 
ATOM   201  C CA    . ASN A 1 26  ? 14.391  -5.979  -1.163  1.00 16.62 ? 619  ASN A CA    1 
ATOM   202  C C     . ASN A 1 26  ? 13.879  -5.258  0.079   1.00 15.19 ? 619  ASN A C     1 
ATOM   203  O O     . ASN A 1 26  ? 13.212  -5.861  0.914   1.00 13.04 ? 619  ASN A O     1 
ATOM   204  C CB    . ASN A 1 26  ? 15.726  -6.673  -0.866  1.00 20.81 ? 619  ASN A CB    1 
ATOM   205  C CG    . ASN A 1 26  ? 15.572  -7.841  0.088   1.00 28.48 ? 619  ASN A CG    1 
ATOM   206  O OD1   . ASN A 1 26  ? 14.944  -8.848  -0.249  1.00 32.27 ? 619  ASN A OD1   1 
ATOM   207  N ND2   . ASN A 1 26  ? 16.129  -7.709  1.292   1.00 30.14 ? 619  ASN A ND2   1 
ATOM   208  N N     . LEU A 1 27  ? 14.194  -3.970  0.199   1.00 14.20 ? 620  LEU A N     1 
ATOM   209  C CA    . LEU A 1 27  ? 13.743  -3.192  1.345   1.00 12.60 ? 620  LEU A CA    1 
ATOM   210  C C     . LEU A 1 27  ? 12.261  -2.888  1.193   1.00 11.24 ? 620  LEU A C     1 
ATOM   211  O O     . LEU A 1 27  ? 11.506  -2.973  2.166   1.00 12.08 ? 620  LEU A O     1 
ATOM   212  C CB    . LEU A 1 27  ? 14.543  -1.898  1.491   1.00 14.19 ? 620  LEU A CB    1 
ATOM   213  C CG    . LEU A 1 27  ? 14.059  -0.909  2.558   1.00 14.93 ? 620  LEU A CG    1 
ATOM   214  C CD1   . LEU A 1 27  ? 14.069  -1.535  3.950   1.00 18.41 ? 620  LEU A CD1   1 
ATOM   215  C CD2   . LEU A 1 27  ? 14.899  0.370   2.533   1.00 14.06 ? 620  LEU A CD2   1 
ATOM   216  N N     . ALA A 1 28  ? 11.835  -2.574  -0.029  1.00 11.01 ? 621  ALA A N     1 
ATOM   217  C CA    . ALA A 1 28  ? 10.403  -2.419  -0.295  1.00 11.71 ? 621  ALA A CA    1 
ATOM   218  C C     . ALA A 1 28  ? 9.672   -3.715  0.074   1.00 11.71 ? 621  ALA A C     1 
ATOM   219  O O     . ALA A 1 28  ? 8.622   -3.689  0.716   1.00 11.87 ? 621  ALA A O     1 
ATOM   220  C CB    . ALA A 1 28  ? 10.160  -2.074  -1.752  1.00 11.72 ? 621  ALA A CB    1 
ATOM   221  N N     . ARG A 1 29  ? 10.231  -4.852  -0.335  1.00 11.50 ? 622  ARG A N     1 
ATOM   222  C CA    . ARG A 1 29  ? 9.637   -6.145  -0.006  1.00 12.91 ? 622  ARG A CA    1 
ATOM   223  C C     . ARG A 1 29  ? 9.522   -6.354  1.495   1.00 12.08 ? 622  ARG A C     1 
ATOM   224  O O     . ARG A 1 29  ? 8.466   -6.754  2.007   1.00 12.01 ? 622  ARG A O     1 
ATOM   225  C CB    . ARG A 1 29  ? 10.456  -7.287  -0.627  1.00 13.78 ? 622  ARG A CB    1 
ATOM   226  C CG    . ARG A 1 29  ? 10.243  -7.445  -2.108  1.00 21.92 ? 622  ARG A CG    1 
ATOM   227  C CD    . ARG A 1 29  ? 10.684  -8.830  -2.582  1.00 29.90 ? 622  ARG A CD    1 
ATOM   228  N NE    . ARG A 1 29  ? 12.135  -8.983  -2.531  1.00 30.62 ? 622  ARG A NE    1 
ATOM   229  C CZ    . ARG A 1 29  ? 12.961  -8.574  -3.491  1.00 29.52 ? 622  ARG A CZ    1 
ATOM   230  N NH1   . ARG A 1 29  ? 14.270  -8.750  -3.359  1.00 24.45 ? 622  ARG A NH1   1 
ATOM   231  N NH2   . ARG A 1 29  ? 12.480  -7.984  -4.579  1.00 30.22 ? 622  ARG A NH2   1 
ATOM   232  N N     . THR A 1 30  ? 10.616  -6.099  2.202   1.00 12.47 ? 623  THR A N     1 
ATOM   233  C CA    . THR A 1 30  ? 10.655  -6.320  3.645   1.00 13.86 ? 623  THR A CA    1 
ATOM   234  C C     . THR A 1 30  ? 9.682   -5.394  4.384   1.00 14.51 ? 623  THR A C     1 
ATOM   235  O O     . THR A 1 30  ? 8.969   -5.815  5.300   1.00 13.26 ? 623  THR A O     1 
ATOM   236  C CB    . THR A 1 30  ? 12.071  -6.124  4.185   1.00 14.43 ? 623  THR A CB    1 
ATOM   237  O OG1   . THR A 1 30  ? 12.908  -7.162  3.661   1.00 20.03 ? 623  THR A OG1   1 
ATOM   238  C CG2   . THR A 1 30  ? 12.067  -6.199  5.715   1.00 24.12 ? 623  THR A CG2   1 
ATOM   239  N N     . PHE A 1 31  ? 9.638   -4.136  3.969   1.00 10.84 ? 624  PHE A N     1 
ATOM   240  C CA    . PHE A 1 31  ? 8.696   -3.187  4.538   1.00 12.12 ? 624  PHE A CA    1 
ATOM   241  C C     . PHE A 1 31  ? 7.251   -3.655  4.372   1.00 12.15 ? 624  PHE A C     1 
ATOM   242  O O     . PHE A 1 31  ? 6.460   -3.614  5.330   1.00 9.99  ? 624  PHE A O     1 
ATOM   243  C CB    . PHE A 1 31  ? 8.879   -1.805  3.904   1.00 11.77 ? 624  PHE A CB    1 
ATOM   244  C CG    . PHE A 1 31  ? 7.836   -0.818  4.321   1.00 13.13 ? 624  PHE A CG    1 
ATOM   245  C CD1   . PHE A 1 31  ? 6.729   -0.582  3.526   1.00 12.28 ? 624  PHE A CD1   1 
ATOM   246  C CD2   . PHE A 1 31  ? 7.954   -0.140  5.527   1.00 13.51 ? 624  PHE A CD2   1 
ATOM   247  C CE1   . PHE A 1 31  ? 5.757   0.323   3.916   1.00 13.81 ? 624  PHE A CE1   1 
ATOM   248  C CE2   . PHE A 1 31  ? 6.984   0.762   5.929   1.00 15.02 ? 624  PHE A CE2   1 
ATOM   249  C CZ    . PHE A 1 31  ? 5.885   0.998   5.127   1.00 15.87 ? 624  PHE A CZ    1 
ATOM   250  N N     . CYS A 1 32  ? 6.905   -4.092  3.163   1.00 11.87 ? 625  CYS A N     1 
ATOM   251  C CA    . CYS A 1 32  ? 5.543   -4.528  2.891   1.00 11.21 ? 625  CYS A CA    1 
ATOM   252  C C     . CYS A 1 32  ? 5.207   -5.791  3.678   1.00 12.88 ? 625  CYS A C     1 
ATOM   253  O O     . CYS A 1 32  ? 4.075   -5.966  4.135   1.00 11.22 ? 625  CYS A O     1 
ATOM   254  C CB    . CYS A 1 32  ? 5.330   -4.790  1.399   1.00 10.80 ? 625  CYS A CB    1 
ATOM   255  S SG    . CYS A 1 32  ? 5.290   -3.305  0.390   1.00 11.55 ? 625  CYS A SG    1 
ATOM   256  N N     . GLN A 1 33  ? 6.190   -6.675  3.830   1.00 11.64 ? 626  GLN A N     1 
ATOM   257  C CA    . GLN A 1 33  ? 5.979   -7.885  4.609   1.00 13.51 ? 626  GLN A CA    1 
ATOM   258  C C     . GLN A 1 33  ? 5.668   -7.563  6.065   1.00 12.39 ? 626  GLN A C     1 
ATOM   259  O O     . GLN A 1 33  ? 4.767   -8.154  6.656   1.00 13.26 ? 626  GLN A O     1 
ATOM   260  C CB    . GLN A 1 33  ? 7.188   -8.801  4.491   1.00 14.98 ? 626  GLN A CB    1 
ATOM   261  C CG    . GLN A 1 33  ? 7.365   -9.330  3.101   1.00 22.54 ? 626  GLN A CG    1 
ATOM   262  C CD    . GLN A 1 33  ? 8.560   -10.245 2.975   1.00 32.42 ? 626  GLN A CD    1 
ATOM   263  O OE1   . GLN A 1 33  ? 8.642   -11.052 2.046   1.00 35.18 ? 626  GLN A OE1   1 
ATOM   264  N NE2   . GLN A 1 33  ? 9.495   -10.130 3.912   1.00 31.04 ? 626  GLN A NE2   1 
ATOM   265  N N     . GLU A 1 34  ? 6.398   -6.611  6.639   1.00 12.21 ? 627  GLU A N     1 
ATOM   266  C CA    . GLU A 1 34  ? 6.131   -6.206  8.016   1.00 14.64 ? 627  GLU A CA    1 
ATOM   267  C C     . GLU A 1 34  ? 4.765   -5.530  8.160   1.00 13.29 ? 627  GLU A C     1 
ATOM   268  O O     . GLU A 1 34  ? 4.050   -5.741  9.154   1.00 12.34 ? 627  GLU A O     1 
ATOM   269  C CB    . GLU A 1 34  ? 7.240   -5.299  8.529   1.00 15.19 ? 627  GLU A CB    1 
ATOM   270  C CG    . GLU A 1 34  ? 8.583   -6.009  8.661   1.00 18.50 ? 627  GLU A CG    1 
ATOM   271  C CD    . GLU A 1 34  ? 8.535   -7.127  9.686   1.00 28.23 ? 627  GLU A CD    1 
ATOM   272  O OE1   . GLU A 1 34  ? 8.011   -6.882  10.792  1.00 27.04 ? 627  GLU A OE1   1 
ATOM   273  O OE2   . GLU A 1 34  ? 9.011   -8.242  9.387   1.00 29.98 ? 627  GLU A OE2   1 
ATOM   274  N N     . LEU A 1 35  ? 4.400   -4.719  7.173   1.00 10.87 ? 628  LEU A N     1 
ATOM   275  C CA    . LEU A 1 35  ? 3.088   -4.066  7.185   1.00 10.78 ? 628  LEU A CA    1 
ATOM   276  C C     . LEU A 1 35  ? 1.945   -5.072  7.046   1.00 12.30 ? 628  LEU A C     1 
ATOM   277  O O     . LEU A 1 35  ? 0.937   -4.994  7.765   1.00 9.84  ? 628  LEU A O     1 
ATOM   278  C CB    . LEU A 1 35  ? 3.014   -3.020  6.068   1.00 11.58 ? 628  LEU A CB    1 
ATOM   279  C CG    . LEU A 1 35  ? 1.739   -2.175  5.986   1.00 12.26 ? 628  LEU A CG    1 
ATOM   280  C CD1   . LEU A 1 35  ? 1.417   -1.480  7.311   1.00 12.91 ? 628  LEU A CD1   1 
ATOM   281  C CD2   . LEU A 1 35  ? 1.866   -1.149  4.854   1.00 11.49 ? 628  LEU A CD2   1 
ATOM   282  N N     . ALA A 1 36  ? 2.108   -6.017  6.121   1.00 11.34 ? 629  ALA A N     1 
ATOM   283  C CA    . ALA A 1 36  ? 1.119   -7.080  5.928   1.00 9.10  ? 629  ALA A CA    1 
ATOM   284  C C     . ALA A 1 36  ? 0.920   -7.883  7.210   1.00 10.11 ? 629  ALA A C     1 
ATOM   285  O O     . ALA A 1 36  ? -0.202  -8.250  7.560   1.00 9.29  ? 629  ALA A O     1 
ATOM   286  C CB    . ALA A 1 36  ? 1.546   -8.004  4.772   1.00 11.72 ? 629  ALA A CB    1 
ATOM   287  N N     . GLN A 1 37  ? 2.017   -8.162  7.899   1.00 11.26 ? 630  GLN A N     1 
ATOM   288  C CA    . GLN A 1 37  ? 1.963   -8.909  9.153   1.00 12.62 ? 630  GLN A CA    1 
ATOM   289  C C     . GLN A 1 37  ? 1.205   -8.122  10.229  1.00 10.44 ? 630  GLN A C     1 
ATOM   290  O O     . GLN A 1 37  ? 0.347   -8.672  10.921  1.00 10.21 ? 630  GLN A O     1 
ATOM   291  C CB    . GLN A 1 37  ? 3.380   -9.242  9.619   1.00 13.31 ? 630  GLN A CB    1 
ATOM   292  C CG    . GLN A 1 37  ? 3.466   -9.860  11.000  1.00 18.28 ? 630  GLN A CG    1 
ATOM   293  C CD    . GLN A 1 37  ? 4.904   -9.964  11.474  1.00 27.56 ? 630  GLN A CD    1 
ATOM   294  O OE1   . GLN A 1 37  ? 5.706   -10.700 10.896  1.00 28.66 ? 630  GLN A OE1   1 
ATOM   295  N NE2   . GLN A 1 37  ? 5.243   -9.208  12.513  1.00 28.70 ? 630  GLN A NE2   1 
ATOM   296  N N     . MET A 1 38  ? 1.514   -6.835  10.364  1.00 9.22  ? 631  MET A N     1 
ATOM   297  C CA    . MET A 1 38  ? 0.807   -5.998  11.332  1.00 12.14 ? 631  MET A CA    1 
ATOM   298  C C     . MET A 1 38  ? -0.701  -5.923  11.034  1.00 10.16 ? 631  MET A C     1 
ATOM   299  O O     . MET A 1 38  ? -1.541  -6.033  11.944  1.00 8.36  ? 631  MET A O     1 
ATOM   300  C CB    . MET A 1 38  ? 1.434   -4.590  11.372  1.00 10.78 ? 631  MET A CB    1 
ATOM   301  C CG    . MET A 1 38  ? 0.726   -3.615  12.306  1.00 11.83 ? 631  MET A CG    1 
ATOM   302  S SD    . MET A 1 38  ? 0.759   -4.093  14.053  1.00 14.11 ? 631  MET A SD    1 
ATOM   303  C CE    . MET A 1 38  ? 2.454   -3.703  14.488  1.00 17.28 ? 631  MET A CE    1 
ATOM   304  N N     . CYS A 1 39  ? -1.049  -5.741  9.765   1.00 9.22  ? 632  CYS A N     1 
ATOM   305  C CA    . CYS A 1 39  ? -2.455  -5.671  9.383   1.00 8.43  ? 632  CYS A CA    1 
ATOM   306  C C     . CYS A 1 39  ? -3.182  -6.935  9.799   1.00 8.50  ? 632  CYS A C     1 
ATOM   307  O O     . CYS A 1 39  ? -4.277  -6.878  10.362  1.00 8.26  ? 632  CYS A O     1 
ATOM   308  C CB    . CYS A 1 39  ? -2.611  -5.481  7.882   1.00 8.03  ? 632  CYS A CB    1 
ATOM   309  S SG    . CYS A 1 39  ? -2.243  -3.828  7.312   1.00 10.33 ? 632  CYS A SG    1 
ATOM   310  N N     . TYR A 1 40  ? -2.547  -8.072  9.529   1.00 9.49  ? 633  TYR A N     1 
ATOM   311  C CA    . TYR A 1 40  ? -3.099  -9.373  9.889   1.00 9.46  ? 633  TYR A CA    1 
ATOM   312  C C     . TYR A 1 40  ? -3.324  -9.554  11.399  1.00 7.40  ? 633  TYR A C     1 
ATOM   313  O O     . TYR A 1 40  ? -4.441  -9.852  11.830  1.00 9.74  ? 633  TYR A O     1 
ATOM   314  C CB    . TYR A 1 40  ? -2.219  -10.504 9.315   1.00 9.00  ? 633  TYR A CB    1 
ATOM   315  C CG    . TYR A 1 40  ? -2.499  -11.857 9.929   1.00 9.97  ? 633  TYR A CG    1 
ATOM   316  C CD1   . TYR A 1 40  ? -3.767  -12.410 9.875   1.00 9.75  ? 633  TYR A CD1   1 
ATOM   317  C CD2   . TYR A 1 40  ? -1.494  -12.567 10.579  1.00 11.72 ? 633  TYR A CD2   1 
ATOM   318  C CE1   . TYR A 1 40  ? -4.037  -13.645 10.455  1.00 9.62  ? 633  TYR A CE1   1 
ATOM   319  C CE2   . TYR A 1 40  ? -1.752  -13.804 11.152  1.00 13.18 ? 633  TYR A CE2   1 
ATOM   320  C CZ    . TYR A 1 40  ? -3.022  -14.334 11.080  1.00 10.41 ? 633  TYR A CZ    1 
ATOM   321  O OH    . TYR A 1 40  ? -3.306  -15.564 11.648  1.00 11.69 ? 633  TYR A OH    1 
ATOM   322  N N     . VAL A 1 41  ? -2.270  -9.372  12.199  1.00 8.48  ? 634  VAL A N     1 
ATOM   323  C CA    . VAL A 1 41  ? -2.374  -9.645  13.633  1.00 9.49  ? 634  VAL A CA    1 
ATOM   324  C C     . VAL A 1 41  ? -3.258  -8.620  14.334  1.00 11.42 ? 634  VAL A C     1 
ATOM   325  O O     . VAL A 1 41  ? -3.713  -8.852  15.465  1.00 12.29 ? 634  VAL A O     1 
ATOM   326  C CB    . VAL A 1 41  ? -1.003  -9.752  14.342  1.00 11.44 ? 634  VAL A CB    1 
ATOM   327  C CG1   . VAL A 1 41  ? -0.207  -10.923 13.790  1.00 11.90 ? 634  VAL A CG1   1 
ATOM   328  C CG2   . VAL A 1 41  ? -0.212  -8.429  14.241  1.00 10.67 ? 634  VAL A CG2   1 
ATOM   329  N N     . SER A 1 42  ? -3.519  -7.505  13.657  1.00 9.08  ? 635  SER A N     1 
ATOM   330  C CA    . SER A 1 42  ? -4.452  -6.501  14.168  1.00 8.98  ? 635  SER A CA    1 
ATOM   331  C C     . SER A 1 42  ? -5.910  -6.912  13.937  1.00 11.01 ? 635  SER A C     1 
ATOM   332  O O     . SER A 1 42  ? -6.818  -6.348  14.559  1.00 12.77 ? 635  SER A O     1 
ATOM   333  C CB    . SER A 1 42  ? -4.193  -5.140  13.514  1.00 11.52 ? 635  SER A CB    1 
ATOM   334  O OG    . SER A 1 42  ? -2.904  -4.654  13.856  1.00 12.28 ? 635  SER A OG    1 
ATOM   335  N N     . GLY A 1 43  ? -6.136  -7.861  13.030  1.00 9.47  ? 636  GLY A N     1 
ATOM   336  C CA    . GLY A 1 43  ? -7.473  -8.393  12.811  1.00 12.55 ? 636  GLY A CA    1 
ATOM   337  C C     . GLY A 1 43  ? -7.933  -8.423  11.366  1.00 11.77 ? 636  GLY A C     1 
ATOM   338  O O     . GLY A 1 43  ? -9.085  -8.743  11.090  1.00 10.36 ? 636  GLY A O     1 
ATOM   339  N N     . MET A 1 44  ? -7.048  -8.090  10.430  1.00 8.64  ? 637  MET A N     1 
ATOM   340  C CA    . MET A 1 44  ? -7.427  -8.146  9.017   1.00 8.54  ? 637  MET A CA    1 
ATOM   341  C C     . MET A 1 44  ? -7.112  -9.500  8.399   1.00 8.82  ? 637  MET A C     1 
ATOM   342  O O     . MET A 1 44  ? -6.222  -10.210 8.870   1.00 9.76  ? 637  MET A O     1 
ATOM   343  C CB    . MET A 1 44  ? -6.679  -7.077  8.223   1.00 10.10 ? 637  MET A CB    1 
ATOM   344  C CG    . MET A 1 44  ? -7.002  -5.660  8.648   1.00 8.97  ? 637  MET A CG    1 
ATOM   345  S SD    . MET A 1 44  ? -6.210  -4.446  7.563   1.00 10.37 ? 637  MET A SD    1 
ATOM   346  C CE    . MET A 1 44  ? -7.288  -4.501  6.127   1.00 9.76  ? 637  MET A CE    1 
ATOM   347  N N     . ALA A 1 45  ? -7.837  -9.842  7.336   1.00 7.78  ? 638  ALA A N     1 
ATOM   348  C CA    . ALA A 1 45  ? -7.373  -10.875 6.411   1.00 8.98  ? 638  ALA A CA    1 
ATOM   349  C C     . ALA A 1 45  ? -6.433  -10.159 5.455   1.00 10.73 ? 638  ALA A C     1 
ATOM   350  O O     . ALA A 1 45  ? -6.845  -9.206  4.793   1.00 12.52 ? 638  ALA A O     1 
ATOM   351  C CB    . ALA A 1 45  ? -8.539  -11.482 5.646   1.00 11.45 ? 638  ALA A CB    1 
ATOM   352  N N     . PHE A 1 46  ? -5.176  -10.588 5.386   1.00 10.25 ? 639  PHE A N     1 
ATOM   353  C CA    . PHE A 1 46  ? -4.192  -9.871  4.580   1.00 11.51 ? 639  PHE A CA    1 
ATOM   354  C C     . PHE A 1 46  ? -3.175  -10.852 4.002   1.00 10.04 ? 639  PHE A C     1 
ATOM   355  O O     . PHE A 1 46  ? -2.439  -11.507 4.732   1.00 11.26 ? 639  PHE A O     1 
ATOM   356  C CB    . PHE A 1 46  ? -3.507  -8.785  5.430   1.00 10.69 ? 639  PHE A CB    1 
ATOM   357  C CG    . PHE A 1 46  ? -2.883  -7.668  4.617   1.00 10.52 ? 639  PHE A CG    1 
ATOM   358  C CD1   . PHE A 1 46  ? -1.798  -7.917  3.790   1.00 11.68 ? 639  PHE A CD1   1 
ATOM   359  C CD2   . PHE A 1 46  ? -3.365  -6.365  4.711   1.00 10.51 ? 639  PHE A CD2   1 
ATOM   360  C CE1   . PHE A 1 46  ? -1.215  -6.886  3.041   1.00 13.42 ? 639  PHE A CE1   1 
ATOM   361  C CE2   . PHE A 1 46  ? -2.793  -5.336  3.965   1.00 10.77 ? 639  PHE A CE2   1 
ATOM   362  C CZ    . PHE A 1 46  ? -1.717  -5.598  3.133   1.00 13.61 ? 639  PHE A CZ    1 
ATOM   363  N N     . ASN A 1 47  ? -3.166  -10.968 2.681   1.00 10.60 ? 640  ASN A N     1 
ATOM   364  C CA    . ASN A 1 47  ? -2.270  -11.893 1.991   1.00 14.27 ? 640  ASN A CA    1 
ATOM   365  C C     . ASN A 1 47  ? -0.818  -11.517 2.272   1.00 15.39 ? 640  ASN A C     1 
ATOM   366  O O     . ASN A 1 47  ? -0.421  -10.378 2.065   1.00 14.99 ? 640  ASN A O     1 
ATOM   367  C CB    . ASN A 1 47  ? -2.562  -11.849 0.492   1.00 12.58 ? 640  ASN A CB    1 
ATOM   368  C CG    . ASN A 1 47  ? -1.890  -12.981 -0.287  1.00 14.92 ? 640  ASN A CG    1 
ATOM   369  O OD1   . ASN A 1 47  ? -0.919  -13.592 0.169   1.00 12.94 ? 640  ASN A OD1   1 
ATOM   370  N ND2   . ASN A 1 47  ? -2.414  -13.255 -1.474  1.00 14.64 ? 640  ASN A ND2   1 
ATOM   371  N N     . PRO A 1 48  ? -0.017  -12.465 2.773   1.00 12.28 ? 641  PRO A N     1 
ATOM   372  C CA    . PRO A 1 48  ? 1.372   -12.100 3.069   1.00 15.56 ? 641  PRO A CA    1 
ATOM   373  C C     . PRO A 1 48  ? 2.200   -11.835 1.814   1.00 15.78 ? 641  PRO A C     1 
ATOM   374  O O     . PRO A 1 48  ? 3.280   -11.265 1.945   1.00 19.53 ? 641  PRO A O     1 
ATOM   375  C CB    . PRO A 1 48  ? 1.913   -13.337 3.798   1.00 17.21 ? 641  PRO A CB    1 
ATOM   376  C CG    . PRO A 1 48  ? 1.067   -14.458 3.282   1.00 19.38 ? 641  PRO A CG    1 
ATOM   377  C CD    . PRO A 1 48  ? -0.314  -13.852 3.172   1.00 14.51 ? 641  PRO A CD    1 
ATOM   378  N N     . GLU A 1 49  ? 1.712   -12.236 0.641   1.00 15.21 ? 642  GLU A N     1 
ATOM   379  C CA    . GLU A 1 49  ? 2.448   -12.048 -0.620  1.00 17.19 ? 642  GLU A CA    1 
ATOM   380  C C     . GLU A 1 49  ? 1.677   -11.151 -1.580  1.00 13.87 ? 642  GLU A C     1 
ATOM   381  O O     . GLU A 1 49  ? 0.458   -11.220 -1.654  1.00 14.72 ? 642  GLU A O     1 
ATOM   382  C CB    . GLU A 1 49  ? 2.697   -13.395 -1.312  1.00 19.53 ? 642  GLU A CB    1 
ATOM   383  C CG    . GLU A 1 49  ? 3.384   -14.445 -0.449  1.00 20.74 ? 642  GLU A CG    1 
ATOM   384  C CD    . GLU A 1 49  ? 4.813   -14.090 -0.105  1.00 29.14 ? 642  GLU A CD    1 
ATOM   385  O OE1   . GLU A 1 49  ? 5.429   -13.271 -0.828  1.00 31.03 ? 642  GLU A OE1   1 
ATOM   386  O OE2   . GLU A 1 49  ? 5.330   -14.640 0.894   1.00 38.03 ? 642  GLU A OE2   1 
ATOM   387  N N     . PRO A 1 50  ? 2.391   -10.318 -2.341  1.00 13.37 ? 643  PRO A N     1 
ATOM   388  C CA    . PRO A 1 50  ? 1.744   -9.456  -3.338  1.00 12.22 ? 643  PRO A CA    1 
ATOM   389  C C     . PRO A 1 50  ? 1.468   -10.180 -4.650  1.00 12.06 ? 643  PRO A C     1 
ATOM   390  O O     . PRO A 1 50  ? 2.028   -11.258 -4.894  1.00 14.48 ? 643  PRO A O     1 
ATOM   391  C CB    . PRO A 1 50  ? 2.793   -8.364  -3.571  1.00 11.80 ? 643  PRO A CB    1 
ATOM   392  C CG    . PRO A 1 50  ? 4.090   -9.059  -3.337  1.00 14.41 ? 643  PRO A CG    1 
ATOM   393  C CD    . PRO A 1 50  ? 3.828   -10.023 -2.198  1.00 14.93 ? 643  PRO A CD    1 
ATOM   394  N N     . VAL A 1 51  ? 0.628   -9.587  -5.493  1.00 12.87 ? 644  VAL A N     1 
ATOM   395  C CA    . VAL A 1 51  ? 0.305   -10.173 -6.785  1.00 12.28 ? 644  VAL A CA    1 
ATOM   396  C C     . VAL A 1 51  ? 1.566   -10.215 -7.643  1.00 17.17 ? 644  VAL A C     1 
ATOM   397  O O     . VAL A 1 51  ? 1.827   -11.188 -8.357  1.00 15.92 ? 644  VAL A O     1 
ATOM   398  C CB    . VAL A 1 51  ? -0.776  -9.355  -7.520  1.00 12.55 ? 644  VAL A CB    1 
ATOM   399  C CG1   . VAL A 1 51  ? -1.092  -9.979  -8.889  1.00 15.26 ? 644  VAL A CG1   1 
ATOM   400  C CG2   . VAL A 1 51  ? -2.051  -9.272  -6.677  1.00 13.44 ? 644  VAL A CG2   1 
ATOM   401  N N     . LEU A 1 52  ? 2.337   -9.138  -7.557  1.00 12.61 ? 645  LEU A N     1 
ATOM   402  C CA    . LEU A 1 52  ? 3.597   -9.000  -8.275  1.00 13.39 ? 645  LEU A CA    1 
ATOM   403  C C     . LEU A 1 52  ? 4.590   -8.399  -7.292  1.00 12.37 ? 645  LEU A C     1 
ATOM   404  O O     . LEU A 1 52  ? 4.194   -7.735  -6.328  1.00 14.35 ? 645  LEU A O     1 
ATOM   405  C CB    . LEU A 1 52  ? 3.434   -8.083  -9.489  1.00 15.15 ? 645  LEU A CB    1 
ATOM   406  C CG    . LEU A 1 52  ? 2.556   -8.542  -10.658 1.00 19.11 ? 645  LEU A CG    1 
ATOM   407  C CD1   . LEU A 1 52  ? 2.414   -7.427  -11.697 1.00 19.17 ? 645  LEU A CD1   1 
ATOM   408  C CD2   . LEU A 1 52  ? 3.127   -9.807  -11.283 1.00 20.66 ? 645  LEU A CD2   1 
ATOM   409  N N     . PRO A 1 53  ? 5.889   -8.646  -7.507  1.00 14.20 ? 646  PRO A N     1 
ATOM   410  C CA    . PRO A 1 53  ? 6.921   -8.051  -6.653  1.00 11.88 ? 646  PRO A CA    1 
ATOM   411  C C     . PRO A 1 53  ? 6.916   -6.529  -6.791  1.00 10.65 ? 646  PRO A C     1 
ATOM   412  O O     . PRO A 1 53  ? 6.326   -6.015  -7.738  1.00 14.27 ? 646  PRO A O     1 
ATOM   413  C CB    . PRO A 1 53  ? 8.226   -8.602  -7.240  1.00 16.15 ? 646  PRO A CB    1 
ATOM   414  C CG    . PRO A 1 53  ? 7.830   -9.813  -8.016  1.00 23.16 ? 646  PRO A CG    1 
ATOM   415  C CD    . PRO A 1 53  ? 6.444   -9.553  -8.523  1.00 18.61 ? 646  PRO A CD    1 
ATOM   416  N N     . PRO A 1 54  ? 7.570   -5.817  -5.868  1.00 12.20 ? 647  PRO A N     1 
ATOM   417  C CA    . PRO A 1 54  ? 7.598   -4.354  -5.979  1.00 11.40 ? 647  PRO A CA    1 
ATOM   418  C C     . PRO A 1 54  ? 8.321   -3.917  -7.246  1.00 14.58 ? 647  PRO A C     1 
ATOM   419  O O     . PRO A 1 54  ? 9.258   -4.590  -7.688  1.00 18.02 ? 647  PRO A O     1 
ATOM   420  C CB    . PRO A 1 54  ? 8.426   -3.909  -4.765  1.00 14.51 ? 647  PRO A CB    1 
ATOM   421  C CG    . PRO A 1 54  ? 8.546   -5.076  -3.893  1.00 19.13 ? 647  PRO A CG    1 
ATOM   422  C CD    . PRO A 1 54  ? 8.325   -6.311  -4.708  1.00 16.40 ? 647  PRO A CD    1 
ATOM   423  N N     . VAL A 1 55  ? 7.878   -2.816  -7.836  1.00 12.31 ? 648  VAL A N     1 
ATOM   424  C CA    . VAL A 1 55  ? 8.612   -2.211  -8.943  1.00 10.46 ? 648  VAL A CA    1 
ATOM   425  C C     . VAL A 1 55  ? 9.053   -0.807  -8.533  1.00 14.01 ? 648  VAL A C     1 
ATOM   426  O O     . VAL A 1 55  ? 8.349   -0.130  -7.779  1.00 10.92 ? 648  VAL A O     1 
ATOM   427  C CB    . VAL A 1 55  ? 7.762   -2.166  -10.237 1.00 13.41 ? 648  VAL A CB    1 
ATOM   428  C CG1   . VAL A 1 55  ? 6.439   -1.488  -9.993  1.00 15.67 ? 648  VAL A CG1   1 
ATOM   429  C CG2   . VAL A 1 55  ? 8.533   -1.462  -11.361 1.00 16.67 ? 648  VAL A CG2   1 
ATOM   430  N N     . SER A 1 56  ? 10.228  -0.393  -8.999  1.00 11.48 ? 649  SER A N     1 
ATOM   431  C CA    . SER A 1 56  ? 10.721  0.948   -8.733  1.00 12.14 ? 649  SER A CA    1 
ATOM   432  C C     . SER A 1 56  ? 10.552  1.804   -9.980  1.00 12.05 ? 649  SER A C     1 
ATOM   433  O O     . SER A 1 56  ? 10.770  1.343   -11.092 1.00 12.86 ? 649  SER A O     1 
ATOM   434  C CB    . SER A 1 56  ? 12.191  0.919   -8.321  1.00 9.62  ? 649  SER A CB    1 
ATOM   435  O OG    . SER A 1 56  ? 12.353  0.258   -7.078  1.00 11.14 ? 649  SER A OG    1 
ATOM   436  N N     . ALA A 1 57  ? 10.150  3.051   -9.780  1.00 9.67  ? 650  ALA A N     1 
ATOM   437  C CA    . ALA A 1 57  ? 9.849   3.936   -10.893 1.00 14.73 ? 650  ALA A CA    1 
ATOM   438  C C     . ALA A 1 57  ? 10.223  5.366   -10.561 1.00 14.26 ? 650  ALA A C     1 
ATOM   439  O O     . ALA A 1 57  ? 10.340  5.747   -9.395  1.00 11.97 ? 650  ALA A O     1 
ATOM   440  C CB    . ALA A 1 57  ? 8.367   3.841   -11.255 1.00 17.42 ? 650  ALA A CB    1 
ATOM   441  N N     . ARG A 1 58  ? 10.429  6.160   -11.605 1.00 17.69 ? 651  ARG A N     1 
ATOM   442  C CA    . ARG A 1 58  ? 10.653  7.583   -11.426 1.00 18.49 ? 651  ARG A CA    1 
ATOM   443  C C     . ARG A 1 58  ? 9.312   8.309   -11.300 1.00 14.44 ? 651  ARG A C     1 
ATOM   444  O O     . ARG A 1 58  ? 8.352   7.970   -11.993 1.00 16.56 ? 651  ARG A O     1 
ATOM   445  C CB    . ARG A 1 58  ? 11.451  8.129   -12.614 1.00 23.85 ? 651  ARG A CB    1 
ATOM   446  C CG    . ARG A 1 58  ? 12.831  7.501   -12.741 1.00 26.74 ? 651  ARG A CG    1 
ATOM   447  C CD    . ARG A 1 58  ? 13.499  7.923   -14.036 1.00 33.07 ? 651  ARG A CD    1 
ATOM   448  N NE    . ARG A 1 58  ? 13.239  9.325   -14.327 1.00 34.81 ? 651  ARG A NE    1 
ATOM   449  C CZ    . ARG A 1 58  ? 12.967  9.791   -15.539 1.00 38.37 ? 651  ARG A CZ    1 
ATOM   450  N NH1   . ARG A 1 58  ? 12.739  11.085  -15.724 1.00 42.72 ? 651  ARG A NH1   1 
ATOM   451  N NH2   . ARG A 1 58  ? 12.927  8.959   -16.569 1.00 39.49 ? 651  ARG A NH2   1 
ATOM   452  N N     . PRO A 1 59  ? 9.248   9.311   -10.412 1.00 15.57 ? 652  PRO A N     1 
ATOM   453  C CA    . PRO A 1 59  ? 8.059   10.146  -10.238 1.00 19.59 ? 652  PRO A CA    1 
ATOM   454  C C     . PRO A 1 59  ? 7.537   10.690  -11.568 1.00 19.06 ? 652  PRO A C     1 
ATOM   455  O O     . PRO A 1 59  ? 6.322   10.828  -11.743 1.00 20.25 ? 652  PRO A O     1 
ATOM   456  C CB    . PRO A 1 59  ? 8.571   11.283  -9.353  1.00 19.44 ? 652  PRO A CB    1 
ATOM   457  C CG    . PRO A 1 59  ? 9.634   10.640  -8.528  1.00 22.20 ? 652  PRO A CG    1 
ATOM   458  C CD    . PRO A 1 59  ? 10.314  9.668   -9.456  1.00 18.20 ? 652  PRO A CD    1 
ATOM   459  N N     . GLU A 1 60  ? 8.449   10.998  -12.491 1.00 17.88 ? 653  GLU A N     1 
ATOM   460  C CA    . GLU A 1 60  ? 8.068   11.488  -13.808 1.00 21.89 ? 653  GLU A CA    1 
ATOM   461  C C     . GLU A 1 60  ? 7.201   10.499  -14.581 1.00 22.97 ? 653  GLU A C     1 
ATOM   462  O O     . GLU A 1 60  ? 6.480   10.882  -15.497 1.00 24.67 ? 653  GLU A O     1 
ATOM   463  C CB    . GLU A 1 60  ? 9.321   11.823  -14.638 1.00 24.02 ? 653  GLU A CB    1 
ATOM   464  C CG    . GLU A 1 60  ? 10.126  13.001  -14.115 1.00 31.64 ? 653  GLU A CG    1 
ATOM   465  C CD    . GLU A 1 60  ? 11.007  12.643  -12.928 1.00 33.08 ? 653  GLU A CD    1 
ATOM   466  O OE1   . GLU A 1 60  ? 11.667  13.555  -12.385 1.00 43.35 ? 653  GLU A OE1   1 
ATOM   467  O OE2   . GLU A 1 60  ? 11.049  11.457  -12.544 1.00 28.22 ? 653  GLU A OE2   1 
ATOM   468  N N     . GLN A 1 61  ? 7.274   9.224   -14.223 1.00 21.56 ? 654  GLN A N     1 
ATOM   469  C CA    . GLN A 1 61  ? 6.513   8.219   -14.941 1.00 21.37 ? 654  GLN A CA    1 
ATOM   470  C C     . GLN A 1 61  ? 5.361   7.657   -14.111 1.00 19.26 ? 654  GLN A C     1 
ATOM   471  O O     . GLN A 1 61  ? 4.905   6.545   -14.362 1.00 18.96 ? 654  GLN A O     1 
ATOM   472  C CB    . GLN A 1 61  ? 7.432   7.099   -15.421 1.00 24.31 ? 654  GLN A CB    1 
ATOM   473  C CG    . GLN A 1 61  ? 8.542   7.602   -16.341 1.00 33.30 ? 654  GLN A CG    1 
ATOM   474  C CD    . GLN A 1 61  ? 9.085   6.520   -17.245 1.00 44.79 ? 654  GLN A CD    1 
ATOM   475  O OE1   . GLN A 1 61  ? 9.001   5.331   -16.929 1.00 51.13 ? 654  GLN A OE1   1 
ATOM   476  N NE2   . GLN A 1 61  ? 9.645   6.922   -18.381 1.00 46.89 ? 654  GLN A NE2   1 
ATOM   477  N N     . VAL A 1 62  ? 4.880   8.448   -13.156 1.00 16.10 ? 655  VAL A N     1 
ATOM   478  C CA    . VAL A 1 62  ? 3.800   8.012   -12.264 1.00 15.90 ? 655  VAL A CA    1 
ATOM   479  C C     . VAL A 1 62  ? 2.592   7.463   -13.032 1.00 17.36 ? 655  VAL A C     1 
ATOM   480  O O     . VAL A 1 62  ? 2.052   6.408   -12.676 1.00 17.25 ? 655  VAL A O     1 
ATOM   481  C CB    . VAL A 1 62  ? 3.371   9.138   -11.288 1.00 16.39 ? 655  VAL A CB    1 
ATOM   482  C CG1   . VAL A 1 62  ? 2.808   10.339  -12.044 1.00 18.75 ? 655  VAL A CG1   1 
ATOM   483  C CG2   . VAL A 1 62  ? 2.349   8.620   -10.259 1.00 14.03 ? 655  VAL A CG2   1 
ATOM   484  N N     . GLU A 1 63  ? 2.172   8.156   -14.089 1.00 16.30 ? 656  GLU A N     1 
ATOM   485  C CA    . GLU A 1 63  ? 0.983   7.736   -14.831 1.00 18.62 ? 656  GLU A CA    1 
ATOM   486  C C     . GLU A 1 63  ? 1.189   6.386   -15.509 1.00 19.17 ? 656  GLU A C     1 
ATOM   487  O O     . GLU A 1 63  ? 0.353   5.482   -15.409 1.00 16.94 ? 656  GLU A O     1 
ATOM   488  C CB    . GLU A 1 63  ? 0.601   8.779   -15.883 1.00 20.28 ? 656  GLU A CB    1 
ATOM   489  C CG    . GLU A 1 63  ? -0.757  8.511   -16.528 1.00 28.06 ? 656  GLU A CG    1 
ATOM   490  C CD    . GLU A 1 63  ? -1.003  9.355   -17.763 1.00 37.04 ? 656  GLU A CD    1 
ATOM   491  O OE1   . GLU A 1 63  ? -0.151  10.216  -18.088 1.00 34.49 ? 656  GLU A OE1   1 
ATOM   492  O OE2   . GLU A 1 63  ? -2.051  9.149   -18.413 1.00 35.98 ? 656  GLU A OE2   1 
ATOM   493  N N     . LYS A 1 64  ? 2.307   6.251   -16.210 1.00 20.45 ? 657  LYS A N     1 
ATOM   494  C CA    . LYS A 1 64  ? 2.576   5.027   -16.944 1.00 18.79 ? 657  LYS A CA    1 
ATOM   495  C C     . LYS A 1 64  ? 2.810   3.833   -16.031 1.00 17.25 ? 657  LYS A C     1 
ATOM   496  O O     . LYS A 1 64  ? 2.330   2.731   -16.318 1.00 19.05 ? 657  LYS A O     1 
ATOM   497  C CB    . LYS A 1 64  ? 3.774   5.211   -17.885 1.00 24.74 ? 657  LYS A CB    1 
ATOM   498  C CG    . LYS A 1 64  ? 3.528   4.628   -19.255 1.00 33.15 ? 657  LYS A CG    1 
ATOM   499  C CD    . LYS A 1 64  ? 4.441   3.458   -19.558 1.00 39.48 ? 657  LYS A CD    1 
ATOM   500  C CE    . LYS A 1 64  ? 5.884   3.907   -19.728 1.00 42.55 ? 657  LYS A CE    1 
ATOM   501  N NZ    . LYS A 1 64  ? 6.644   2.974   -20.610 1.00 46.75 ? 657  LYS A NZ    1 
ATOM   502  N N     . VAL A 1 65  ? 3.556   4.035   -14.948 1.00 15.71 ? 658  VAL A N     1 
ATOM   503  C CA    . VAL A 1 65  ? 3.849   2.931   -14.039 1.00 17.33 ? 658  VAL A CA    1 
ATOM   504  C C     . VAL A 1 65  ? 2.583   2.436   -13.361 1.00 16.16 ? 658  VAL A C     1 
ATOM   505  O O     . VAL A 1 65  ? 2.361   1.235   -13.290 1.00 15.42 ? 658  VAL A O     1 
ATOM   506  C CB    . VAL A 1 65  ? 4.938   3.266   -12.978 1.00 18.73 ? 658  VAL A CB    1 
ATOM   507  C CG1   . VAL A 1 65  ? 4.466   4.348   -12.024 1.00 22.58 ? 658  VAL A CG1   1 
ATOM   508  C CG2   . VAL A 1 65  ? 5.332   2.010   -12.206 1.00 18.43 ? 658  VAL A CG2   1 
ATOM   509  N N     . LEU A 1 66  ? 1.755   3.358   -12.871 1.00 13.95 ? 659  LEU A N     1 
ATOM   510  C CA    . LEU A 1 66  ? 0.542   2.965   -12.160 1.00 12.35 ? 659  LEU A CA    1 
ATOM   511  C C     . LEU A 1 66  ? -0.395  2.207   -13.083 1.00 12.33 ? 659  LEU A C     1 
ATOM   512  O O     . LEU A 1 66  ? -0.906  1.145   -12.725 1.00 15.40 ? 659  LEU A O     1 
ATOM   513  C CB    . LEU A 1 66  ? -0.187  4.177   -11.573 1.00 13.90 ? 659  LEU A CB    1 
ATOM   514  C CG    . LEU A 1 66  ? 0.093   4.568   -10.118 1.00 19.98 ? 659  LEU A CG    1 
ATOM   515  C CD1   . LEU A 1 66  ? 1.571   4.865   -9.906  1.00 21.12 ? 659  LEU A CD1   1 
ATOM   516  C CD2   . LEU A 1 66  ? -0.749  5.769   -9.735  1.00 21.90 ? 659  LEU A CD2   1 
ATOM   517  N N     . LYS A 1 67  ? -0.638  2.757   -14.268 1.00 14.68 ? 660  LYS A N     1 
ATOM   518  C CA    . LYS A 1 67  ? -1.556  2.125   -15.206 1.00 15.55 ? 660  LYS A CA    1 
ATOM   519  C C     . LYS A 1 67  ? -1.044  0.769   -15.685 1.00 16.50 ? 660  LYS A C     1 
ATOM   520  O O     . LYS A 1 67  ? -1.801  -0.209  -15.727 1.00 16.42 ? 660  LYS A O     1 
ATOM   521  C CB    . LYS A 1 67  ? -1.878  3.067   -16.373 1.00 16.49 ? 660  LYS A CB    1 
ATOM   522  C CG    . LYS A 1 67  ? -2.808  4.200   -15.946 1.00 21.22 ? 660  LYS A CG    1 
ATOM   523  C CD    . LYS A 1 67  ? -3.019  5.233   -17.051 1.00 24.77 ? 660  LYS A CD    1 
ATOM   524  C CE    . LYS A 1 67  ? -3.963  6.342   -16.576 1.00 28.23 ? 660  LYS A CE    1 
ATOM   525  N NZ    . LYS A 1 67  ? -4.150  7.403   -17.614 1.00 28.15 ? 660  LYS A NZ    1 
ATOM   526  N N     . THR A 1 68  ? 0.246   0.692   -16.007 1.00 14.42 ? 661  THR A N     1 
ATOM   527  C CA    . THR A 1 68  ? 0.834   -0.576  -16.429 1.00 15.01 ? 661  THR A CA    1 
ATOM   528  C C     . THR A 1 68  ? 0.821   -1.639  -15.319 1.00 15.49 ? 661  THR A C     1 
ATOM   529  O O     . THR A 1 68  ? 0.453   -2.786  -15.553 1.00 14.53 ? 661  THR A O     1 
ATOM   530  C CB    . THR A 1 68  ? 2.277   -0.378  -16.965 1.00 19.08 ? 661  THR A CB    1 
ATOM   531  O OG1   . THR A 1 68  ? 2.242   0.485   -18.114 1.00 20.14 ? 661  THR A OG1   1 
ATOM   532  C CG2   . THR A 1 68  ? 2.883   -1.709  -17.368 1.00 22.01 ? 661  THR A CG2   1 
ATOM   533  N N     . ARG A 1 69  ? 1.236   -1.267  -14.113 1.00 13.77 ? 662  ARG A N     1 
ATOM   534  C CA    . ARG A 1 69  ? 1.309   -2.242  -13.032 1.00 12.95 ? 662  ARG A CA    1 
ATOM   535  C C     . ARG A 1 69  ? -0.097  -2.702  -12.656 1.00 12.06 ? 662  ARG A C     1 
ATOM   536  O O     . ARG A 1 69  ? -0.320  -3.876  -12.332 1.00 12.74 ? 662  ARG A O     1 
ATOM   537  C CB    . ARG A 1 69  ? 2.031   -1.669  -11.811 1.00 14.10 ? 662  ARG A CB    1 
ATOM   538  C CG    . ARG A 1 69  ? 2.603   -2.732  -10.889 1.00 15.32 ? 662  ARG A CG    1 
ATOM   539  C CD    . ARG A 1 69  ? 3.535   -3.657  -11.659 1.00 17.06 ? 662  ARG A CD    1 
ATOM   540  N NE    . ARG A 1 69  ? 4.434   -4.429  -10.799 1.00 15.66 ? 662  ARG A NE    1 
ATOM   541  C CZ    . ARG A 1 69  ? 5.398   -5.215  -11.266 1.00 17.51 ? 662  ARG A CZ    1 
ATOM   542  N NH1   . ARG A 1 69  ? 6.185   -5.879  -10.436 1.00 18.62 ? 662  ARG A NH1   1 
ATOM   543  N NH2   . ARG A 1 69  ? 5.576   -5.329  -12.577 1.00 21.36 ? 662  ARG A NH2   1 
ATOM   544  N N     . TYR A 1 70  ? -1.037  -1.764  -12.698 1.00 12.53 ? 663  TYR A N     1 
ATOM   545  C CA    . TYR A 1 70  ? -2.443  -2.068  -12.422 1.00 13.21 ? 663  TYR A CA    1 
ATOM   546  C C     . TYR A 1 70  ? -2.933  -3.105  -13.421 1.00 12.89 ? 663  TYR A C     1 
ATOM   547  O O     . TYR A 1 70  ? -3.557  -4.103  -13.049 1.00 14.75 ? 663  TYR A O     1 
ATOM   548  C CB    . TYR A 1 70  ? -3.285  -0.793  -12.531 1.00 13.78 ? 663  TYR A CB    1 
ATOM   549  C CG    . TYR A 1 70  ? -4.772  -1.011  -12.377 1.00 14.78 ? 663  TYR A CG    1 
ATOM   550  C CD1   . TYR A 1 70  ? -5.579  -1.234  -13.488 1.00 15.87 ? 663  TYR A CD1   1 
ATOM   551  C CD2   . TYR A 1 70  ? -5.372  -0.988  -11.128 1.00 13.98 ? 663  TYR A CD2   1 
ATOM   552  C CE1   . TYR A 1 70  ? -6.946  -1.440  -13.355 1.00 16.98 ? 663  TYR A CE1   1 
ATOM   553  C CE2   . TYR A 1 70  ? -6.736  -1.199  -10.983 1.00 14.25 ? 663  TYR A CE2   1 
ATOM   554  C CZ    . TYR A 1 70  ? -7.518  -1.416  -12.102 1.00 16.40 ? 663  TYR A CZ    1 
ATOM   555  O OH    . TYR A 1 70  ? -8.874  -1.628  -11.974 1.00 15.95 ? 663  TYR A OH    1 
ATOM   556  N N     . HIS A 1 71  ? -2.658  -2.860  -14.699 1.00 14.78 ? 664  HIS A N     1 
ATOM   557  C CA    . HIS A 1 71  ? -3.078  -3.786  -15.743 1.00 15.37 ? 664  HIS A CA    1 
ATOM   558  C C     . HIS A 1 71  ? -2.442  -5.158  -15.568 1.00 16.65 ? 664  HIS A C     1 
ATOM   559  O O     . HIS A 1 71  ? -3.125  -6.170  -15.582 1.00 15.46 ? 664  HIS A O     1 
ATOM   560  C CB    . HIS A 1 71  ? -2.749  -3.242  -17.139 1.00 19.40 ? 664  HIS A CB    1 
ATOM   561  C CG    . HIS A 1 71  ? -3.065  -4.210  -18.237 1.00 25.55 ? 664  HIS A CG    1 
ATOM   562  N ND1   . HIS A 1 71  ? -4.308  -4.272  -18.834 1.00 30.55 ? 664  HIS A ND1   1 
ATOM   563  C CD2   . HIS A 1 71  ? -2.322  -5.184  -18.812 1.00 28.54 ? 664  HIS A CD2   1 
ATOM   564  C CE1   . HIS A 1 71  ? -4.307  -5.232  -19.743 1.00 36.42 ? 664  HIS A CE1   1 
ATOM   565  N NE2   . HIS A 1 71  ? -3.116  -5.803  -19.751 1.00 28.72 ? 664  HIS A NE2   1 
ATOM   566  N N     . ASP A 1 72  ? -1.125  -5.186  -15.404 1.00 15.04 ? 665  ASP A N     1 
ATOM   567  C CA    . ASP A 1 72  ? -0.399  -6.450  -15.310 1.00 12.61 ? 665  ASP A CA    1 
ATOM   568  C C     . ASP A 1 72  ? -0.814  -7.284  -14.094 1.00 17.61 ? 665  ASP A C     1 
ATOM   569  O O     . ASP A 1 72  ? -0.992  -8.504  -14.189 1.00 16.78 ? 665  ASP A O     1 
ATOM   570  C CB    . ASP A 1 72  ? 1.106   -6.196  -15.312 1.00 15.11 ? 665  ASP A CB    1 
ATOM   571  C CG    . ASP A 1 72  ? 1.608   -5.679  -16.652 1.00 19.13 ? 665  ASP A CG    1 
ATOM   572  O OD1   . ASP A 1 72  ? 2.786   -5.292  -16.727 1.00 21.65 ? 665  ASP A OD1   1 
ATOM   573  O OD2   . ASP A 1 72  ? 0.820   -5.654  -17.619 1.00 21.18 ? 665  ASP A OD2   1 
ATOM   574  N N     . ALA A 1 73  ? -0.987  -6.621  -12.952 1.00 12.60 ? 666  ALA A N     1 
ATOM   575  C CA    . ALA A 1 73  ? -1.390  -7.318  -11.740 1.00 12.04 ? 666  ALA A CA    1 
ATOM   576  C C     . ALA A 1 73  ? -2.824  -7.833  -11.848 1.00 14.03 ? 666  ALA A C     1 
ATOM   577  O O     . ALA A 1 73  ? -3.115  -8.971  -11.471 1.00 14.66 ? 666  ALA A O     1 
ATOM   578  C CB    . ALA A 1 73  ? -1.232  -6.414  -10.515 1.00 13.29 ? 666  ALA A CB    1 
ATOM   579  N N     . THR A 1 74  ? -3.721  -6.999  -12.363 1.00 14.84 ? 667  THR A N     1 
ATOM   580  C CA    . THR A 1 74  ? -5.117  -7.403  -12.467 1.00 14.90 ? 667  THR A CA    1 
ATOM   581  C C     . THR A 1 74  ? -5.245  -8.611  -13.404 1.00 17.70 ? 667  THR A C     1 
ATOM   582  O O     . THR A 1 74  ? -6.007  -9.542  -13.136 1.00 18.87 ? 667  THR A O     1 
ATOM   583  C CB    . THR A 1 74  ? -6.010  -6.253  -12.963 1.00 17.98 ? 667  THR A CB    1 
ATOM   584  O OG1   . THR A 1 74  ? -5.910  -5.141  -12.066 1.00 13.70 ? 667  THR A OG1   1 
ATOM   585  C CG2   . THR A 1 74  ? -7.464  -6.699  -13.042 1.00 18.69 ? 667  THR A CG2   1 
ATOM   586  N N     . SER A 1 75  ? -4.483  -8.599  -14.493 1.00 18.83 ? 668  SER A N     1 
ATOM   587  C CA    . SER A 1 75  ? -4.552  -9.684  -15.471 1.00 20.75 ? 668  SER A CA    1 
ATOM   588  C C     . SER A 1 75  ? -4.088  -11.026 -14.893 1.00 19.59 ? 668  SER A C     1 
ATOM   589  O O     . SER A 1 75  ? -4.416  -12.089 -15.424 1.00 27.25 ? 668  SER A O     1 
ATOM   590  C CB    . SER A 1 75  ? -3.740  -9.324  -16.720 1.00 21.15 ? 668  SER A CB    1 
ATOM   591  O OG    . SER A 1 75  ? -2.353  -9.434  -16.474 1.00 28.92 ? 668  SER A OG    1 
ATOM   592  N N     . LYS A 1 76  ? -3.333  -10.978 -13.800 1.00 16.12 ? 669  LYS A N     1 
ATOM   593  C CA    . LYS A 1 76  ? -2.840  -12.175 -13.130 1.00 16.37 ? 669  LYS A CA    1 
ATOM   594  C C     . LYS A 1 76  ? -3.878  -12.812 -12.199 1.00 19.72 ? 669  LYS A C     1 
ATOM   595  O O     . LYS A 1 76  ? -3.707  -13.942 -11.742 1.00 22.20 ? 669  LYS A O     1 
ATOM   596  C CB    . LYS A 1 76  ? -1.593  -11.823 -12.326 1.00 21.66 ? 669  LYS A CB    1 
ATOM   597  C CG    . LYS A 1 76  ? -0.515  -12.865 -12.364 1.00 33.68 ? 669  LYS A CG    1 
ATOM   598  C CD    . LYS A 1 76  ? 0.453   -12.646 -11.219 1.00 32.42 ? 669  LYS A CD    1 
ATOM   599  C CE    . LYS A 1 76  ? 1.557   -13.670 -11.242 1.00 35.17 ? 669  LYS A CE    1 
ATOM   600  N NZ    . LYS A 1 76  ? 2.498   -13.444 -10.116 1.00 39.07 ? 669  LYS A NZ    1 
ATOM   601  N N     . LEU A 1 77  ? -4.944  -12.079 -11.899 1.00 16.24 ? 670  LEU A N     1 
ATOM   602  C CA    . LEU A 1 77  ? -5.935  -12.545 -10.934 1.00 14.25 ? 670  LEU A CA    1 
ATOM   603  C C     . LEU A 1 77  ? -6.958  -13.484 -11.576 1.00 14.45 ? 670  LEU A C     1 
ATOM   604  O O     . LEU A 1 77  ? -7.174  -13.451 -12.785 1.00 15.63 ? 670  LEU A O     1 
ATOM   605  C CB    . LEU A 1 77  ? -6.661  -11.349 -10.312 1.00 14.03 ? 670  LEU A CB    1 
ATOM   606  C CG    . LEU A 1 77  ? -5.778  -10.331 -9.582  1.00 12.15 ? 670  LEU A CG    1 
ATOM   607  C CD1   . LEU A 1 77  ? -6.614  -9.206  -8.984  1.00 13.15 ? 670  LEU A CD1   1 
ATOM   608  C CD2   . LEU A 1 77  ? -4.968  -11.022 -8.510  1.00 14.15 ? 670  LEU A CD2   1 
ATOM   609  N N     . SER A 1 78  ? -7.577  -14.318 -10.749 1.00 13.83 ? 671  SER A N     1 
ATOM   610  C CA    . SER A 1 78  ? -8.737  -15.093 -11.177 1.00 13.83 ? 671  SER A CA    1 
ATOM   611  C C     . SER A 1 78  ? -9.792  -14.129 -11.706 1.00 14.37 ? 671  SER A C     1 
ATOM   612  O O     . SER A 1 78  ? -10.076 -13.107 -11.089 1.00 14.01 ? 671  SER A O     1 
ATOM   613  C CB    . SER A 1 78  ? -9.293  -15.914 -10.007 1.00 16.84 ? 671  SER A CB    1 
ATOM   614  O OG    . SER A 1 78  ? -10.392 -16.724 -10.410 1.00 16.95 ? 671  SER A OG    1 
ATOM   615  N N     . GLN A 1 79  ? -10.365 -14.464 -12.858 1.00 16.15 ? 672  GLN A N     1 
ATOM   616  C CA    . GLN A 1 79  ? -11.329 -13.610 -13.555 1.00 14.56 ? 672  GLN A CA    1 
ATOM   617  C C     . GLN A 1 79  ? -12.396 -12.996 -12.643 1.00 14.41 ? 672  GLN A C     1 
ATOM   618  O O     . GLN A 1 79  ? -13.170 -13.714 -12.012 1.00 15.08 ? 672  GLN A O     1 
ATOM   619  C CB    . GLN A 1 79  ? -12.003 -14.444 -14.646 1.00 20.34 ? 672  GLN A CB    1 
ATOM   620  C CG    . GLN A 1 79  ? -12.857 -13.675 -15.640 1.00 23.08 ? 672  GLN A CG    1 
ATOM   621  C CD    . GLN A 1 79  ? -13.493 -14.615 -16.659 1.00 26.91 ? 672  GLN A CD    1 
ATOM   622  O OE1   . GLN A 1 79  ? -12.841 -15.061 -17.610 1.00 29.97 ? 672  GLN A OE1   1 
ATOM   623  N NE2   . GLN A 1 79  ? -14.760 -14.946 -16.442 1.00 23.46 ? 672  GLN A NE2   1 
ATOM   624  N N     . GLY A 1 80  ? -12.450 -11.667 -12.596 1.00 14.92 ? 673  GLY A N     1 
ATOM   625  C CA    . GLY A 1 80  ? -13.458 -10.971 -11.820 1.00 16.25 ? 673  GLY A CA    1 
ATOM   626  C C     . GLY A 1 80  ? -12.963 -10.475 -10.474 1.00 16.35 ? 673  GLY A C     1 
ATOM   627  O O     . GLY A 1 80  ? -13.640 -9.685  -9.800  1.00 12.90 ? 673  GLY A O     1 
ATOM   628  N N     . LYS A 1 81  ? -11.790 -10.949 -10.067 1.00 12.60 ? 674  LYS A N     1 
ATOM   629  C CA    . LYS A 1 81  ? -11.184 -10.481 -8.819  1.00 13.36 ? 674  LYS A CA    1 
ATOM   630  C C     . LYS A 1 81  ? -10.388 -9.225  -9.120  1.00 13.97 ? 674  LYS A C     1 
ATOM   631  O O     . LYS A 1 81  ? -9.954  -9.020  -10.253 1.00 16.15 ? 674  LYS A O     1 
ATOM   632  C CB    . LYS A 1 81  ? -10.280 -11.554 -8.207  1.00 13.79 ? 674  LYS A CB    1 
ATOM   633  C CG    . LYS A 1 81  ? -10.985 -12.868 -7.917  1.00 15.50 ? 674  LYS A CG    1 
ATOM   634  C CD    . LYS A 1 81  ? -12.047 -12.700 -6.818  1.00 13.92 ? 674  LYS A CD    1 
ATOM   635  C CE    . LYS A 1 81  ? -12.701 -14.042 -6.497  1.00 15.01 ? 674  LYS A CE    1 
ATOM   636  N NZ    . LYS A 1 81  ? -13.657 -13.905 -5.355  1.00 17.52 ? 674  LYS A NZ    1 
ATOM   637  N N     . GLU A 1 82  ? -10.217 -8.369  -8.114  1.00 12.81 ? 675  GLU A N     1 
ATOM   638  C CA    . GLU A 1 82  ? -9.602  -7.070  -8.330  1.00 12.62 ? 675  GLU A CA    1 
ATOM   639  C C     . GLU A 1 82  ? -8.541  -6.799  -7.275  1.00 13.36 ? 675  GLU A C     1 
ATOM   640  O O     . GLU A 1 82  ? -8.531  -7.428  -6.219  1.00 13.27 ? 675  GLU A O     1 
ATOM   641  C CB    . GLU A 1 82  ? -10.658 -5.960  -8.277  1.00 17.83 ? 675  GLU A CB    1 
ATOM   642  C CG    . GLU A 1 82  ? -11.802 -6.120  -9.285  1.00 17.62 ? 675  GLU A CG    1 
ATOM   643  C CD    . GLU A 1 82  ? -11.369 -5.903  -10.734 1.00 20.71 ? 675  GLU A CD    1 
ATOM   644  O OE1   . GLU A 1 82  ? -10.246 -5.400  -10.971 1.00 19.55 ? 675  GLU A OE1   1 
ATOM   645  O OE2   . GLU A 1 82  ? -12.168 -6.214  -11.647 1.00 22.24 ? 675  GLU A OE2   1 
ATOM   646  N N     . ILE A 1 83  ? -7.649  -5.861  -7.574  1.00 13.30 ? 676  ILE A N     1 
ATOM   647  C CA    . ILE A 1 83  ? -6.615  -5.463  -6.616  1.00 11.77 ? 676  ILE A CA    1 
ATOM   648  C C     . ILE A 1 83  ? -7.211  -4.642  -5.469  1.00 11.44 ? 676  ILE A C     1 
ATOM   649  O O     . ILE A 1 83  ? -7.888  -3.644  -5.696  1.00 12.75 ? 676  ILE A O     1 
ATOM   650  C CB    . ILE A 1 83  ? -5.502  -4.633  -7.282  1.00 12.73 ? 676  ILE A CB    1 
ATOM   651  C CG1   . ILE A 1 83  ? -4.902  -5.379  -8.477  1.00 11.87 ? 676  ILE A CG1   1 
ATOM   652  C CG2   . ILE A 1 83  ? -4.400  -4.312  -6.267  1.00 13.84 ? 676  ILE A CG2   1 
ATOM   653  C CD1   . ILE A 1 83  ? -3.950  -4.514  -9.282  1.00 14.10 ? 676  ILE A CD1   1 
ATOM   654  N N     . ASP A 1 84  ? -6.929  -5.061  -4.237  1.00 11.74 ? 677  ASP A N     1 
ATOM   655  C CA    . ASP A 1 84  ? -7.530  -4.455  -3.051  1.00 10.97 ? 677  ASP A CA    1 
ATOM   656  C C     . ASP A 1 84  ? -6.765  -3.250  -2.523  1.00 10.28 ? 677  ASP A C     1 
ATOM   657  O O     . ASP A 1 84  ? -7.329  -2.411  -1.811  1.00 11.49 ? 677  ASP A O     1 
ATOM   658  C CB    . ASP A 1 84  ? -7.633  -5.501  -1.938  1.00 12.43 ? 677  ASP A CB    1 
ATOM   659  C CG    . ASP A 1 84  ? -8.554  -6.648  -2.305  1.00 14.73 ? 677  ASP A CG    1 
ATOM   660  O OD1   . ASP A 1 84  ? -9.725  -6.371  -2.628  1.00 15.40 ? 677  ASP A OD1   1 
ATOM   661  O OD2   . ASP A 1 84  ? -8.102  -7.812  -2.264  1.00 12.88 ? 677  ASP A OD2   1 
ATOM   662  N N     . LEU A 1 85  ? -5.474  -3.184  -2.825  1.00 10.21 ? 678  LEU A N     1 
ATOM   663  C CA    . LEU A 1 85  ? -4.621  -2.169  -2.217  1.00 8.36  ? 678  LEU A CA    1 
ATOM   664  C C     . LEU A 1 85  ? -3.349  -1.968  -3.022  1.00 9.25  ? 678  LEU A C     1 
ATOM   665  O O     . LEU A 1 85  ? -2.723  -2.943  -3.442  1.00 10.50 ? 678  LEU A O     1 
ATOM   666  C CB    . LEU A 1 85  ? -4.252  -2.593  -0.792  1.00 8.63  ? 678  LEU A CB    1 
ATOM   667  C CG    . LEU A 1 85  ? -3.207  -1.756  -0.048  1.00 11.99 ? 678  LEU A CG    1 
ATOM   668  C CD1   . LEU A 1 85  ? -3.778  -0.372  0.261   1.00 9.94  ? 678  LEU A CD1   1 
ATOM   669  C CD2   . LEU A 1 85  ? -2.787  -2.461  1.235   1.00 9.28  ? 678  LEU A CD2   1 
ATOM   670  N N     . LEU A 1 86  ? -2.984  -0.705  -3.225  1.00 8.29  ? 679  LEU A N     1 
ATOM   671  C CA    . LEU A 1 86  ? -1.653  -0.349  -3.730  1.00 8.78  ? 679  LEU A CA    1 
ATOM   672  C C     . LEU A 1 86  ? -0.894  0.331   -2.594  1.00 9.51  ? 679  LEU A C     1 
ATOM   673  O O     . LEU A 1 86  ? -1.369  1.331   -2.044  1.00 10.46 ? 679  LEU A O     1 
ATOM   674  C CB    . LEU A 1 86  ? -1.772  0.599   -4.927  1.00 9.75  ? 679  LEU A CB    1 
ATOM   675  C CG    . LEU A 1 86  ? -0.523  1.388   -5.329  1.00 9.72  ? 679  LEU A CG    1 
ATOM   676  C CD1   . LEU A 1 86  ? 0.584   0.449   -5.805  1.00 8.89  ? 679  LEU A CD1   1 
ATOM   677  C CD2   . LEU A 1 86  ? -0.865  2.398   -6.422  1.00 13.58 ? 679  LEU A CD2   1 
ATOM   678  N N     . ILE A 1 87  ? 0.258   -0.224  -2.226  1.00 7.73  ? 680  ILE A N     1 
ATOM   679  C CA    . ILE A 1 87  ? 1.162   0.430   -1.267  1.00 7.79  ? 680  ILE A CA    1 
ATOM   680  C C     . ILE A 1 87  ? 2.213   1.208   -2.045  1.00 9.66  ? 680  ILE A C     1 
ATOM   681  O O     . ILE A 1 87  ? 2.879   0.646   -2.920  1.00 10.25 ? 680  ILE A O     1 
ATOM   682  C CB    . ILE A 1 87  ? 1.862   -0.600  -0.363  1.00 7.28  ? 680  ILE A CB    1 
ATOM   683  C CG1   . ILE A 1 87  ? 0.823   -1.406  0.433   1.00 10.40 ? 680  ILE A CG1   1 
ATOM   684  C CG2   . ILE A 1 87  ? 2.846   0.097   0.595   1.00 7.42  ? 680  ILE A CG2   1 
ATOM   685  C CD1   . ILE A 1 87  ? 1.402   -2.594  1.201   1.00 11.26 ? 680  ILE A CD1   1 
ATOM   686  N N     . VAL A 1 88  ? 2.351   2.500   -1.758  1.00 8.14  ? 681  VAL A N     1 
ATOM   687  C CA    . VAL A 1 88  ? 3.334   3.324   -2.465  1.00 8.62  ? 681  VAL A CA    1 
ATOM   688  C C     . VAL A 1 88  ? 4.380   3.830   -1.500  1.00 8.69  ? 681  VAL A C     1 
ATOM   689  O O     . VAL A 1 88  ? 4.046   4.411   -0.471  1.00 11.42 ? 681  VAL A O     1 
ATOM   690  C CB    . VAL A 1 88  ? 2.691   4.557   -3.164  1.00 11.41 ? 681  VAL A CB    1 
ATOM   691  C CG1   . VAL A 1 88  ? 3.738   5.306   -4.006  1.00 12.31 ? 681  VAL A CG1   1 
ATOM   692  C CG2   . VAL A 1 88  ? 1.542   4.134   -4.066  1.00 11.62 ? 681  VAL A CG2   1 
ATOM   693  N N     . ILE A 1 89  ? 5.647   3.602   -1.826  1.00 9.65  ? 682  ILE A N     1 
ATOM   694  C CA    . ILE A 1 89  ? 6.736   4.211   -1.073  1.00 9.89  ? 682  ILE A CA    1 
ATOM   695  C C     . ILE A 1 89  ? 7.157   5.501   -1.792  1.00 9.50  ? 682  ILE A C     1 
ATOM   696  O O     . ILE A 1 89  ? 7.413   5.493   -3.000  1.00 10.65 ? 682  ILE A O     1 
ATOM   697  C CB    . ILE A 1 89  ? 7.916   3.230   -0.922  1.00 10.11 ? 682  ILE A CB    1 
ATOM   698  C CG1   . ILE A 1 89  ? 7.475   2.022   -0.083  1.00 11.35 ? 682  ILE A CG1   1 
ATOM   699  C CG2   . ILE A 1 89  ? 9.120   3.931   -0.295  1.00 9.78  ? 682  ILE A CG2   1 
ATOM   700  C CD1   . ILE A 1 89  ? 8.461   0.876   -0.094  1.00 13.23 ? 682  ILE A CD1   1 
ATOM   701  N N     . LEU A 1 90  ? 7.171   6.615   -1.058  1.00 10.44 ? 683  LEU A N     1 
ATOM   702  C CA    . LEU A 1 90  ? 7.444   7.929   -1.651  1.00 13.28 ? 683  LEU A CA    1 
ATOM   703  C C     . LEU A 1 90  ? 8.626   8.590   -0.968  1.00 14.72 ? 683  LEU A C     1 
ATOM   704  O O     . LEU A 1 90  ? 8.799   8.447   0.243   1.00 14.97 ? 683  LEU A O     1 
ATOM   705  C CB    . LEU A 1 90  ? 6.253   8.880   -1.452  1.00 15.74 ? 683  LEU A CB    1 
ATOM   706  C CG    . LEU A 1 90  ? 4.863   8.620   -2.012  1.00 24.41 ? 683  LEU A CG    1 
ATOM   707  C CD1   . LEU A 1 90  ? 3.935   9.741   -1.570  1.00 25.23 ? 683  LEU A CD1   1 
ATOM   708  C CD2   . LEU A 1 90  ? 4.903   8.537   -3.520  1.00 22.22 ? 683  LEU A CD2   1 
ATOM   709  N N     . PRO A 1 91  ? 9.402   9.370   -1.734  1.00 15.49 ? 684  PRO A N     1 
ATOM   710  C CA    . PRO A 1 91  ? 10.437  10.216  -1.136  1.00 21.10 ? 684  PRO A CA    1 
ATOM   711  C C     . PRO A 1 91  ? 9.807   11.158  -0.118  1.00 21.61 ? 684  PRO A C     1 
ATOM   712  O O     . PRO A 1 91  ? 8.653   11.572  -0.279  1.00 18.07 ? 684  PRO A O     1 
ATOM   713  C CB    . PRO A 1 91  ? 10.977  11.016  -2.327  1.00 21.34 ? 684  PRO A CB    1 
ATOM   714  C CG    . PRO A 1 91  ? 10.590  10.236  -3.539  1.00 20.67 ? 684  PRO A CG    1 
ATOM   715  C CD    . PRO A 1 91  ? 9.301   9.547   -3.191  1.00 16.04 ? 684  PRO A CD    1 
ATOM   716  N N     . ASP A 1 92  ? 10.564  11.495  0.922   1.00 25.66 ? 685  ASP A N     1 
ATOM   717  C CA    . ASP A 1 92  ? 10.070  12.359  1.985   1.00 24.32 ? 685  ASP A CA    1 
ATOM   718  C C     . ASP A 1 92  ? 9.494   13.667  1.446   1.00 26.37 ? 685  ASP A C     1 
ATOM   719  O O     . ASP A 1 92  ? 8.424   14.091  1.873   1.00 27.60 ? 685  ASP A O     1 
ATOM   720  C CB    . ASP A 1 92  ? 11.179  12.642  3.008   1.00 26.36 ? 685  ASP A CB    1 
ATOM   721  C CG    . ASP A 1 92  ? 11.636  11.385  3.742   1.00 31.87 ? 685  ASP A CG    1 
ATOM   722  O OD1   . ASP A 1 92  ? 10.832  10.429  3.867   1.00 21.39 ? 685  ASP A OD1   1 
ATOM   723  O OD2   . ASP A 1 92  ? 12.800  11.354  4.199   1.00 33.45 ? 685  ASP A OD2   1 
ATOM   724  N N     . ASN A 1 93  ? 10.209  14.306  0.521   1.00 26.40 ? 686  ASN A N     1 
ATOM   725  C CA    . ASN A 1 93  ? 9.706   15.496  -0.163  1.00 30.60 ? 686  ASN A CA    1 
ATOM   726  C C     . ASN A 1 93  ? 9.485   15.152  -1.627  1.00 29.26 ? 686  ASN A C     1 
ATOM   727  O O     . ASN A 1 93  ? 10.441  14.912  -2.364  1.00 30.70 ? 686  ASN A O     1 
ATOM   728  C CB    . ASN A 1 93  ? 10.686  16.677  -0.045  1.00 32.84 ? 686  ASN A CB    1 
ATOM   729  C CG    . ASN A 1 93  ? 10.763  17.245  1.364   1.00 38.98 ? 686  ASN A CG    1 
ATOM   730  O OD1   . ASN A 1 93  ? 9.881   17.990  1.800   1.00 38.38 ? 686  ASN A OD1   1 
ATOM   731  N ND2   . ASN A 1 93  ? 11.829  16.906  2.078   1.00 40.56 ? 686  ASN A ND2   1 
ATOM   732  N N     . ASN A 1 94  ? 8.225   15.131  -2.054  1.00 23.18 ? 687  ASN A N     1 
ATOM   733  C CA    . ASN A 1 94  ? 7.888   14.581  -3.366  1.00 24.11 ? 687  ASN A CA    1 
ATOM   734  C C     . ASN A 1 94  ? 7.097   15.507  -4.298  1.00 22.49 ? 687  ASN A C     1 
ATOM   735  O O     . ASN A 1 94  ? 6.718   15.108  -5.404  1.00 19.71 ? 687  ASN A O     1 
ATOM   736  C CB    . ASN A 1 94  ? 7.149   13.250  -3.206  1.00 20.13 ? 687  ASN A CB    1 
ATOM   737  C CG    . ASN A 1 94  ? 5.861   13.396  -2.435  1.00 19.95 ? 687  ASN A CG    1 
ATOM   738  O OD1   . ASN A 1 94  ? 4.854   13.858  -2.973  1.00 20.73 ? 687  ASN A OD1   1 
ATOM   739  N ND2   . ASN A 1 94  ? 5.880   13.003  -1.168  1.00 19.88 ? 687  ASN A ND2   1 
ATOM   740  N N     . GLY A 1 95  ? 6.862   16.745  -3.871  1.00 24.42 ? 688  GLY A N     1 
ATOM   741  C CA    . GLY A 1 95  ? 6.219   17.716  -4.741  1.00 22.98 ? 688  GLY A CA    1 
ATOM   742  C C     . GLY A 1 95  ? 4.827   17.294  -5.174  1.00 21.83 ? 688  GLY A C     1 
ATOM   743  O O     . GLY A 1 95  ? 3.961   17.066  -4.330  1.00 21.92 ? 688  GLY A O     1 
ATOM   744  N N     . SER A 1 96  ? 4.617   17.176  -6.485  1.00 18.10 ? 689  SER A N     1 
ATOM   745  C CA    . SER A 1 96  ? 3.287   16.893  -7.024  1.00 20.00 ? 689  SER A CA    1 
ATOM   746  C C     . SER A 1 96  ? 2.964   15.400  -7.053  1.00 18.52 ? 689  SER A C     1 
ATOM   747  O O     . SER A 1 96  ? 1.864   15.016  -7.432  1.00 16.89 ? 689  SER A O     1 
ATOM   748  C CB    . SER A 1 96  ? 3.139   17.467  -8.435  1.00 21.89 ? 689  SER A CB    1 
ATOM   749  O OG    . SER A 1 96  ? 3.897   16.728  -9.381  1.00 25.09 ? 689  SER A OG    1 
ATOM   750  N N     . LEU A 1 97  ? 3.922   14.566  -6.661  1.00 16.24 ? 690  LEU A N     1 
ATOM   751  C CA    . LEU A 1 97  ? 3.758   13.117  -6.794  1.00 15.62 ? 690  LEU A CA    1 
ATOM   752  C C     . LEU A 1 97  ? 2.574   12.591  -5.990  1.00 14.04 ? 690  LEU A C     1 
ATOM   753  O O     . LEU A 1 97  ? 1.762   11.826  -6.510  1.00 14.21 ? 690  LEU A O     1 
ATOM   754  C CB    . LEU A 1 97  ? 5.040   12.384  -6.399  1.00 15.17 ? 690  LEU A CB    1 
ATOM   755  C CG    . LEU A 1 97  ? 4.998   10.857  -6.449  1.00 14.46 ? 690  LEU A CG    1 
ATOM   756  C CD1   . LEU A 1 97  ? 4.664   10.336  -7.847  1.00 15.22 ? 690  LEU A CD1   1 
ATOM   757  C CD2   . LEU A 1 97  ? 6.335   10.288  -5.957  1.00 15.44 ? 690  LEU A CD2   1 
ATOM   758  N N     . TYR A 1 98  ? 2.481   12.985  -4.724  1.00 13.73 ? 691  TYR A N     1 
ATOM   759  C CA    . TYR A 1 98  ? 1.377   12.526  -3.875  1.00 12.98 ? 691  TYR A CA    1 
ATOM   760  C C     . TYR A 1 98  ? 0.005   12.810  -4.520  1.00 16.72 ? 691  TYR A C     1 
ATOM   761  O O     . TYR A 1 98  ? -0.848  11.917  -4.623  1.00 14.21 ? 691  TYR A O     1 
ATOM   762  C CB    . TYR A 1 98  ? 1.475   13.144  -2.479  1.00 14.65 ? 691  TYR A CB    1 
ATOM   763  C CG    . TYR A 1 98  ? 0.352   12.727  -1.549  1.00 16.44 ? 691  TYR A CG    1 
ATOM   764  C CD1   . TYR A 1 98  ? -0.804  13.487  -1.453  1.00 16.96 ? 691  TYR A CD1   1 
ATOM   765  C CD2   . TYR A 1 98  ? 0.451   11.580  -0.774  1.00 13.63 ? 691  TYR A CD2   1 
ATOM   766  C CE1   . TYR A 1 98  ? -1.834  13.119  -0.617  1.00 16.58 ? 691  TYR A CE1   1 
ATOM   767  C CE2   . TYR A 1 98  ? -0.583  11.195  0.069   1.00 15.78 ? 691  TYR A CE2   1 
ATOM   768  C CZ    . TYR A 1 98  ? -1.722  11.975  0.138   1.00 18.44 ? 691  TYR A CZ    1 
ATOM   769  O OH    . TYR A 1 98  ? -2.764  11.632  0.962   1.00 17.13 ? 691  TYR A OH    1 
ATOM   770  N N     . GLY A 1 99  ? -0.208  14.051  -4.947  1.00 16.44 ? 692  GLY A N     1 
ATOM   771  C CA    . GLY A 1 99  ? -1.473  14.438  -5.550  1.00 17.00 ? 692  GLY A CA    1 
ATOM   772  C C     . GLY A 1 99  ? -1.741  13.747  -6.878  1.00 16.41 ? 692  GLY A C     1 
ATOM   773  O O     . GLY A 1 99  ? -2.884  13.383  -7.179  1.00 16.47 ? 692  GLY A O     1 
ATOM   774  N N     . ASP A 1 100 ? -0.699  13.577  -7.687  1.00 15.71 ? 693  ASP A N     1 
ATOM   775  C CA    . ASP A 1 100 ? -0.836  12.855  -8.956  1.00 16.87 ? 693  ASP A CA    1 
ATOM   776  C C     . ASP A 1 100 ? -1.261  11.417  -8.687  1.00 15.71 ? 693  ASP A C     1 
ATOM   777  O O     . ASP A 1 100 ? -2.180  10.896  -9.311  1.00 15.47 ? 693  ASP A O     1 
ATOM   778  C CB    . ASP A 1 100 ? 0.480   12.865  -9.739  1.00 19.89 ? 693  ASP A CB    1 
ATOM   779  C CG    . ASP A 1 100 ? 0.841   14.243  -10.258 1.00 26.01 ? 693  ASP A CG    1 
ATOM   780  O OD1   . ASP A 1 100 ? -0.038  15.130  -10.252 1.00 26.73 ? 693  ASP A OD1   1 
ATOM   781  O OD2   . ASP A 1 100 ? 2.012   14.429  -10.658 1.00 29.54 ? 693  ASP A OD2   1 
ATOM   782  N N     . LEU A 1 101 ? -0.585  10.797  -7.731  1.00 14.46 ? 694  LEU A N     1 
ATOM   783  C CA    . LEU A 1 101 ? -0.863  9.434   -7.321  1.00 16.37 ? 694  LEU A CA    1 
ATOM   784  C C     . LEU A 1 101 ? -2.328  9.294   -6.930  1.00 15.57 ? 694  LEU A C     1 
ATOM   785  O O     . LEU A 1 101 ? -3.037  8.390   -7.396  1.00 13.42 ? 694  LEU A O     1 
ATOM   786  C CB    . LEU A 1 101 ? 0.027   9.117   -6.116  1.00 19.02 ? 694  LEU A CB    1 
ATOM   787  C CG    . LEU A 1 101 ? 0.434   7.706   -5.729  1.00 30.43 ? 694  LEU A CG    1 
ATOM   788  C CD1   . LEU A 1 101 ? -0.783  6.931   -5.275  1.00 24.76 ? 694  LEU A CD1   1 
ATOM   789  C CD2   . LEU A 1 101 ? 1.210   6.995   -6.856  1.00 21.96 ? 694  LEU A CD2   1 
ATOM   790  N N     . LYS A 1 102 ? -2.784  10.190  -6.064  1.00 11.11 ? 695  LYS A N     1 
ATOM   791  C CA    . LYS A 1 102 ? -4.140  10.083  -5.535  1.00 13.13 ? 695  LYS A CA    1 
ATOM   792  C C     . LYS A 1 102 ? -5.184  10.332  -6.616  1.00 13.94 ? 695  LYS A C     1 
ATOM   793  O O     . LYS A 1 102 ? -6.208  9.662   -6.664  1.00 13.69 ? 695  LYS A O     1 
ATOM   794  C CB    . LYS A 1 102 ? -4.337  11.046  -4.362  1.00 13.68 ? 695  LYS A CB    1 
ATOM   795  C CG    . LYS A 1 102 ? -3.550  10.644  -3.116  1.00 16.08 ? 695  LYS A CG    1 
ATOM   796  C CD    . LYS A 1 102 ? -3.992  9.280   -2.610  1.00 15.83 ? 695  LYS A CD    1 
ATOM   797  C CE    . LYS A 1 102 ? -3.188  8.874   -1.383  1.00 17.79 ? 695  LYS A CE    1 
ATOM   798  N NZ    . LYS A 1 102 ? -3.659  7.574   -0.810  1.00 15.86 ? 695  LYS A NZ    1 
ATOM   799  N N     . ARG A 1 103 ? -4.926  11.289  -7.496  1.00 13.01 ? 696  ARG A N     1 
ATOM   800  C CA    . ARG A 1 103 ? -5.860  11.554  -8.590  1.00 13.06 ? 696  ARG A CA    1 
ATOM   801  C C     . ARG A 1 103 ? -6.012  10.342  -9.510  1.00 13.33 ? 696  ARG A C     1 
ATOM   802  O O     . ARG A 1 103 ? -7.125  9.949   -9.873  1.00 13.53 ? 696  ARG A O     1 
ATOM   803  C CB    . ARG A 1 103 ? -5.396  12.780  -9.387  1.00 16.12 ? 696  ARG A CB    1 
ATOM   804  C CG    . ARG A 1 103 ? -6.353  13.208  -10.483 1.00 23.49 ? 696  ARG A CG    1 
ATOM   805  C CD    . ARG A 1 103 ? -5.879  14.509  -11.107 1.00 29.75 ? 696  ARG A CD    1 
ATOM   806  N NE    . ARG A 1 103 ? -4.422  14.568  -11.133 1.00 32.76 ? 696  ARG A NE    1 
ATOM   807  C CZ    . ARG A 1 103 ? -3.665  13.926  -12.020 1.00 31.73 ? 696  ARG A CZ    1 
ATOM   808  N NH1   . ARG A 1 103 ? -2.345  14.037  -11.964 1.00 31.04 ? 696  ARG A NH1   1 
ATOM   809  N NH2   . ARG A 1 103 ? -4.222  13.176  -12.963 1.00 33.47 ? 696  ARG A NH2   1 
ATOM   810  N N     . ILE A 1 104 ? -4.889  9.750   -9.898  1.00 14.28 ? 697  ILE A N     1 
ATOM   811  C CA    . ILE A 1 104 ? -4.909  8.564   -10.743 1.00 12.98 ? 697  ILE A CA    1 
ATOM   812  C C     . ILE A 1 104 ? -5.631  7.377   -10.079 1.00 13.18 ? 697  ILE A C     1 
ATOM   813  O O     . ILE A 1 104 ? -6.488  6.742   -10.681 1.00 13.04 ? 697  ILE A O     1 
ATOM   814  C CB    . ILE A 1 104 ? -3.477  8.164   -11.174 1.00 15.73 ? 697  ILE A CB    1 
ATOM   815  C CG1   . ILE A 1 104 ? -2.871  9.257   -12.058 1.00 15.66 ? 697  ILE A CG1   1 
ATOM   816  C CG2   . ILE A 1 104 ? -3.488  6.844   -11.921 1.00 15.89 ? 697  ILE A CG2   1 
ATOM   817  C CD1   . ILE A 1 104 ? -1.375  9.073   -12.298 1.00 17.08 ? 697  ILE A CD1   1 
ATOM   818  N N     . CYS A 1 105 ? -5.291  7.082   -8.834  1.00 13.16 ? 698  CYS A N     1 
ATOM   819  C CA    . CYS A 1 105 ? -5.914  5.960   -8.137  1.00 11.87 ? 698  CYS A CA    1 
ATOM   820  C C     . CYS A 1 105 ? -7.401  6.194   -7.872  1.00 12.28 ? 698  CYS A C     1 
ATOM   821  O O     . CYS A 1 105 ? -8.212  5.273   -7.979  1.00 11.45 ? 698  CYS A O     1 
ATOM   822  C CB    . CYS A 1 105 ? -5.179  5.681   -6.827  1.00 10.65 ? 698  CYS A CB    1 
ATOM   823  S SG    . CYS A 1 105 ? -3.508  5.023   -7.111  1.00 12.39 ? 698  CYS A SG    1 
ATOM   824  N N     . GLU A 1 106 ? -7.761  7.428   -7.537  1.00 12.11 ? 699  GLU A N     1 
ATOM   825  C CA    . GLU A 1 106 ? -9.143  7.707   -7.159  1.00 12.70 ? 699  GLU A CA    1 
ATOM   826  C C     . GLU A 1 106 ? -10.049 7.749   -8.386  1.00 12.99 ? 699  GLU A C     1 
ATOM   827  O O     . GLU A 1 106 ? -11.131 7.165   -8.369  1.00 13.29 ? 699  GLU A O     1 
ATOM   828  C CB    . GLU A 1 106 ? -9.244  9.008   -6.354  1.00 12.94 ? 699  GLU A CB    1 
ATOM   829  C CG    . GLU A 1 106 ? -8.717  8.868   -4.934  1.00 15.44 ? 699  GLU A CG    1 
ATOM   830  C CD    . GLU A 1 106 ? -8.427  10.199  -4.265  1.00 19.64 ? 699  GLU A CD    1 
ATOM   831  O OE1   . GLU A 1 106 ? -8.837  11.246  -4.815  1.00 19.38 ? 699  GLU A OE1   1 
ATOM   832  O OE2   . GLU A 1 106 ? -7.781  10.188  -3.189  1.00 16.61 ? 699  GLU A OE2   1 
ATOM   833  N N     . THR A 1 107 ? -9.606  8.418   -9.450  1.00 13.59 ? 700  THR A N     1 
ATOM   834  C CA    . THR A 1 107 ? -10.511 8.765   -10.548 1.00 14.33 ? 700  THR A CA    1 
ATOM   835  C C     . THR A 1 107 ? -10.291 8.032   -11.865 1.00 13.58 ? 700  THR A C     1 
ATOM   836  O O     . THR A 1 107 ? -11.143 8.102   -12.760 1.00 12.76 ? 700  THR A O     1 
ATOM   837  C CB    . THR A 1 107 ? -10.507 10.282  -10.829 1.00 16.26 ? 700  THR A CB    1 
ATOM   838  O OG1   . THR A 1 107 ? -9.274  10.648  -11.470 1.00 16.61 ? 700  THR A OG1   1 
ATOM   839  C CG2   . THR A 1 107 ? -10.696 11.068  -9.531  1.00 19.48 ? 700  THR A CG2   1 
ATOM   840  N N     . GLU A 1 108 ? -9.157  7.352   -12.008 1.00 14.45 ? 701  GLU A N     1 
ATOM   841  C CA    . GLU A 1 108 ? -8.900  6.572   -13.220 1.00 12.39 ? 701  GLU A CA    1 
ATOM   842  C C     . GLU A 1 108 ? -8.840  5.074   -12.972 1.00 13.55 ? 701  GLU A C     1 
ATOM   843  O O     . GLU A 1 108 ? -9.429  4.287   -13.710 1.00 15.91 ? 701  GLU A O     1 
ATOM   844  C CB    . GLU A 1 108 ? -7.602  7.033   -13.893 1.00 13.86 ? 701  GLU A CB    1 
ATOM   845  C CG    . GLU A 1 108 ? -7.655  8.457   -14.381 1.00 16.70 ? 701  GLU A CG    1 
ATOM   846  C CD    . GLU A 1 108 ? -6.433  8.819   -15.196 1.00 24.66 ? 701  GLU A CD    1 
ATOM   847  O OE1   . GLU A 1 108 ? -5.507  9.421   -14.629 1.00 23.89 ? 701  GLU A OE1   1 
ATOM   848  O OE2   . GLU A 1 108 ? -6.397  8.484   -16.398 1.00 31.39 ? 701  GLU A OE2   1 
ATOM   849  N N     . LEU A 1 109 ? -8.125  4.674   -11.930 1.00 13.67 ? 702  LEU A N     1 
ATOM   850  C CA    . LEU A 1 109 ? -7.970  3.255   -11.637 1.00 11.66 ? 702  LEU A CA    1 
ATOM   851  C C     . LEU A 1 109 ? -9.010  2.734   -10.650 1.00 12.75 ? 702  LEU A C     1 
ATOM   852  O O     . LEU A 1 109 ? -9.346  1.554   -10.672 1.00 14.44 ? 702  LEU A O     1 
ATOM   853  C CB    . LEU A 1 109 ? -6.560  2.968   -11.100 1.00 13.12 ? 702  LEU A CB    1 
ATOM   854  C CG    . LEU A 1 109 ? -5.407  3.307   -12.046 1.00 13.33 ? 702  LEU A CG    1 
ATOM   855  C CD1   . LEU A 1 109 ? -4.070  2.934   -11.404 1.00 13.78 ? 702  LEU A CD1   1 
ATOM   856  C CD2   . LEU A 1 109 ? -5.588  2.586   -13.376 1.00 15.03 ? 702  LEU A CD2   1 
ATOM   857  N N     . GLY A 1 110 ? -9.503  3.609   -9.775  1.00 12.60 ? 703  GLY A N     1 
ATOM   858  C CA    . GLY A 1 110 ? -10.446 3.182   -8.757  1.00 12.77 ? 703  GLY A CA    1 
ATOM   859  C C     . GLY A 1 110 ? -9.817  2.146   -7.837  1.00 12.20 ? 703  GLY A C     1 
ATOM   860  O O     . GLY A 1 110 ? -10.373 1.066   -7.600  1.00 13.40 ? 703  GLY A O     1 
ATOM   861  N N     . ILE A 1 111 ? -8.650  2.482   -7.302  1.00 11.92 ? 704  ILE A N     1 
ATOM   862  C CA    . ILE A 1 111 ? -7.948  1.574   -6.407  1.00 13.82 ? 704  ILE A CA    1 
ATOM   863  C C     . ILE A 1 111 ? -7.571  2.272   -5.102  1.00 11.80 ? 704  ILE A C     1 
ATOM   864  O O     . ILE A 1 111 ? -7.130  3.417   -5.103  1.00 11.22 ? 704  ILE A O     1 
ATOM   865  C CB    . ILE A 1 111 ? -6.695  0.989   -7.082  1.00 13.28 ? 704  ILE A CB    1 
ATOM   866  C CG1   . ILE A 1 111 ? -6.012  -0.040  -6.178  1.00 15.02 ? 704  ILE A CG1   1 
ATOM   867  C CG2   . ILE A 1 111 ? -5.722  2.090   -7.479  1.00 12.27 ? 704  ILE A CG2   1 
ATOM   868  C CD1   . ILE A 1 111 ? -4.949  -0.844  -6.917  1.00 17.49 ? 704  ILE A CD1   1 
ATOM   869  N N     . VAL A 1 112 ? -7.770  1.575   -3.991  1.00 10.27 ? 705  VAL A N     1 
ATOM   870  C CA    . VAL A 1 112 ? -7.334  2.062   -2.689  1.00 8.28  ? 705  VAL A CA    1 
ATOM   871  C C     . VAL A 1 112 ? -5.806  2.121   -2.640  1.00 9.19  ? 705  VAL A C     1 
ATOM   872  O O     . VAL A 1 112 ? -5.128  1.199   -3.100  1.00 9.73  ? 705  VAL A O     1 
ATOM   873  C CB    . VAL A 1 112 ? -7.884  1.144   -1.574  1.00 10.05 ? 705  VAL A CB    1 
ATOM   874  C CG1   . VAL A 1 112 ? -7.173  1.396   -0.224  1.00 10.64 ? 705  VAL A CG1   1 
ATOM   875  C CG2   . VAL A 1 112 ? -9.399  1.321   -1.447  1.00 14.36 ? 705  VAL A CG2   1 
ATOM   876  N N     . SER A 1 113 ? -5.260  3.213   -2.104  1.00 11.25 ? 706  SER A N     1 
ATOM   877  C CA    . SER A 1 113 ? -3.802  3.366   -2.040  1.00 9.81  ? 706  SER A CA    1 
ATOM   878  C C     . SER A 1 113 ? -3.357  3.854   -0.669  1.00 10.90 ? 706  SER A C     1 
ATOM   879  O O     . SER A 1 113 ? -4.061  4.617   0.000   1.00 10.64 ? 706  SER A O     1 
ATOM   880  C CB    . SER A 1 113 ? -3.297  4.321   -3.136  1.00 10.26 ? 706  SER A CB    1 
ATOM   881  O OG    . SER A 1 113 ? -3.807  5.638   -2.947  1.00 9.47  ? 706  SER A OG    1 
ATOM   882  N N     . GLN A 1 114 ? -2.171  3.422   -0.254  1.00 8.11  ? 707  GLN A N     1 
ATOM   883  C CA    . GLN A 1 114 ? -1.603  3.850   1.024   1.00 8.92  ? 707  GLN A CA    1 
ATOM   884  C C     . GLN A 1 114 ? -0.179  4.290   0.779   1.00 9.74  ? 707  GLN A C     1 
ATOM   885  O O     . GLN A 1 114 ? 0.652   3.486   0.360   1.00 9.97  ? 707  GLN A O     1 
ATOM   886  C CB    . GLN A 1 114 ? -1.629  2.706   2.043   1.00 12.22 ? 707  GLN A CB    1 
ATOM   887  C CG    . GLN A 1 114 ? -1.003  3.078   3.396   1.00 11.28 ? 707  GLN A CG    1 
ATOM   888  C CD    . GLN A 1 114 ? -1.708  4.251   4.036   1.00 12.13 ? 707  GLN A CD    1 
ATOM   889  O OE1   . GLN A 1 114 ? -2.916  4.204   4.271   1.00 13.36 ? 707  GLN A OE1   1 
ATOM   890  N NE2   . GLN A 1 114 ? -0.964  5.310   4.321   1.00 15.19 ? 707  GLN A NE2   1 
ATOM   891  N N     . CYS A 1 115 ? 0.094   5.568   1.025   1.00 9.47  ? 708  CYS A N     1 
ATOM   892  C CA    . CYS A 1 115 ? 1.435   6.114   0.813   1.00 10.25 ? 708  CYS A CA    1 
ATOM   893  C C     . CYS A 1 115 ? 2.266   6.039   2.082   1.00 12.79 ? 708  CYS A C     1 
ATOM   894  O O     . CYS A 1 115 ? 1.763   6.269   3.184   1.00 12.82 ? 708  CYS A O     1 
ATOM   895  C CB    . CYS A 1 115 ? 1.365   7.552   0.318   1.00 11.08 ? 708  CYS A CB    1 
ATOM   896  S SG    . CYS A 1 115 ? 0.624   7.678   -1.305  1.00 13.85 ? 708  CYS A SG    1 
ATOM   897  N N     . CYS A 1 116 ? 3.542   5.706   1.914   1.00 9.89  ? 709  CYS A N     1 
ATOM   898  C CA    . CYS A 1 116 ? 4.457   5.582   3.045   1.00 9.75  ? 709  CYS A CA    1 
ATOM   899  C C     . CYS A 1 116 ? 5.753   6.284   2.705   1.00 10.62 ? 709  CYS A C     1 
ATOM   900  O O     . CYS A 1 116 ? 6.372   5.965   1.693   1.00 12.30 ? 709  CYS A O     1 
ATOM   901  C CB    . CYS A 1 116 ? 4.751   4.109   3.310   1.00 9.93  ? 709  CYS A CB    1 
ATOM   902  S SG    . CYS A 1 116 ? 3.258   3.123   3.659   1.00 13.54 ? 709  CYS A SG    1 
ATOM   903  N N     . LEU A 1 117 ? 6.168   7.222   3.561   1.00 13.25 ? 710  LEU A N     1 
ATOM   904  C CA    . LEU A 1 117 ? 7.382   7.996   3.329   1.00 14.78 ? 710  LEU A CA    1 
ATOM   905  C C     . LEU A 1 117 ? 8.649   7.183   3.612   1.00 12.16 ? 710  LEU A C     1 
ATOM   906  O O     . LEU A 1 117 ? 8.687   6.365   4.525   1.00 13.15 ? 710  LEU A O     1 
ATOM   907  C CB    . LEU A 1 117 ? 7.379   9.285   4.170   1.00 13.98 ? 710  LEU A CB    1 
ATOM   908  C CG    . LEU A 1 117 ? 6.307   10.305  3.781   1.00 17.54 ? 710  LEU A CG    1 
ATOM   909  C CD1   . LEU A 1 117 ? 6.375   11.512  4.710   1.00 23.13 ? 710  LEU A CD1   1 
ATOM   910  C CD2   . LEU A 1 117 ? 6.456   10.725  2.326   1.00 21.21 ? 710  LEU A CD2   1 
ATOM   911  N N     . THR A 1 118 ? 9.684   7.432   2.812   1.00 12.57 ? 711  THR A N     1 
ATOM   912  C CA    . THR A 1 118 ? 10.967  6.738   2.927   1.00 13.67 ? 711  THR A CA    1 
ATOM   913  C C     . THR A 1 118 ? 11.496  6.705   4.359   1.00 16.09 ? 711  THR A C     1 
ATOM   914  O O     . THR A 1 118 ? 12.043  5.700   4.796   1.00 16.06 ? 711  THR A O     1 
ATOM   915  C CB    . THR A 1 118 ? 12.030  7.394   1.999   1.00 16.98 ? 711  THR A CB    1 
ATOM   916  O OG1   . THR A 1 118 ? 11.627  7.251   0.629   1.00 18.66 ? 711  THR A OG1   1 
ATOM   917  C CG2   . THR A 1 118 ? 13.388  6.735   2.173   1.00 18.95 ? 711  THR A CG2   1 
ATOM   918  N N     . LYS A 1 119 ? 11.322  7.800   5.092   1.00 15.64 ? 712  LYS A N     1 
ATOM   919  C CA    . LYS A 1 119 ? 11.855  7.880   6.449   1.00 20.57 ? 712  LYS A CA    1 
ATOM   920  C C     . LYS A 1 119 ? 11.294  6.763   7.326   1.00 18.40 ? 712  LYS A C     1 
ATOM   921  O O     . LYS A 1 119 ? 12.000  6.207   8.173   1.00 21.34 ? 712  LYS A O     1 
ATOM   922  C CB    . LYS A 1 119 ? 11.581  9.257   7.072   1.00 21.55 ? 712  LYS A CB    1 
ATOM   923  C CG    . LYS A 1 119 ? 10.101  9.589   7.232   1.00 24.55 ? 712  LYS A CG    1 
ATOM   924  C CD    . LYS A 1 119 ? 9.884   10.932  7.909   1.00 30.70 ? 712  LYS A CD    1 
ATOM   925  C CE    . LYS A 1 119 ? 10.274  12.087  7.002   1.00 39.01 ? 712  LYS A CE    1 
ATOM   926  N NZ    . LYS A 1 119 ? 9.945   13.406  7.628   1.00 44.88 ? 712  LYS A NZ    1 
ATOM   927  N N     . HIS A 1 120 ? 10.029  6.407   7.101   1.00 17.05 ? 713  HIS A N     1 
ATOM   928  C CA    . HIS A 1 120 ? 9.379   5.372   7.894   1.00 20.05 ? 713  HIS A CA    1 
ATOM   929  C C     . HIS A 1 120 ? 9.751   3.973   7.428   1.00 19.77 ? 713  HIS A C     1 
ATOM   930  O O     . HIS A 1 120 ? 9.707   3.017   8.196   1.00 20.40 ? 713  HIS A O     1 
ATOM   931  C CB    . HIS A 1 120 ? 7.853   5.549   7.867   1.00 18.91 ? 713  HIS A CB    1 
ATOM   932  C CG    . HIS A 1 120 ? 7.398   6.873   8.395   1.00 24.90 ? 713  HIS A CG    1 
ATOM   933  N ND1   . HIS A 1 120 ? 6.705   7.786   7.629   1.00 28.93 ? 713  HIS A ND1   1 
ATOM   934  C CD2   . HIS A 1 120 ? 7.559   7.450   9.609   1.00 27.44 ? 713  HIS A CD2   1 
ATOM   935  C CE1   . HIS A 1 120 ? 6.452   8.863   8.351   1.00 26.24 ? 713  HIS A CE1   1 
ATOM   936  N NE2   . HIS A 1 120 ? 6.963   8.687   9.556   1.00 31.03 ? 713  HIS A NE2   1 
ATOM   937  N N     . VAL A 1 121 ? 10.107  3.853   6.157   1.00 18.13 ? 714  VAL A N     1 
ATOM   938  C CA    . VAL A 1 121 ? 10.535  2.580   5.601   1.00 18.19 ? 714  VAL A CA    1 
ATOM   939  C C     . VAL A 1 121 ? 11.869  2.124   6.179   1.00 24.02 ? 714  VAL A C     1 
ATOM   940  O O     . VAL A 1 121 ? 12.072  0.945   6.460   1.00 24.05 ? 714  VAL A O     1 
ATOM   941  C CB    . VAL A 1 121 ? 10.632  2.660   4.073   1.00 18.18 ? 714  VAL A CB    1 
ATOM   942  C CG1   . VAL A 1 121 ? 11.351  1.429   3.506   1.00 18.71 ? 714  VAL A CG1   1 
ATOM   943  C CG2   . VAL A 1 121 ? 9.239   2.821   3.489   1.00 18.04 ? 714  VAL A CG2   1 
ATOM   944  N N     . PHE A 1 122 ? 12.779  3.066   6.366   1.00 22.36 ? 715  PHE A N     1 
ATOM   945  C CA    . PHE A 1 122 ? 14.045  2.754   6.990   1.00 24.96 ? 715  PHE A CA    1 
ATOM   946  C C     . PHE A 1 122 ? 13.899  2.458   8.476   1.00 29.49 ? 715  PHE A C     1 
ATOM   947  O O     . PHE A 1 122 ? 14.595  1.596   9.009   1.00 34.77 ? 715  PHE A O     1 
ATOM   948  C CB    . PHE A 1 122 ? 15.052  3.866   6.732   1.00 23.87 ? 715  PHE A CB    1 
ATOM   949  C CG    . PHE A 1 122 ? 15.666  3.784   5.372   1.00 25.69 ? 715  PHE A CG    1 
ATOM   950  C CD1   . PHE A 1 122 ? 16.670  2.866   5.116   1.00 26.29 ? 715  PHE A CD1   1 
ATOM   951  C CD2   . PHE A 1 122 ? 15.200  4.571   4.340   1.00 26.20 ? 715  PHE A CD2   1 
ATOM   952  C CE1   . PHE A 1 122 ? 17.229  2.765   3.853   1.00 27.90 ? 715  PHE A CE1   1 
ATOM   953  C CE2   . PHE A 1 122 ? 15.751  4.475   3.078   1.00 23.56 ? 715  PHE A CE2   1 
ATOM   954  C CZ    . PHE A 1 122 ? 16.764  3.570   2.834   1.00 24.05 ? 715  PHE A CZ    1 
ATOM   955  N N     . LYS A 1 123 ? 12.981  3.156   9.134   1.00 25.90 ? 716  LYS A N     1 
ATOM   956  C CA    . LYS A 1 123 ? 12.780  2.972   10.569  1.00 29.53 ? 716  LYS A CA    1 
ATOM   957  C C     . LYS A 1 123 ? 11.932  1.741   10.872  1.00 30.02 ? 716  LYS A C     1 
ATOM   958  O O     . LYS A 1 123 ? 12.287  0.928   11.718  1.00 34.78 ? 716  LYS A O     1 
ATOM   959  C CB    . LYS A 1 123 ? 12.145  4.214   11.192  1.00 30.76 ? 716  LYS A CB    1 
ATOM   960  C CG    . LYS A 1 123 ? 11.948  4.090   12.694  1.00 39.94 ? 716  LYS A CG    1 
ATOM   961  C CD    . LYS A 1 123 ? 11.334  5.355   13.282  1.00 47.13 ? 716  LYS A CD    1 
ATOM   962  C CE    . LYS A 1 123 ? 10.903  5.125   14.727  1.00 41.56 ? 716  LYS A CE    1 
ATOM   963  N NZ    . LYS A 1 123 ? 10.335  6.357   15.338  1.00 39.95 ? 716  LYS A NZ    1 
ATOM   964  N N     . MET A 1 124 ? 10.805  1.619   10.180  1.00 32.25 ? 717  MET A N     1 
ATOM   965  C CA    . MET A 1 124 ? 9.917   0.473   10.338  1.00 28.33 ? 717  MET A CA    1 
ATOM   966  C C     . MET A 1 124 ? 9.586   0.138   11.782  1.00 31.20 ? 717  MET A C     1 
ATOM   967  O O     . MET A 1 124 ? 9.755   -1.004  12.218  1.00 35.35 ? 717  MET A O     1 
ATOM   968  C CB    . MET A 1 124 ? 10.519  -0.750  9.672   1.00 29.26 ? 717  MET A CB    1 
ATOM   969  C CG    . MET A 1 124 ? 9.949   -1.012  8.323   1.00 28.11 ? 717  MET A CG    1 
ATOM   970  S SD    . MET A 1 124 ? 10.479  -2.607  7.764   1.00 28.90 ? 717  MET A SD    1 
ATOM   971  C CE    . MET A 1 124 ? 12.001  -2.154  6.938   1.00 29.05 ? 717  MET A CE    1 
ATOM   972  N N     . SER A 1 125 ? 9.097   1.121   12.524  1.00 24.34 ? 718  SER A N     1 
ATOM   973  C CA    . SER A 1 125 ? 8.754   0.887   13.914  1.00 23.21 ? 718  SER A CA    1 
ATOM   974  C C     . SER A 1 125 ? 7.378   0.239   14.021  1.00 21.33 ? 718  SER A C     1 
ATOM   975  O O     . SER A 1 125 ? 6.533   0.399   13.139  1.00 18.33 ? 718  SER A O     1 
ATOM   976  C CB    . SER A 1 125 ? 8.796   2.186   14.714  1.00 28.41 ? 718  SER A CB    1 
ATOM   977  O OG    . SER A 1 125 ? 7.654   2.975   14.460  1.00 25.14 ? 718  SER A OG    1 
ATOM   978  N N     . LYS A 1 126 ? 7.161   -0.502  15.101  1.00 21.79 ? 719  LYS A N     1 
ATOM   979  C CA    . LYS A 1 126 ? 5.887   -1.177  15.305  1.00 21.48 ? 719  LYS A CA    1 
ATOM   980  C C     . LYS A 1 126 ? 4.740   -0.169  15.451  1.00 19.14 ? 719  LYS A C     1 
ATOM   981  O O     . LYS A 1 126 ? 3.626   -0.423  14.993  1.00 17.05 ? 719  LYS A O     1 
ATOM   982  C CB    . LYS A 1 126 ? 5.953   -2.096  16.526  1.00 25.64 ? 719  LYS A CB    1 
ATOM   983  C CG    . LYS A 1 126 ? 6.639   -3.438  16.283  1.00 33.16 ? 719  LYS A CG    1 
ATOM   984  C CD    . LYS A 1 126 ? 5.779   -4.359  15.427  1.00 36.17 ? 719  LYS A CD    1 
ATOM   985  C CE    . LYS A 1 126 ? 5.927   -5.821  15.844  1.00 35.89 ? 719  LYS A CE    1 
ATOM   986  N NZ    . LYS A 1 126 ? 7.256   -6.398  15.483  1.00 39.24 ? 719  LYS A NZ    1 
ATOM   987  N N     . GLN A 1 127 ? 5.007   0.966   16.098  1.00 16.53 ? 720  GLN A N     1 
ATOM   988  C CA    . GLN A 1 127 ? 3.966   1.971   16.286  1.00 19.90 ? 720  GLN A CA    1 
ATOM   989  C C     . GLN A 1 127 ? 3.525   2.566   14.955  1.00 14.86 ? 720  GLN A C     1 
ATOM   990  O O     . GLN A 1 127 ? 2.334   2.757   14.717  1.00 13.20 ? 720  GLN A O     1 
ATOM   991  C CB    . GLN A 1 127 ? 4.411   3.083   17.237  1.00 20.04 ? 720  GLN A CB    1 
ATOM   992  C CG    . GLN A 1 127 ? 3.304   4.102   17.523  1.00 21.39 ? 720  GLN A CG    1 
ATOM   993  C CD    . GLN A 1 127 ? 2.059   3.451   18.102  1.00 24.75 ? 720  GLN A CD    1 
ATOM   994  O OE1   . GLN A 1 127 ? 2.000   3.152   19.296  1.00 27.31 ? 720  GLN A OE1   1 
ATOM   995  N NE2   . GLN A 1 127 ? 1.054   3.219   17.251  1.00 20.85 ? 720  GLN A NE2   1 
ATOM   996  N N     . TYR A 1 128 ? 4.486   2.846   14.083  1.00 14.90 ? 721  TYR A N     1 
ATOM   997  C CA    . TYR A 1 128 ? 4.154   3.315   12.744  1.00 15.50 ? 721  TYR A CA    1 
ATOM   998  C C     . TYR A 1 128 ? 3.318   2.282   12.004  1.00 12.98 ? 721  TYR A C     1 
ATOM   999  O O     . TYR A 1 128 ? 2.289   2.611   11.410  1.00 11.88 ? 721  TYR A O     1 
ATOM   1000 C CB    . TYR A 1 128 ? 5.415   3.623   11.943  1.00 14.62 ? 721  TYR A CB    1 
ATOM   1001 C CG    . TYR A 1 128 ? 5.129   3.978   10.494  1.00 14.30 ? 721  TYR A CG    1 
ATOM   1002 C CD1   . TYR A 1 128 ? 4.663   5.241   10.149  1.00 17.30 ? 721  TYR A CD1   1 
ATOM   1003 C CD2   . TYR A 1 128 ? 5.326   3.052   9.477   1.00 16.06 ? 721  TYR A CD2   1 
ATOM   1004 C CE1   . TYR A 1 128 ? 4.395   5.573   8.826   1.00 18.14 ? 721  TYR A CE1   1 
ATOM   1005 C CE2   . TYR A 1 128 ? 5.065   3.374   8.153   1.00 15.56 ? 721  TYR A CE2   1 
ATOM   1006 C CZ    . TYR A 1 128 ? 4.604   4.635   7.839   1.00 16.50 ? 721  TYR A CZ    1 
ATOM   1007 O OH    . TYR A 1 128 ? 4.343   4.952   6.523   1.00 19.76 ? 721  TYR A OH    1 
ATOM   1008 N N     . MET A 1 129 ? 3.778   1.037   12.019  1.00 13.25 ? 722  MET A N     1 
ATOM   1009 C CA    . MET A 1 129 ? 3.084   -0.028  11.305  1.00 12.42 ? 722  MET A CA    1 
ATOM   1010 C C     . MET A 1 129 ? 1.657   -0.162  11.813  1.00 13.05 ? 722  MET A C     1 
ATOM   1011 O O     . MET A 1 129 ? 0.723   -0.344  11.032  1.00 10.79 ? 722  MET A O     1 
ATOM   1012 C CB    . MET A 1 129 ? 3.824   -1.355  11.473  1.00 13.63 ? 722  MET A CB    1 
ATOM   1013 C CG    . MET A 1 129 ? 5.191   -1.374  10.827  1.00 20.42 ? 722  MET A CG    1 
ATOM   1014 S SD    . MET A 1 129 ? 5.048   -1.382  9.029   1.00 23.69 ? 722  MET A SD    1 
ATOM   1015 C CE    . MET A 1 129 ? 6.757   -1.120  8.568   1.00 22.58 ? 722  MET A CE    1 
ATOM   1016 N N     . ALA A 1 130 ? 1.487   -0.065  13.124  1.00 10.79 ? 723  ALA A N     1 
ATOM   1017 C CA    . ALA A 1 130 ? 0.148   -0.176  13.698  1.00 11.28 ? 723  ALA A CA    1 
ATOM   1018 C C     . ALA A 1 130 ? -0.755  0.956   13.218  1.00 11.32 ? 723  ALA A C     1 
ATOM   1019 O O     . ALA A 1 130 ? -1.923  0.730   12.909  1.00 10.48 ? 723  ALA A O     1 
ATOM   1020 C CB    . ALA A 1 130 ? 0.213   -0.215  15.226  1.00 12.02 ? 723  ALA A CB    1 
ATOM   1021 N N     . ASN A 1 131 ? -0.217  2.171   13.159  1.00 12.06 ? 724  ASN A N     1 
ATOM   1022 C CA    . ASN A 1 131 ? -0.973  3.306   12.639  1.00 9.96  ? 724  ASN A CA    1 
ATOM   1023 C C     . ASN A 1 131 ? -1.362  3.143   11.169  1.00 11.18 ? 724  ASN A C     1 
ATOM   1024 O O     . ASN A 1 131 ? -2.493  3.465   10.775  1.00 9.68  ? 724  ASN A O     1 
ATOM   1025 C CB    . ASN A 1 131 ? -0.167  4.595   12.785  1.00 10.96 ? 724  ASN A CB    1 
ATOM   1026 C CG    . ASN A 1 131 ? -0.166  5.126   14.201  1.00 15.30 ? 724  ASN A CG    1 
ATOM   1027 O OD1   . ASN A 1 131 ? -0.948  4.684   15.043  1.00 15.33 ? 724  ASN A OD1   1 
ATOM   1028 N ND2   . ASN A 1 131 ? 0.727   6.089   14.473  1.00 15.54 ? 724  ASN A ND2   1 
ATOM   1029 N N     . VAL A 1 132 ? -0.422  2.671   10.347  1.00 10.21 ? 725  VAL A N     1 
ATOM   1030 C CA    . VAL A 1 132 ? -0.717  2.517   8.924   1.00 11.82 ? 725  VAL A CA    1 
ATOM   1031 C C     . VAL A 1 132 ? -1.748  1.407   8.709   1.00 9.82  ? 725  VAL A C     1 
ATOM   1032 O O     . VAL A 1 132 ? -2.628  1.515   7.848   1.00 10.16 ? 725  VAL A O     1 
ATOM   1033 C CB    . VAL A 1 132 ? 0.544   2.245   8.098   1.00 11.01 ? 725  VAL A CB    1 
ATOM   1034 C CG1   . VAL A 1 132 ? 0.175   2.004   6.620   1.00 11.86 ? 725  VAL A CG1   1 
ATOM   1035 C CG2   . VAL A 1 132 ? 1.495   3.431   8.208   1.00 17.45 ? 725  VAL A CG2   1 
ATOM   1036 N N     . ALA A 1 133 ? -1.645  0.348   9.502   1.00 10.05 ? 726  ALA A N     1 
ATOM   1037 C CA    . ALA A 1 133 ? -2.641  -0.720  9.459   1.00 9.21  ? 726  ALA A CA    1 
ATOM   1038 C C     . ALA A 1 133 ? -4.030  -0.164  9.757   1.00 9.11  ? 726  ALA A C     1 
ATOM   1039 O O     . ALA A 1 133 ? -4.998  -0.529  9.107   1.00 8.88  ? 726  ALA A O     1 
ATOM   1040 C CB    . ALA A 1 133 ? -2.298  -1.839  10.432  1.00 8.25  ? 726  ALA A CB    1 
ATOM   1041 N N     . LEU A 1 134 ? -4.131  0.717   10.751  1.00 9.78  ? 727  LEU A N     1 
ATOM   1042 C CA    . LEU A 1 134 ? -5.423  1.316   11.056  1.00 10.30 ? 727  LEU A CA    1 
ATOM   1043 C C     . LEU A 1 134 ? -5.989  2.095   9.866   1.00 10.58 ? 727  LEU A C     1 
ATOM   1044 O O     . LEU A 1 134 ? -7.194  2.023   9.579   1.00 10.36 ? 727  LEU A O     1 
ATOM   1045 C CB    . LEU A 1 134 ? -5.320  2.224   12.289  1.00 10.41 ? 727  LEU A CB    1 
ATOM   1046 C CG    . LEU A 1 134 ? -5.145  1.555   13.656  1.00 12.02 ? 727  LEU A CG    1 
ATOM   1047 C CD1   . LEU A 1 134 ? -4.797  2.633   14.667  1.00 13.09 ? 727  LEU A CD1   1 
ATOM   1048 C CD2   . LEU A 1 134 ? -6.402  0.836   14.100  1.00 10.84 ? 727  LEU A CD2   1 
ATOM   1049 N N     . LYS A 1 135 ? -5.128  2.837   9.171   1.00 10.64 ? 728  LYS A N     1 
ATOM   1050 C CA    . LYS A 1 135 ? -5.570  3.618   8.015   1.00 11.99 ? 728  LYS A CA    1 
ATOM   1051 C C     . LYS A 1 135 ? -6.017  2.714   6.869   1.00 12.37 ? 728  LYS A C     1 
ATOM   1052 O O     . LYS A 1 135 ? -7.044  2.969   6.232   1.00 10.57 ? 728  LYS A O     1 
ATOM   1053 C CB    . LYS A 1 135 ? -4.463  4.550   7.517   1.00 13.86 ? 728  LYS A CB    1 
ATOM   1054 C CG    . LYS A 1 135 ? -4.079  5.658   8.470   1.00 17.94 ? 728  LYS A CG    1 
ATOM   1055 C CD    . LYS A 1 135 ? -3.231  6.727   7.756   1.00 20.88 ? 728  LYS A CD    1 
ATOM   1056 C CE    . LYS A 1 135 ? -4.068  7.478   6.721   1.00 30.12 ? 728  LYS A CE    1 
ATOM   1057 N NZ    . LYS A 1 135 ? -3.388  8.707   6.193   1.00 31.22 ? 728  LYS A NZ    1 
ATOM   1058 N N     . ILE A 1 136 ? -5.228  1.685   6.586   1.00 9.36  ? 729  ILE A N     1 
ATOM   1059 C CA    . ILE A 1 136 ? -5.595  0.714   5.556   1.00 9.61  ? 729  ILE A CA    1 
ATOM   1060 C C     . ILE A 1 136 ? -6.938  0.066   5.867   1.00 9.24  ? 729  ILE A C     1 
ATOM   1061 O O     . ILE A 1 136 ? -7.793  -0.066  4.989   1.00 10.80 ? 729  ILE A O     1 
ATOM   1062 C CB    . ILE A 1 136 ? -4.496  -0.362  5.369   1.00 8.88  ? 729  ILE A CB    1 
ATOM   1063 C CG1   . ILE A 1 136 ? -3.262  0.271   4.706   1.00 8.97  ? 729  ILE A CG1   1 
ATOM   1064 C CG2   . ILE A 1 136 ? -5.013  -1.517  4.510   1.00 10.65 ? 729  ILE A CG2   1 
ATOM   1065 C CD1   . ILE A 1 136 ? -2.008  -0.613  4.762   1.00 9.76  ? 729  ILE A CD1   1 
ATOM   1066 N N     . ASN A 1 137 ? -7.130  -0.339  7.114   1.00 8.05  ? 730  ASN A N     1 
ATOM   1067 C CA    . ASN A 1 137 ? -8.370  -1.002  7.487   1.00 8.82  ? 730  ASN A CA    1 
ATOM   1068 C C     . ASN A 1 137 ? -9.595  -0.171  7.109   1.00 9.96  ? 730  ASN A C     1 
ATOM   1069 O O     . ASN A 1 137 ? -10.528 -0.676  6.486   1.00 10.88 ? 730  ASN A O     1 
ATOM   1070 C CB    . ASN A 1 137 ? -8.381  -1.314  8.981   1.00 9.20  ? 730  ASN A CB    1 
ATOM   1071 C CG    . ASN A 1 137 ? -9.477  -2.279  9.350   1.00 9.91  ? 730  ASN A CG    1 
ATOM   1072 O OD1   . ASN A 1 137 ? -9.669  -3.298  8.669   1.00 9.65  ? 730  ASN A OD1   1 
ATOM   1073 N ND2   . ASN A 1 137 ? -10.210 -1.969  10.416  1.00 9.96  ? 730  ASN A ND2   1 
ATOM   1074 N N     . VAL A 1 138 ? -9.585  1.105   7.479   1.00 9.97  ? 731  VAL A N     1 
ATOM   1075 C CA    . VAL A 1 138 ? -10.695 2.000   7.154   1.00 13.80 ? 731  VAL A CA    1 
ATOM   1076 C C     . VAL A 1 138 ? -10.904 2.101   5.637   1.00 13.78 ? 731  VAL A C     1 
ATOM   1077 O O     . VAL A 1 138 ? -12.037 2.072   5.142   1.00 11.98 ? 731  VAL A O     1 
ATOM   1078 C CB    . VAL A 1 138 ? -10.446 3.400   7.736   1.00 16.36 ? 731  VAL A CB    1 
ATOM   1079 C CG1   . VAL A 1 138 ? -11.259 4.455   6.984   1.00 22.34 ? 731  VAL A CG1   1 
ATOM   1080 C CG2   . VAL A 1 138 ? -10.773 3.406   9.227   1.00 21.30 ? 731  VAL A CG2   1 
ATOM   1081 N N     . LYS A 1 139 ? -9.804  2.231   4.905   1.00 13.66 ? 732  LYS A N     1 
ATOM   1082 C CA    . LYS A 1 139 ? -9.889  2.390   3.456   1.00 10.15 ? 732  LYS A CA    1 
ATOM   1083 C C     . LYS A 1 139 ? -10.512 1.190   2.755   1.00 11.59 ? 732  LYS A C     1 
ATOM   1084 O O     . LYS A 1 139 ? -11.153 1.350   1.715   1.00 12.90 ? 732  LYS A O     1 
ATOM   1085 C CB    . LYS A 1 139 ? -8.509  2.665   2.866   1.00 10.58 ? 732  LYS A CB    1 
ATOM   1086 C CG    . LYS A 1 139 ? -7.988  4.072   3.155   1.00 12.71 ? 732  LYS A CG    1 
ATOM   1087 C CD    . LYS A 1 139 ? -6.519  4.173   2.775   1.00 13.84 ? 732  LYS A CD    1 
ATOM   1088 C CE    . LYS A 1 139 ? -6.042  5.606   2.907   1.00 13.73 ? 732  LYS A CE    1 
ATOM   1089 N NZ    . LYS A 1 139 ? -4.575  5.720   2.652   1.00 15.60 ? 732  LYS A NZ    1 
ATOM   1090 N N     . VAL A 1 140 ? -10.314 -0.013  3.290   1.00 10.18 ? 733  VAL A N     1 
ATOM   1091 C CA    . VAL A 1 140 ? -10.858 -1.195  2.615   1.00 11.97 ? 733  VAL A CA    1 
ATOM   1092 C C     . VAL A 1 140 ? -12.216 -1.637  3.173   1.00 14.82 ? 733  VAL A C     1 
ATOM   1093 O O     . VAL A 1 140 ? -12.772 -2.655  2.749   1.00 17.34 ? 733  VAL A O     1 
ATOM   1094 C CB    . VAL A 1 140 ? -9.857  -2.380  2.548   1.00 12.61 ? 733  VAL A CB    1 
ATOM   1095 C CG1   . VAL A 1 140 ? -8.614  -1.977  1.759   1.00 13.64 ? 733  VAL A CG1   1 
ATOM   1096 C CG2   . VAL A 1 140 ? -9.496  -2.883  3.949   1.00 12.81 ? 733  VAL A CG2   1 
ATOM   1097 N N     . GLY A 1 141 ? -12.760 -0.853  4.097   1.00 13.67 ? 734  GLY A N     1 
ATOM   1098 C CA    . GLY A 1 141 ? -14.118 -1.093  4.569   1.00 16.09 ? 734  GLY A CA    1 
ATOM   1099 C C     . GLY A 1 141 ? -14.232 -1.645  5.972   1.00 16.58 ? 734  GLY A C     1 
ATOM   1100 O O     . GLY A 1 141 ? -15.341 -1.926  6.448   1.00 18.43 ? 734  GLY A O     1 
ATOM   1101 N N     . GLY A 1 142 ? -13.097 -1.801  6.644   1.00 11.40 ? 735  GLY A N     1 
ATOM   1102 C CA    . GLY A 1 142 ? -13.107 -2.182  8.044   1.00 10.19 ? 735  GLY A CA    1 
ATOM   1103 C C     . GLY A 1 142 ? -13.559 -1.029  8.931   1.00 11.38 ? 735  GLY A C     1 
ATOM   1104 O O     . GLY A 1 142 ? -13.876 0.057   8.443   1.00 13.88 ? 735  GLY A O     1 
ATOM   1105 N N     . ARG A 1 143 ? -13.553 -1.262  10.238  1.00 11.11 ? 736  ARG A N     1 
ATOM   1106 C CA    . ARG A 1 143 ? -14.000 -0.274  11.208  1.00 10.42 ? 736  ARG A CA    1 
ATOM   1107 C C     . ARG A 1 143 ? -13.037 -0.280  12.395  1.00 11.59 ? 736  ARG A C     1 
ATOM   1108 O O     . ARG A 1 143 ? -12.647 -1.346  12.860  1.00 10.44 ? 736  ARG A O     1 
ATOM   1109 C CB    . ARG A 1 143 ? -15.425 -0.611  11.675  1.00 11.12 ? 736  ARG A CB    1 
ATOM   1110 C CG    . ARG A 1 143 ? -16.030 0.406   12.627  1.00 12.66 ? 736  ARG A CG    1 
ATOM   1111 C CD    . ARG A 1 143 ? -17.337 -0.110  13.242  1.00 15.51 ? 736  ARG A CD    1 
ATOM   1112 N NE    . ARG A 1 143 ? -18.355 -0.387  12.237  1.00 21.63 ? 736  ARG A NE    1 
ATOM   1113 C CZ    . ARG A 1 143 ? -19.488 -1.040  12.484  1.00 22.53 ? 736  ARG A CZ    1 
ATOM   1114 N NH1   . ARG A 1 143 ? -19.736 -1.492  13.701  1.00 19.59 ? 736  ARG A NH1   1 
ATOM   1115 N NH2   . ARG A 1 143 ? -20.365 -1.253  11.512  1.00 21.43 ? 736  ARG A NH2   1 
ATOM   1116 N N     . ASN A 1 144 ? -12.660 0.907   12.880  1.00 10.04 ? 737  ASN A N     1 
ATOM   1117 C CA    . ASN A 1 144 ? -11.770 1.025   14.038  1.00 9.42  ? 737  ASN A CA    1 
ATOM   1118 C C     . ASN A 1 144 ? -12.503 1.650   15.217  1.00 9.44  ? 737  ASN A C     1 
ATOM   1119 O O     . ASN A 1 144 ? -13.539 2.281   15.034  1.00 11.25 ? 737  ASN A O     1 
ATOM   1120 C CB    . ASN A 1 144 ? -10.569 1.920   13.713  1.00 11.43 ? 737  ASN A CB    1 
ATOM   1121 C CG    . ASN A 1 144 ? -9.714  1.358   12.602  1.00 11.27 ? 737  ASN A CG    1 
ATOM   1122 O OD1   . ASN A 1 144 ? -9.648  0.142   12.413  1.00 10.15 ? 737  ASN A OD1   1 
ATOM   1123 N ND2   . ASN A 1 144 ? -9.050  2.245   11.855  1.00 11.04 ? 737  ASN A ND2   1 
ATOM   1124 N N     . THR A 1 145 ? -11.961 1.480   16.420  1.00 11.33 ? 738  THR A N     1 
ATOM   1125 C CA    . THR A 1 145 ? -12.526 2.118   17.602  1.00 10.44 ? 738  THR A CA    1 
ATOM   1126 C C     . THR A 1 145 ? -12.265 3.615   17.558  1.00 11.43 ? 738  THR A C     1 
ATOM   1127 O O     . THR A 1 145 ? -11.445 4.097   16.782  1.00 12.54 ? 738  THR A O     1 
ATOM   1128 C CB    . THR A 1 145 ? -11.896 1.583   18.897  1.00 9.81  ? 738  THR A CB    1 
ATOM   1129 O OG1   . THR A 1 145 ? -10.511 1.941   18.916  1.00 11.43 ? 738  THR A OG1   1 
ATOM   1130 C CG2   . THR A 1 145 ? -12.038 0.057   18.999  1.00 12.77 ? 738  THR A CG2   1 
ATOM   1131 N N     . VAL A 1 146 ? -12.976 4.348   18.406  1.00 11.23 ? 739  VAL A N     1 
ATOM   1132 C CA    . VAL A 1 146 ? -12.710 5.766   18.613  1.00 13.13 ? 739  VAL A CA    1 
ATOM   1133 C C     . VAL A 1 146 ? -12.226 5.965   20.043  1.00 14.85 ? 739  VAL A C     1 
ATOM   1134 O O     . VAL A 1 146 ? -12.547 5.166   20.930  1.00 15.60 ? 739  VAL A O     1 
ATOM   1135 C CB    . VAL A 1 146 ? -13.956 6.649   18.350  1.00 16.65 ? 739  VAL A CB    1 
ATOM   1136 C CG1   . VAL A 1 146 ? -14.321 6.630   16.869  1.00 15.74 ? 739  VAL A CG1   1 
ATOM   1137 C CG2   . VAL A 1 146 ? -15.113 6.191   19.190  1.00 16.97 ? 739  VAL A CG2   1 
ATOM   1138 N N     . LEU A 1 147 ? -11.443 7.021   20.254  1.00 12.60 ? 740  LEU A N     1 
ATOM   1139 C CA    . LEU A 1 147 ? -10.840 7.289   21.554  1.00 13.68 ? 740  LEU A CA    1 
ATOM   1140 C C     . LEU A 1 147 ? -11.854 7.889   22.526  1.00 20.92 ? 740  LEU A C     1 
ATOM   1141 O O     . LEU A 1 147 ? -11.605 7.950   23.727  1.00 19.12 ? 740  LEU A O     1 
ATOM   1142 C CB    . LEU A 1 147 ? -9.651  8.237   21.397  1.00 13.69 ? 740  LEU A CB    1 
ATOM   1143 C CG    . LEU A 1 147 ? -8.476  7.652   20.606  1.00 16.97 ? 740  LEU A CG    1 
ATOM   1144 C CD1   . LEU A 1 147 ? -7.324  8.640   20.522  1.00 17.50 ? 740  LEU A CD1   1 
ATOM   1145 C CD2   . LEU A 1 147 ? -8.031  6.337   21.246  1.00 18.15 ? 740  LEU A CD2   1 
ATOM   1146 O OXT   . LEU A 1 147 ? -12.938 8.328   22.137  1.00 16.07 ? 740  LEU A OXT   1 
HETATM 1147 P P     . AMP B 2 .   ? -2.165  8.212   2.546   0.88 20.41 ? 801  AMP A P     1 
HETATM 1148 O O1P   . AMP B 2 .   ? -3.022  7.735   3.783   0.78 23.08 ? 801  AMP A O1P   1 
HETATM 1149 O O2P   . AMP B 2 .   ? -2.939  9.546   2.202   0.84 23.33 ? 801  AMP A O2P   1 
HETATM 1150 O O3P   . AMP B 2 .   ? -2.114  7.253   1.433   1.00 12.40 ? 801  AMP A O3P   1 
HETATM 1151 O "O5'" . AMP B 2 .   ? -0.704  8.709   3.036   0.75 19.91 ? 801  AMP A "O5'" 1 
HETATM 1152 C "C5'" . AMP B 2 .   ? -0.362  9.199   4.316   0.86 27.93 ? 801  AMP A "C5'" 1 
HETATM 1153 C "C4'" . AMP B 2 .   ? 1.091   9.754   4.236   0.55 26.81 ? 801  AMP A "C4'" 1 
HETATM 1154 O "O4'" . AMP B 2 .   ? 1.393   10.519  3.076   0.76 28.24 ? 801  AMP A "O4'" 1 
HETATM 1155 C "C3'" . AMP B 2 .   ? 1.449   10.703  5.441   0.84 33.41 ? 801  AMP A "C3'" 1 
HETATM 1156 O "O3'" . AMP B 2 .   ? 2.145   9.973   6.391   0.51 37.44 ? 801  AMP A "O3'" 1 
HETATM 1157 C "C2'" . AMP B 2 .   ? 2.323   11.848  4.813   0.73 32.43 ? 801  AMP A "C2'" 1 
HETATM 1158 O "O2'" . AMP B 2 .   ? 3.471   12.217  5.480   0.29 35.10 ? 801  AMP A "O2'" 1 
HETATM 1159 C "C1'" . AMP B 2 .   ? 2.557   11.319  3.342   0.72 27.87 ? 801  AMP A "C1'" 1 
HETATM 1160 N N9    . AMP B 2 .   ? 2.646   12.351  2.311   0.71 27.19 ? 801  AMP A N9    1 
HETATM 1161 C C8    . AMP B 2 .   ? 3.648   12.587  1.323   0.91 25.44 ? 801  AMP A C8    1 
HETATM 1162 N N7    . AMP B 2 .   ? 3.399   13.643  0.551   0.71 25.23 ? 801  AMP A N7    1 
HETATM 1163 C C5    . AMP B 2 .   ? 2.180   14.158  1.028   0.54 25.69 ? 801  AMP A C5    1 
HETATM 1164 C C6    . AMP B 2 .   ? 1.410   15.277  0.606   0.95 27.45 ? 801  AMP A C6    1 
HETATM 1165 N N6    . AMP B 2 .   ? 1.800   16.084  -0.419  0.78 30.47 ? 801  AMP A N6    1 
HETATM 1166 N N1    . AMP B 2 .   ? 0.229   15.560  1.260   0.50 28.25 ? 801  AMP A N1    1 
HETATM 1167 C C2    . AMP B 2 .   ? -0.122  14.728  2.283   0.85 28.06 ? 801  AMP A C2    1 
HETATM 1168 N N3    . AMP B 2 .   ? 0.512   13.634  2.789   1.00 29.36 ? 801  AMP A N3    1 
HETATM 1169 C C4    . AMP B 2 .   ? 1.688   13.378  2.116   0.50 25.56 ? 801  AMP A C4    1 
HETATM 1170 O O     . HOH C 3 .   ? 14.862  0.130   -6.331  1.00 11.55 ? 901  HOH A O     1 
HETATM 1171 O O     . HOH C 3 .   ? 4.184   -4.205  -7.888  1.00 11.84 ? 902  HOH A O     1 
HETATM 1172 O O     . HOH C 3 .   ? -0.273  -10.835 6.254   1.00 14.40 ? 903  HOH A O     1 
HETATM 1173 O O     . HOH C 3 .   ? 4.553   -5.571  -4.665  1.00 10.33 ? 904  HOH A O     1 
HETATM 1174 O O     . HOH C 3 .   ? -12.867 -15.635 -10.150 1.00 13.41 ? 905  HOH A O     1 
HETATM 1175 O O     . HOH C 3 .   ? -1.625  -10.128 -3.116  1.00 12.22 ? 906  HOH A O     1 
HETATM 1176 O O     . HOH C 3 .   ? -5.822  -10.149 16.627  1.00 14.96 ? 907  HOH A O     1 
HETATM 1177 O O     . HOH C 3 .   ? 5.957   -5.709  -2.181  1.00 15.48 ? 908  HOH A O     1 
HETATM 1178 O O     . HOH C 3 .   ? -10.932 3.772   22.762  1.00 19.52 ? 909  HOH A O     1 
HETATM 1179 O O     . HOH C 3 .   ? -10.248 -1.022  -9.697  1.00 16.45 ? 910  HOH A O     1 
HETATM 1180 O O     . HOH C 3 .   ? 13.125  13.454  -0.167  1.00 29.13 ? 911  HOH A O     1 
HETATM 1181 O O     . HOH C 3 .   ? -6.664  -4.231  16.373  1.00 12.58 ? 912  HOH A O     1 
HETATM 1182 O O     . HOH C 3 .   ? -3.074  0.673   17.776  1.00 19.63 ? 913  HOH A O     1 
HETATM 1183 O O     . HOH C 3 .   ? 11.429  -2.168  -6.326  1.00 18.62 ? 914  HOH A O     1 
HETATM 1184 O O     . HOH C 3 .   ? -12.624 -5.382  3.218   1.00 16.94 ? 915  HOH A O     1 
HETATM 1185 O O     . HOH C 3 .   ? -10.193 -9.859  -12.834 1.00 18.15 ? 916  HOH A O     1 
HETATM 1186 O O     . HOH C 3 .   ? -13.467 3.354   11.511  1.00 15.78 ? 917  HOH A O     1 
HETATM 1187 O O     . HOH C 3 .   ? 13.348  10.770  0.729   1.00 29.35 ? 918  HOH A O     1 
HETATM 1188 O O     . HOH C 3 .   ? -8.019  -11.114 -14.086 1.00 19.78 ? 919  HOH A O     1 
HETATM 1189 O O     . HOH C 3 .   ? -1.590  2.946   17.029  1.00 16.79 ? 920  HOH A O     1 
HETATM 1190 O O     . HOH C 3 .   ? 4.021   -10.737 6.224   1.00 23.64 ? 921  HOH A O     1 
HETATM 1191 O O     . HOH C 3 .   ? 1.257   16.448  -4.333  1.00 16.10 ? 922  HOH A O     1 
HETATM 1192 O O     . HOH C 3 .   ? -11.906 -8.807  -5.803  1.00 15.16 ? 923  HOH A O     1 
HETATM 1193 O O     . HOH C 3 .   ? -9.935  5.165   -16.370 1.00 23.02 ? 924  HOH A O     1 
HETATM 1194 O O     . HOH C 3 .   ? -10.072 -2.245  -1.511  1.00 16.77 ? 925  HOH A O     1 
HETATM 1195 O O     . HOH C 3 .   ? -9.152  -5.685  17.719  1.00 28.39 ? 926  HOH A O     1 
HETATM 1196 O O     . HOH C 3 .   ? 3.933   8.665   -17.325 1.00 22.82 ? 927  HOH A O     1 
HETATM 1197 O O     . HOH C 3 .   ? 20.265  6.784   2.190   1.00 32.86 ? 928  HOH A O     1 
HETATM 1198 O O     . HOH C 3 .   ? -11.618 5.549   14.420  1.00 25.33 ? 929  HOH A O     1 
HETATM 1199 O O     . HOH C 3 .   ? -5.072  14.530  -5.796  1.00 21.63 ? 930  HOH A O     1 
HETATM 1200 O O     . HOH C 3 .   ? -0.022  -16.087 -0.231  1.00 25.06 ? 931  HOH A O     1 
HETATM 1201 O O     . HOH C 3 .   ? 3.381   10.581  -15.499 1.00 22.20 ? 932  HOH A O     1 
HETATM 1202 O O     . HOH C 3 .   ? -14.493 4.672   13.631  1.00 19.74 ? 933  HOH A O     1 
HETATM 1203 O O     . HOH C 3 .   ? 7.402   -10.134 -3.544  1.00 26.99 ? 934  HOH A O     1 
HETATM 1204 O O     . HOH C 3 .   ? 4.911   -5.669  11.871  1.00 22.36 ? 935  HOH A O     1 
HETATM 1205 O O     . HOH C 3 .   ? 14.294  7.253   9.092   1.00 26.98 ? 936  HOH A O     1 
HETATM 1206 O O     . HOH C 3 .   ? -14.253 -9.126  -7.171  1.00 21.91 ? 937  HOH A O     1 
HETATM 1207 O O     . HOH C 3 .   ? -11.769 -6.614  -4.400  1.00 21.75 ? 938  HOH A O     1 
HETATM 1208 O O     . HOH C 3 .   ? -4.722  -13.966 -6.426  1.00 28.40 ? 939  HOH A O     1 
HETATM 1209 O O     . HOH C 3 .   ? -10.225 -0.543  22.839  1.00 26.63 ? 940  HOH A O     1 
HETATM 1210 O O     . HOH C 3 .   ? -6.482  5.924   -3.716  1.00 12.31 ? 941  HOH A O     1 
HETATM 1211 O O     . HOH C 3 .   ? 6.036   16.316  -0.143  1.00 28.88 ? 942  HOH A O     1 
HETATM 1212 O O     . HOH C 3 .   ? -7.624  5.802   6.518   1.00 23.46 ? 943  HOH A O     1 
HETATM 1213 O O     . HOH C 3 .   ? -11.868 8.900   15.378  1.00 28.76 ? 944  HOH A O     1 
HETATM 1214 O O     . HOH C 3 .   ? -1.461  0.300   20.012  1.00 29.08 ? 945  HOH A O     1 
HETATM 1215 O O     . HOH C 3 .   ? -10.146 5.573   24.794  1.00 24.68 ? 946  HOH A O     1 
HETATM 1216 O O     . HOH C 3 .   ? -9.597  1.691   21.568  1.00 15.67 ? 947  HOH A O     1 
HETATM 1217 O O     . HOH C 3 .   ? -7.036  -14.100 -7.871  1.00 22.33 ? 948  HOH A O     1 
HETATM 1218 O O     . HOH C 3 .   ? -10.335 -13.604 -18.000 1.00 26.75 ? 949  HOH A O     1 
HETATM 1219 O O     . HOH C 3 .   ? 13.450  11.283  -10.772 1.00 30.93 ? 950  HOH A O     1 
HETATM 1220 O O     . HOH C 3 .   ? -6.115  -6.410  -16.872 1.00 29.56 ? 951  HOH A O     1 
HETATM 1221 O O     . HOH C 3 .   ? -13.251 -8.402  5.876   1.00 21.66 ? 952  HOH A O     1 
HETATM 1222 O O     . HOH C 3 .   ? -8.550  -15.594 -6.143  1.00 25.72 ? 953  HOH A O     1 
HETATM 1223 O O     . HOH C 3 .   ? 19.680  4.005   0.488   1.00 23.76 ? 954  HOH A O     1 
HETATM 1224 O O     . HOH C 3 .   ? -11.076 8.864   17.927  1.00 14.74 ? 955  HOH A O     1 
HETATM 1225 O O     . HOH C 3 .   ? 7.199   1.229   17.995  1.00 24.37 ? 956  HOH A O     1 
HETATM 1226 O O     . HOH C 3 .   ? -3.254  -1.719  13.949  1.00 19.16 ? 957  HOH A O     1 
HETATM 1227 O O     . HOH C 3 .   ? -9.071  -1.073  -4.454  1.00 14.70 ? 958  HOH A O     1 
HETATM 1228 O O     . HOH C 3 .   ? 9.830   1.106   -13.584 1.00 23.37 ? 959  HOH A O     1 
HETATM 1229 O O     . HOH C 3 .   ? 4.902   -11.368 4.042   1.00 25.40 ? 960  HOH A O     1 
HETATM 1230 O O     . HOH C 3 .   ? -15.687 -4.656  7.688   1.00 31.76 ? 961  HOH A O     1 
HETATM 1231 O O     . HOH C 3 .   ? -15.259 -11.500 -5.438  1.00 23.82 ? 962  HOH A O     1 
HETATM 1232 O O     . HOH C 3 .   ? -12.561 2.597   24.782  1.00 22.42 ? 963  HOH A O     1 
HETATM 1233 O O     . HOH C 3 .   ? -9.229  7.418   2.158   1.00 25.99 ? 964  HOH A O     1 
HETATM 1234 O O     . HOH C 3 .   ? -12.831 5.124   2.768   1.00 30.70 ? 965  HOH A O     1 
HETATM 1235 O O     . HOH C 3 .   ? -11.839 3.851   0.647   1.00 16.81 ? 966  HOH A O     1 
HETATM 1236 O O     . HOH C 3 .   ? -12.041 -3.593  -5.758  1.00 34.68 ? 967  HOH A O     1 
HETATM 1237 O O     . HOH C 3 .   ? -0.895  -14.492 -3.679  1.00 30.94 ? 968  HOH A O     1 
HETATM 1238 O O     . HOH C 3 .   ? -2.028  -12.282 -4.791  1.00 25.20 ? 969  HOH A O     1 
HETATM 1239 O O     . HOH C 3 .   ? -18.699 -5.764  14.820  1.00 23.53 ? 970  HOH A O     1 
HETATM 1240 O O     . HOH C 3 .   ? -9.048  -9.420  -4.063  1.00 18.98 ? 971  HOH A O     1 
HETATM 1241 O O     . HOH C 3 .   ? 20.062  8.942   -2.740  1.00 28.44 ? 972  HOH A O     1 
HETATM 1242 O O     . HOH C 3 .   ? 11.563  13.690  -5.008  1.00 40.85 ? 973  HOH A O     1 
HETATM 1243 O O     . HOH C 3 .   ? 8.344   13.871  -6.994  1.00 24.38 ? 974  HOH A O     1 
HETATM 1244 O O     . HOH C 3 .   ? 7.708   18.574  -1.847  1.00 34.81 ? 975  HOH A O     1 
HETATM 1245 O O     . HOH C 3 .   ? 0.469   7.550   7.379   1.00 30.74 ? 976  HOH A O     1 
HETATM 1246 O O     . HOH C 3 .   ? 4.398   -3.825  -14.785 1.00 24.89 ? 977  HOH A O     1 
HETATM 1247 O O     . HOH C 3 .   ? -8.298  -2.539  -8.178  1.00 18.89 ? 978  HOH A O     1 
HETATM 1248 O O     . HOH C 3 .   ? 9.164   -0.543  17.076  1.00 29.36 ? 979  HOH A O     1 
HETATM 1249 O O     . HOH C 3 .   ? -14.456 -4.409  -7.214  1.00 29.05 ? 980  HOH A O     1 
HETATM 1250 O O     . HOH C 3 .   ? 0.474   -13.818 -7.819  1.00 32.26 ? 981  HOH A O     1 
HETATM 1251 O O     . HOH C 3 .   ? -6.759  -5.788  18.712  1.00 28.70 ? 982  HOH A O     1 
HETATM 1252 O O     . HOH C 3 .   ? -8.949  7.240   4.840   1.00 31.24 ? 983  HOH A O     1 
HETATM 1253 O O     . HOH C 3 .   ? 19.192  -6.307  -1.487  1.00 24.25 ? 984  HOH A O     1 
HETATM 1254 O O     . HOH C 3 .   ? 6.527   -7.805  0.077   1.00 18.85 ? 985  HOH A O     1 
HETATM 1255 O O     . HOH C 3 .   ? -10.057 -3.736  -13.369 1.00 23.08 ? 986  HOH A O     1 
HETATM 1256 O O     . HOH C 3 .   ? 13.756  -5.938  -8.608  1.00 23.48 ? 987  HOH A O     1 
HETATM 1257 O O     . HOH C 3 .   ? -2.425  -15.606 -13.788 1.00 30.83 ? 988  HOH A O     1 
HETATM 1258 O O     . HOH C 3 .   ? 11.086  -6.792  -6.742  1.00 22.81 ? 989  HOH A O     1 
HETATM 1259 O O     . HOH C 3 .   ? -8.249  -10.030 15.784  1.00 27.80 ? 990  HOH A O     1 
HETATM 1260 O O     . HOH C 3 .   ? -14.372 2.075   6.538   1.00 26.02 ? 991  HOH A O     1 
HETATM 1261 O O     . HOH C 3 .   ? -8.395  -11.894 -16.636 1.00 32.50 ? 992  HOH A O     1 
HETATM 1262 O O     . HOH C 3 .   ? -8.955  5.035   12.224  1.00 26.40 ? 993  HOH A O     1 
HETATM 1263 O O     . HOH C 3 .   ? 16.589  10.539  -5.350  1.00 31.58 ? 994  HOH A O     1 
HETATM 1264 O O     . HOH C 3 .   ? 12.457  9.769   -6.458  1.00 26.25 ? 995  HOH A O     1 
HETATM 1265 O O     . HOH C 3 .   ? -22.682 -2.018  13.936  1.00 29.74 ? 996  HOH A O     1 
HETATM 1266 O O     . HOH C 3 .   ? 7.384   0.053   -14.569 1.00 31.50 ? 997  HOH A O     1 
HETATM 1267 O O     . HOH C 3 .   ? -6.328  8.870   10.045  1.00 37.14 ? 998  HOH A O     1 
HETATM 1268 O O     . HOH C 3 .   ? -8.101  -13.686 -4.389  1.00 27.63 ? 999  HOH A O     1 
HETATM 1269 O O     . HOH C 3 .   ? -11.406 7.942   6.266   1.00 40.20 ? 1000 HOH A O     1 
HETATM 1270 O O     . HOH C 3 .   ? -11.509 -2.095  -3.748  1.00 31.83 ? 1001 HOH A O     1 
HETATM 1271 O O     . HOH C 3 .   ? 7.854   -7.885  -11.646 1.00 34.36 ? 1002 HOH A O     1 
HETATM 1272 O O     . HOH C 3 .   ? -7.941  -4.574  -10.219 1.00 14.99 ? 1003 HOH A O     1 
HETATM 1273 O O     . HOH C 3 .   ? -8.692  10.095  17.072  1.00 25.48 ? 1004 HOH A O     1 
HETATM 1274 O O     . HOH C 3 .   ? 4.604   -12.872 -8.664  1.00 31.55 ? 1005 HOH A O     1 
HETATM 1275 O O     . HOH C 3 .   ? 1.445   -13.854 -4.652  1.00 31.89 ? 1006 HOH A O     1 
HETATM 1276 O O     . HOH C 3 .   ? -14.874 -5.932  4.712   1.00 31.59 ? 1007 HOH A O     1 
HETATM 1277 O O     . HOH C 3 .   ? 4.580   -11.645 -6.281  1.00 24.69 ? 1008 HOH A O     1 
HETATM 1278 O O     . HOH C 3 .   ? -7.475  13.261  -6.348  1.00 28.69 ? 1009 HOH A O     1 
HETATM 1279 O O     . HOH C 3 .   ? -12.371 -2.617  -13.517 1.00 24.36 ? 1010 HOH A O     1 
HETATM 1280 O O     . HOH C 3 .   ? -11.204 -7.586  -13.744 1.00 31.41 ? 1011 HOH A O     1 
HETATM 1281 O O     . HOH C 3 .   ? 7.341   4.257   18.942  1.00 40.56 ? 1012 HOH A O     1 
HETATM 1282 O O     . HOH C 3 .   ? 4.117   -4.736  -18.994 1.00 30.12 ? 1013 HOH A O     1 
HETATM 1283 O O     . HOH C 3 .   ? 13.899  13.447  5.206   1.00 41.74 ? 1014 HOH A O     1 
HETATM 1284 O O     . HOH C 3 .   ? 6.609   17.594  -8.402  1.00 27.55 ? 1015 HOH A O     1 
HETATM 1285 O O     . HOH C 3 .   ? -14.011 -3.678  19.843  1.00 29.79 ? 1016 HOH A O     1 
HETATM 1286 O O     . HOH C 3 .   ? 4.170   8.088   5.760   1.00 21.66 ? 1017 HOH A O     1 
HETATM 1287 O O     . HOH C 3 .   ? 4.396   11.748  8.231   1.00 33.82 ? 1018 HOH A O     1 
HETATM 1288 O O     . HOH C 3 .   ? -4.478  16.535  -8.697  1.00 42.09 ? 1019 HOH A O     1 
HETATM 1289 O O     . HOH C 3 .   ? -5.612  9.315   2.363   1.00 28.08 ? 1020 HOH A O     1 
HETATM 1290 O O     . HOH C 3 .   ? -9.841  5.512   0.057   1.00 21.69 ? 1021 HOH A O     1 
HETATM 1291 O O     . HOH C 3 .   ? -5.530  -13.347 2.953   1.00 22.82 ? 1022 HOH A O     1 
HETATM 1292 O O     . HOH C 3 .   ? -7.752  7.809   -2.040  1.00 17.93 ? 1023 HOH A O     1 
HETATM 1293 O O     . HOH C 3 .   ? -6.212  7.692   0.073   1.00 15.55 ? 1024 HOH A O     1 
HETATM 1294 O O     . HOH C 3 .   ? -7.187  4.965   -0.641  1.00 13.43 ? 1025 HOH A O     1 
HETATM 1295 O O     . HOH C 3 .   ? -1.039  -1.587  -19.957 1.00 30.64 ? 1026 HOH A O     1 
HETATM 1296 O O     . HOH C 3 .   ? -1.539  -9.105  -19.288 1.00 37.16 ? 1027 HOH A O     1 
HETATM 1297 O O     . HOH C 3 .   ? 3.734   3.954   20.935  1.00 38.36 ? 1028 HOH A O     1 
HETATM 1298 O O     . HOH C 3 .   ? -7.348  -1.346  23.931  1.00 39.01 ? 1029 HOH A O     1 
HETATM 1299 O O     . HOH C 3 .   ? -10.805 -4.957  -0.213  1.00 27.74 ? 1030 HOH A O     1 
HETATM 1300 O O     . HOH C 3 .   ? -4.645  0.156   -16.775 1.00 27.83 ? 1031 HOH A O     1 
HETATM 1301 O O     . HOH C 3 .   ? 3.433   -7.227  13.334  1.00 26.77 ? 1032 HOH A O     1 
HETATM 1302 O O     . HOH C 3 .   ? 3.017   -6.927  16.015  1.00 29.98 ? 1033 HOH A O     1 
HETATM 1303 O O     . HOH C 3 .   ? -0.040  -3.355  17.528  1.00 33.43 ? 1034 HOH A O     1 
HETATM 1304 O O     . HOH C 3 .   ? -2.218  -1.292  22.938  1.00 42.98 ? 1035 HOH A O     1 
HETATM 1305 O O     . HOH C 3 .   ? -6.131  11.596  -13.592 1.00 31.38 ? 1036 HOH A O     1 
HETATM 1306 O O     . HOH C 3 .   ? -7.904  6.435   -17.611 1.00 32.14 ? 1037 HOH A O     1 
HETATM 1307 O O     . HOH C 3 .   ? 8.499   3.304   10.751  1.00 30.99 ? 1038 HOH A O     1 
HETATM 1308 O O     . HOH C 3 .   ? -12.032 -12.347 4.005   1.00 26.13 ? 1039 HOH A O     1 
HETATM 1309 O O     . HOH C 3 .   ? 4.133   13.733  -14.252 1.00 38.48 ? 1040 HOH A O     1 
HETATM 1310 O O     . HOH C 3 .   ? 9.475   17.602  -6.900  1.00 37.43 ? 1041 HOH A O     1 
HETATM 1311 O O     . HOH C 3 .   ? -4.903  14.265  -3.070  1.00 34.00 ? 1042 HOH A O     1 
HETATM 1312 O O     . HOH C 3 .   ? -2.853  16.337  -2.688  1.00 37.10 ? 1043 HOH A O     1 
HETATM 1313 O O     . HOH C 3 .   ? -0.864  16.804  -8.171  1.00 30.30 ? 1044 HOH A O     1 
HETATM 1314 O O     . HOH C 3 .   ? -4.755  -1.908  16.141  1.00 23.60 ? 1045 HOH A O     1 
HETATM 1315 O O     . HOH C 3 .   ? 9.760   -6.163  -9.986  1.00 24.11 ? 1046 HOH A O     1 
HETATM 1316 O O     . HOH C 3 .   ? -16.825 -2.602  8.655   1.00 29.40 ? 1047 HOH A O     1 
HETATM 1317 O O     . HOH C 3 .   ? -16.786 3.171   10.193  1.00 25.20 ? 1048 HOH A O     1 
HETATM 1318 O O     . HOH C 3 .   ? 13.987  15.809  0.817   1.00 36.55 ? 1049 HOH A O     1 
HETATM 1319 O O     . HOH C 3 .   ? 14.389  9.527   -4.371  1.00 25.97 ? 1050 HOH A O     1 
HETATM 1320 O O     . HOH C 3 .   ? 13.910  9.455   -1.530  1.00 26.20 ? 1051 HOH A O     1 
HETATM 1321 O O     . HOH C 3 .   ? 15.574  -5.702  3.533   1.00 32.36 ? 1052 HOH A O     1 
HETATM 1322 O O     . HOH C 3 .   ? 14.937  -0.690  7.407   1.00 32.84 ? 1053 HOH A O     1 
HETATM 1323 O O     . HOH C 3 .   ? 16.357  10.479  3.787   1.00 44.19 ? 1054 HOH A O     1 
HETATM 1324 O O     . HOH C 3 .   ? 5.435   -12.148 8.450   1.00 31.40 ? 1055 HOH A O     1 
HETATM 1325 O O     . HOH C 3 .   ? 8.440   -10.912 10.201  1.00 33.79 ? 1056 HOH A O     1 
HETATM 1326 O O     . HOH C 3 .   ? 4.821   12.889  -10.193 1.00 25.00 ? 1057 HOH A O     1 
HETATM 1327 O O     . HOH C 3 .   ? 1.112   12.272  -16.071 1.00 43.14 ? 1058 HOH A O     1 
HETATM 1328 O O     . HOH C 3 .   ? 5.889   8.321   -18.806 1.00 30.50 ? 1059 HOH A O     1 
HETATM 1329 O O     . HOH C 3 .   ? 12.236  6.958   -18.022 1.00 40.59 ? 1060 HOH A O     1 
HETATM 1330 O O     . HOH C 3 .   ? -10.977 12.150  15.183  1.00 27.08 ? 1061 HOH A O     1 
HETATM 1331 O O     . HOH C 3 .   ? 11.270  -9.388  -8.798  1.00 34.73 ? 1062 HOH A O     1 
HETATM 1332 O O     . HOH C 3 .   ? 2.056   6.282   5.896   1.00 26.18 ? 1063 HOH A O     1 
HETATM 1333 O O     . HOH C 3 .   ? 8.664   5.750   11.716  1.00 33.60 ? 1064 HOH A O     1 
HETATM 1334 O O     . HOH C 3 .   ? 7.427   6.428   13.856  1.00 34.97 ? 1065 HOH A O     1 
# 
